data_5BPX
# 
_entry.id   5BPX 
# 
_audit_conform.dict_name       mmcif_pdbx.dic 
_audit_conform.dict_version    5.383 
_audit_conform.dict_location   http://mmcif.pdb.org/dictionaries/ascii/mmcif_pdbx.dic 
# 
loop_
_database_2.database_id 
_database_2.database_code 
_database_2.pdbx_database_accession 
_database_2.pdbx_DOI 
PDB   5BPX         pdb_00005bpx 10.2210/pdb5bpx/pdb 
WWPDB D_1000209746 ?            ?                   
# 
loop_
_pdbx_audit_revision_history.ordinal 
_pdbx_audit_revision_history.data_content_type 
_pdbx_audit_revision_history.major_revision 
_pdbx_audit_revision_history.minor_revision 
_pdbx_audit_revision_history.revision_date 
1 'Structure model' 1 0 2015-06-10 
2 'Structure model' 1 1 2015-06-17 
3 'Structure model' 1 2 2015-10-21 
4 'Structure model' 1 3 2024-01-10 
# 
_pdbx_audit_revision_details.ordinal             1 
_pdbx_audit_revision_details.revision_ordinal    1 
_pdbx_audit_revision_details.data_content_type   'Structure model' 
_pdbx_audit_revision_details.provider            repository 
_pdbx_audit_revision_details.type                'Initial release' 
_pdbx_audit_revision_details.description         ? 
_pdbx_audit_revision_details.details             ? 
# 
loop_
_pdbx_audit_revision_group.ordinal 
_pdbx_audit_revision_group.revision_ordinal 
_pdbx_audit_revision_group.data_content_type 
_pdbx_audit_revision_group.group 
1 2 'Structure model' 'Structure summary'      
2 3 'Structure model' 'Database references'    
3 4 'Structure model' 'Data collection'        
4 4 'Structure model' 'Database references'    
5 4 'Structure model' 'Refinement description' 
# 
loop_
_pdbx_audit_revision_category.ordinal 
_pdbx_audit_revision_category.revision_ordinal 
_pdbx_audit_revision_category.data_content_type 
_pdbx_audit_revision_category.category 
1 4 'Structure model' chem_comp_atom                
2 4 'Structure model' chem_comp_bond                
3 4 'Structure model' database_2                    
4 4 'Structure model' pdbx_initial_refinement_model 
# 
loop_
_pdbx_audit_revision_item.ordinal 
_pdbx_audit_revision_item.revision_ordinal 
_pdbx_audit_revision_item.data_content_type 
_pdbx_audit_revision_item.item 
1 4 'Structure model' '_database_2.pdbx_DOI'                
2 4 'Structure model' '_database_2.pdbx_database_accession' 
# 
_pdbx_database_status.status_code                     REL 
_pdbx_database_status.status_code_sf                  REL 
_pdbx_database_status.status_code_mr                  ? 
_pdbx_database_status.entry_id                        5BPX 
_pdbx_database_status.recvd_initial_deposition_date   2015-05-28 
_pdbx_database_status.SG_entry                        N 
_pdbx_database_status.deposit_site                    RCSB 
_pdbx_database_status.process_site                    PDBE 
_pdbx_database_status.status_code_cs                  ? 
_pdbx_database_status.methods_development_category    ? 
_pdbx_database_status.pdb_format_compatible           Y 
_pdbx_database_status.status_code_nmr_data            ? 
# 
_pdbx_database_related.db_name        PDB 
_pdbx_database_related.details        'This was our earlier structure at slightly lower resolution.' 
_pdbx_database_related.db_id          4p9g 
_pdbx_database_related.content_type   unspecified 
# 
loop_
_audit_author.name 
_audit_author.pdbx_ordinal 
'Guo, J.'      1 
'Erskine, P.'  2 
'Wood, S.P.'   3 
'Cooper, J.B.' 4 
# 
_citation.abstract                  ? 
_citation.abstract_id_CAS           ? 
_citation.book_id_ISBN              ? 
_citation.book_publisher            ? 
_citation.book_publisher_city       ? 
_citation.book_title                ? 
_citation.coordinate_linkage        ? 
_citation.country                   US 
_citation.database_id_Medline       ? 
_citation.details                   ? 
_citation.id                        primary 
_citation.journal_abbrev            'Acta Crystallogr.,Sect.F' 
_citation.journal_id_ASTM           ACSFEN 
_citation.journal_id_CSD            ? 
_citation.journal_id_ISSN           2053-230X 
_citation.journal_full              ? 
_citation.journal_issue             ? 
_citation.journal_volume            71 
_citation.language                  ? 
_citation.page_first                1258 
_citation.page_last                 1263 
_citation.title                     
;Extension of resolution and oligomerization-state studies of 2,4'-dihydroxyacetophenone dioxygenase from Alcaligenes sp. 4HAP.
;
_citation.year                      2015 
_citation.database_id_CSD           ? 
_citation.pdbx_database_id_DOI      10.1107/S2053230X15015873 
_citation.pdbx_database_id_PubMed   26457516 
_citation.unpublished_flag          ? 
# 
loop_
_citation_author.citation_id 
_citation_author.name 
_citation_author.ordinal 
_citation_author.identifier_ORCID 
primary 'Guo, J.'       1 ? 
primary 'Erskine, P.'   2 ? 
primary 'Coker, A.R.'   3 ? 
primary 'Gor, J.'       4 ? 
primary 'Perkins, S.J.' 5 ? 
primary 'Wood, S.P.'    6 ? 
primary 'Cooper, J.B.'  7 ? 
# 
loop_
_entity.id 
_entity.type 
_entity.src_method 
_entity.pdbx_description 
_entity.formula_weight 
_entity.pdbx_number_of_molecules 
_entity.pdbx_ec 
_entity.pdbx_mutation 
_entity.pdbx_fragment 
_entity.details 
1 polymer     man 
;2,4'-dihydroxyacetophenone dioxygenase
;
17743.848 1   1.13.11.41 ? ? 'A catalytic ferrous ion is tightly bound in the active site.' 
2 non-polymer syn 'FE (III) ION'                           55.845    1   ?          ? ? ? 
3 non-polymer syn 'ACETATE ION'                            59.044    1   ?          ? ? ? 
4 non-polymer man GLYCEROL                                 92.094    1   ?          ? ? ? 
5 water       nat water                                    18.015    143 ?          ? ? ? 
# 
_entity_poly.entity_id                      1 
_entity_poly.type                           'polypeptide(L)' 
_entity_poly.nstd_linkage                   no 
_entity_poly.nstd_monomer                   no 
_entity_poly.pdbx_seq_one_letter_code       
;LPEAYIPNAATEDERYYVPFTETVASRPLWISPQQNRWCDILLAREAGLVNRHYHPHEVFAYTISGKWGYLEHDWTATRG
DFVYETPGEGHTLVAFEHEEPMRVFFIVQGPLIWLDEAGNSIGHFDVHDYIAMCREHYEKVGLGADLVVTLFR
;
_entity_poly.pdbx_seq_one_letter_code_can   
;LPEAYIPNAATEDERYYVPFTETVASRPLWISPQQNRWCDILLAREAGLVNRHYHPHEVFAYTISGKWGYLEHDWTATRG
DFVYETPGEGHTLVAFEHEEPMRVFFIVQGPLIWLDEAGNSIGHFDVHDYIAMCREHYEKVGLGADLVVTLFR
;
_entity_poly.pdbx_strand_id                 A 
_entity_poly.pdbx_target_identifier         ? 
# 
loop_
_pdbx_entity_nonpoly.entity_id 
_pdbx_entity_nonpoly.name 
_pdbx_entity_nonpoly.comp_id 
2 'FE (III) ION' FE  
3 'ACETATE ION'  ACT 
4 GLYCEROL       GOL 
5 water          HOH 
# 
loop_
_entity_poly_seq.entity_id 
_entity_poly_seq.num 
_entity_poly_seq.mon_id 
_entity_poly_seq.hetero 
1 1   LEU n 
1 2   PRO n 
1 3   GLU n 
1 4   ALA n 
1 5   TYR n 
1 6   ILE n 
1 7   PRO n 
1 8   ASN n 
1 9   ALA n 
1 10  ALA n 
1 11  THR n 
1 12  GLU n 
1 13  ASP n 
1 14  GLU n 
1 15  ARG n 
1 16  TYR n 
1 17  TYR n 
1 18  VAL n 
1 19  PRO n 
1 20  PHE n 
1 21  THR n 
1 22  GLU n 
1 23  THR n 
1 24  VAL n 
1 25  ALA n 
1 26  SER n 
1 27  ARG n 
1 28  PRO n 
1 29  LEU n 
1 30  TRP n 
1 31  ILE n 
1 32  SER n 
1 33  PRO n 
1 34  GLN n 
1 35  GLN n 
1 36  ASN n 
1 37  ARG n 
1 38  TRP n 
1 39  CYS n 
1 40  ASP n 
1 41  ILE n 
1 42  LEU n 
1 43  LEU n 
1 44  ALA n 
1 45  ARG n 
1 46  GLU n 
1 47  ALA n 
1 48  GLY n 
1 49  LEU n 
1 50  VAL n 
1 51  ASN n 
1 52  ARG n 
1 53  HIS n 
1 54  TYR n 
1 55  HIS n 
1 56  PRO n 
1 57  HIS n 
1 58  GLU n 
1 59  VAL n 
1 60  PHE n 
1 61  ALA n 
1 62  TYR n 
1 63  THR n 
1 64  ILE n 
1 65  SER n 
1 66  GLY n 
1 67  LYS n 
1 68  TRP n 
1 69  GLY n 
1 70  TYR n 
1 71  LEU n 
1 72  GLU n 
1 73  HIS n 
1 74  ASP n 
1 75  TRP n 
1 76  THR n 
1 77  ALA n 
1 78  THR n 
1 79  ARG n 
1 80  GLY n 
1 81  ASP n 
1 82  PHE n 
1 83  VAL n 
1 84  TYR n 
1 85  GLU n 
1 86  THR n 
1 87  PRO n 
1 88  GLY n 
1 89  GLU n 
1 90  GLY n 
1 91  HIS n 
1 92  THR n 
1 93  LEU n 
1 94  VAL n 
1 95  ALA n 
1 96  PHE n 
1 97  GLU n 
1 98  HIS n 
1 99  GLU n 
1 100 GLU n 
1 101 PRO n 
1 102 MET n 
1 103 ARG n 
1 104 VAL n 
1 105 PHE n 
1 106 PHE n 
1 107 ILE n 
1 108 VAL n 
1 109 GLN n 
1 110 GLY n 
1 111 PRO n 
1 112 LEU n 
1 113 ILE n 
1 114 TRP n 
1 115 LEU n 
1 116 ASP n 
1 117 GLU n 
1 118 ALA n 
1 119 GLY n 
1 120 ASN n 
1 121 SER n 
1 122 ILE n 
1 123 GLY n 
1 124 HIS n 
1 125 PHE n 
1 126 ASP n 
1 127 VAL n 
1 128 HIS n 
1 129 ASP n 
1 130 TYR n 
1 131 ILE n 
1 132 ALA n 
1 133 MET n 
1 134 CYS n 
1 135 ARG n 
1 136 GLU n 
1 137 HIS n 
1 138 TYR n 
1 139 GLU n 
1 140 LYS n 
1 141 VAL n 
1 142 GLY n 
1 143 LEU n 
1 144 GLY n 
1 145 ALA n 
1 146 ASP n 
1 147 LEU n 
1 148 VAL n 
1 149 VAL n 
1 150 THR n 
1 151 LEU n 
1 152 PHE n 
1 153 ARG n 
# 
_entity_src_gen.entity_id                          1 
_entity_src_gen.pdbx_src_id                        1 
_entity_src_gen.pdbx_alt_source_flag               sample 
_entity_src_gen.pdbx_seq_type                      'Biological sequence' 
_entity_src_gen.pdbx_beg_seq_num                   1 
_entity_src_gen.pdbx_end_seq_num                   153 
_entity_src_gen.gene_src_common_name               ? 
_entity_src_gen.gene_src_genus                     ? 
_entity_src_gen.pdbx_gene_src_gene                 dad 
_entity_src_gen.gene_src_species                   ? 
_entity_src_gen.gene_src_strain                    ? 
_entity_src_gen.gene_src_tissue                    ? 
_entity_src_gen.gene_src_tissue_fraction           ? 
_entity_src_gen.gene_src_details                   ? 
_entity_src_gen.pdbx_gene_src_fragment             ? 
_entity_src_gen.pdbx_gene_src_scientific_name      'Alcaligenes sp.' 
_entity_src_gen.pdbx_gene_src_ncbi_taxonomy_id     512 
_entity_src_gen.pdbx_gene_src_variant              ? 
_entity_src_gen.pdbx_gene_src_cell_line            ? 
_entity_src_gen.pdbx_gene_src_atcc                 ? 
_entity_src_gen.pdbx_gene_src_organ                ? 
_entity_src_gen.pdbx_gene_src_organelle            ? 
_entity_src_gen.pdbx_gene_src_cell                 ? 
_entity_src_gen.pdbx_gene_src_cellular_location    ? 
_entity_src_gen.host_org_common_name               ? 
_entity_src_gen.pdbx_host_org_scientific_name      'Escherichia coli' 
_entity_src_gen.pdbx_host_org_ncbi_taxonomy_id     562 
_entity_src_gen.host_org_genus                     ? 
_entity_src_gen.pdbx_host_org_gene                 ? 
_entity_src_gen.pdbx_host_org_organ                ? 
_entity_src_gen.host_org_species                   ? 
_entity_src_gen.pdbx_host_org_tissue               ? 
_entity_src_gen.pdbx_host_org_tissue_fraction      ? 
_entity_src_gen.pdbx_host_org_strain               ? 
_entity_src_gen.pdbx_host_org_variant              ? 
_entity_src_gen.pdbx_host_org_cell_line            ? 
_entity_src_gen.pdbx_host_org_atcc                 ? 
_entity_src_gen.pdbx_host_org_culture_collection   ? 
_entity_src_gen.pdbx_host_org_cell                 ? 
_entity_src_gen.pdbx_host_org_organelle            ? 
_entity_src_gen.pdbx_host_org_cellular_location    ? 
_entity_src_gen.pdbx_host_org_vector_type          ? 
_entity_src_gen.pdbx_host_org_vector               ? 
_entity_src_gen.host_org_details                   ? 
_entity_src_gen.expression_system_id               ? 
_entity_src_gen.plasmid_name                       ? 
_entity_src_gen.plasmid_details                    ? 
_entity_src_gen.pdbx_description                   ? 
# 
loop_
_chem_comp.id 
_chem_comp.type 
_chem_comp.mon_nstd_flag 
_chem_comp.name 
_chem_comp.pdbx_synonyms 
_chem_comp.formula 
_chem_comp.formula_weight 
ACT non-polymer         . 'ACETATE ION'   ?                               'C2 H3 O2 -1'    59.044  
ALA 'L-peptide linking' y ALANINE         ?                               'C3 H7 N O2'     89.093  
ARG 'L-peptide linking' y ARGININE        ?                               'C6 H15 N4 O2 1' 175.209 
ASN 'L-peptide linking' y ASPARAGINE      ?                               'C4 H8 N2 O3'    132.118 
ASP 'L-peptide linking' y 'ASPARTIC ACID' ?                               'C4 H7 N O4'     133.103 
CYS 'L-peptide linking' y CYSTEINE        ?                               'C3 H7 N O2 S'   121.158 
FE  non-polymer         . 'FE (III) ION'  ?                               'Fe 3'           55.845  
GLN 'L-peptide linking' y GLUTAMINE       ?                               'C5 H10 N2 O3'   146.144 
GLU 'L-peptide linking' y 'GLUTAMIC ACID' ?                               'C5 H9 N O4'     147.129 
GLY 'peptide linking'   y GLYCINE         ?                               'C2 H5 N O2'     75.067  
GOL non-polymer         . GLYCEROL        'GLYCERIN; PROPANE-1,2,3-TRIOL' 'C3 H8 O3'       92.094  
HIS 'L-peptide linking' y HISTIDINE       ?                               'C6 H10 N3 O2 1' 156.162 
HOH non-polymer         . WATER           ?                               'H2 O'           18.015  
ILE 'L-peptide linking' y ISOLEUCINE      ?                               'C6 H13 N O2'    131.173 
LEU 'L-peptide linking' y LEUCINE         ?                               'C6 H13 N O2'    131.173 
LYS 'L-peptide linking' y LYSINE          ?                               'C6 H15 N2 O2 1' 147.195 
MET 'L-peptide linking' y METHIONINE      ?                               'C5 H11 N O2 S'  149.211 
PHE 'L-peptide linking' y PHENYLALANINE   ?                               'C9 H11 N O2'    165.189 
PRO 'L-peptide linking' y PROLINE         ?                               'C5 H9 N O2'     115.130 
SER 'L-peptide linking' y SERINE          ?                               'C3 H7 N O3'     105.093 
THR 'L-peptide linking' y THREONINE       ?                               'C4 H9 N O3'     119.119 
TRP 'L-peptide linking' y TRYPTOPHAN      ?                               'C11 H12 N2 O2'  204.225 
TYR 'L-peptide linking' y TYROSINE        ?                               'C9 H11 N O3'    181.189 
VAL 'L-peptide linking' y VALINE          ?                               'C5 H11 N O2'    117.146 
# 
loop_
_pdbx_poly_seq_scheme.asym_id 
_pdbx_poly_seq_scheme.entity_id 
_pdbx_poly_seq_scheme.seq_id 
_pdbx_poly_seq_scheme.mon_id 
_pdbx_poly_seq_scheme.ndb_seq_num 
_pdbx_poly_seq_scheme.pdb_seq_num 
_pdbx_poly_seq_scheme.auth_seq_num 
_pdbx_poly_seq_scheme.pdb_mon_id 
_pdbx_poly_seq_scheme.auth_mon_id 
_pdbx_poly_seq_scheme.pdb_strand_id 
_pdbx_poly_seq_scheme.pdb_ins_code 
_pdbx_poly_seq_scheme.hetero 
A 1 1   LEU 1   24  24  LEU LEU A . n 
A 1 2   PRO 2   25  25  PRO PRO A . n 
A 1 3   GLU 3   26  26  GLU GLU A . n 
A 1 4   ALA 4   27  27  ALA ALA A . n 
A 1 5   TYR 5   28  28  TYR TYR A . n 
A 1 6   ILE 6   29  29  ILE ILE A . n 
A 1 7   PRO 7   30  30  PRO PRO A . n 
A 1 8   ASN 8   31  31  ASN ASN A . n 
A 1 9   ALA 9   32  32  ALA ALA A . n 
A 1 10  ALA 10  33  33  ALA ALA A . n 
A 1 11  THR 11  34  34  THR THR A . n 
A 1 12  GLU 12  35  35  GLU GLU A . n 
A 1 13  ASP 13  36  36  ASP ASP A . n 
A 1 14  GLU 14  37  37  GLU GLU A . n 
A 1 15  ARG 15  38  38  ARG ARG A . n 
A 1 16  TYR 16  39  39  TYR TYR A . n 
A 1 17  TYR 17  40  40  TYR TYR A . n 
A 1 18  VAL 18  41  41  VAL VAL A . n 
A 1 19  PRO 19  42  42  PRO PRO A . n 
A 1 20  PHE 20  43  43  PHE PHE A . n 
A 1 21  THR 21  44  44  THR THR A . n 
A 1 22  GLU 22  45  45  GLU GLU A . n 
A 1 23  THR 23  46  46  THR THR A . n 
A 1 24  VAL 24  47  47  VAL VAL A . n 
A 1 25  ALA 25  48  48  ALA ALA A . n 
A 1 26  SER 26  49  49  SER SER A . n 
A 1 27  ARG 27  50  50  ARG ARG A . n 
A 1 28  PRO 28  51  51  PRO PRO A . n 
A 1 29  LEU 29  52  52  LEU LEU A . n 
A 1 30  TRP 30  53  53  TRP TRP A . n 
A 1 31  ILE 31  54  54  ILE ILE A . n 
A 1 32  SER 32  55  55  SER SER A . n 
A 1 33  PRO 33  56  56  PRO PRO A . n 
A 1 34  GLN 34  57  57  GLN GLN A . n 
A 1 35  GLN 35  58  58  GLN GLN A . n 
A 1 36  ASN 36  59  59  ASN ASN A . n 
A 1 37  ARG 37  60  60  ARG ARG A . n 
A 1 38  TRP 38  61  61  TRP TRP A . n 
A 1 39  CYS 39  62  62  CYS CYS A . n 
A 1 40  ASP 40  63  63  ASP ASP A . n 
A 1 41  ILE 41  64  64  ILE ILE A . n 
A 1 42  LEU 42  65  65  LEU LEU A . n 
A 1 43  LEU 43  66  66  LEU LEU A . n 
A 1 44  ALA 44  67  67  ALA ALA A . n 
A 1 45  ARG 45  68  68  ARG ARG A . n 
A 1 46  GLU 46  69  69  GLU GLU A . n 
A 1 47  ALA 47  70  70  ALA ALA A . n 
A 1 48  GLY 48  71  71  GLY GLY A . n 
A 1 49  LEU 49  72  72  LEU LEU A . n 
A 1 50  VAL 50  73  73  VAL VAL A . n 
A 1 51  ASN 51  74  74  ASN ASN A . n 
A 1 52  ARG 52  75  75  ARG ARG A . n 
A 1 53  HIS 53  76  76  HIS HIS A . n 
A 1 54  TYR 54  77  77  TYR TYR A . n 
A 1 55  HIS 55  78  78  HIS HIS A . n 
A 1 56  PRO 56  79  79  PRO PRO A . n 
A 1 57  HIS 57  80  80  HIS HIS A . n 
A 1 58  GLU 58  81  81  GLU GLU A . n 
A 1 59  VAL 59  82  82  VAL VAL A . n 
A 1 60  PHE 60  83  83  PHE PHE A . n 
A 1 61  ALA 61  84  84  ALA ALA A . n 
A 1 62  TYR 62  85  85  TYR TYR A . n 
A 1 63  THR 63  86  86  THR THR A . n 
A 1 64  ILE 64  87  87  ILE ILE A . n 
A 1 65  SER 65  88  88  SER SER A . n 
A 1 66  GLY 66  89  89  GLY GLY A . n 
A 1 67  LYS 67  90  90  LYS LYS A . n 
A 1 68  TRP 68  91  91  TRP TRP A . n 
A 1 69  GLY 69  92  92  GLY GLY A . n 
A 1 70  TYR 70  93  93  TYR TYR A . n 
A 1 71  LEU 71  94  94  LEU LEU A . n 
A 1 72  GLU 72  95  95  GLU GLU A . n 
A 1 73  HIS 73  96  96  HIS HIS A . n 
A 1 74  ASP 74  97  97  ASP ASP A . n 
A 1 75  TRP 75  98  98  TRP TRP A . n 
A 1 76  THR 76  99  99  THR THR A . n 
A 1 77  ALA 77  100 100 ALA ALA A . n 
A 1 78  THR 78  101 101 THR THR A . n 
A 1 79  ARG 79  102 102 ARG ARG A . n 
A 1 80  GLY 80  103 103 GLY GLY A . n 
A 1 81  ASP 81  104 104 ASP ASP A . n 
A 1 82  PHE 82  105 105 PHE PHE A . n 
A 1 83  VAL 83  106 106 VAL VAL A . n 
A 1 84  TYR 84  107 107 TYR TYR A . n 
A 1 85  GLU 85  108 108 GLU GLU A . n 
A 1 86  THR 86  109 109 THR THR A . n 
A 1 87  PRO 87  110 110 PRO PRO A . n 
A 1 88  GLY 88  111 111 GLY GLY A . n 
A 1 89  GLU 89  112 112 GLU GLU A . n 
A 1 90  GLY 90  113 113 GLY GLY A . n 
A 1 91  HIS 91  114 114 HIS HIS A . n 
A 1 92  THR 92  115 115 THR THR A . n 
A 1 93  LEU 93  116 116 LEU LEU A . n 
A 1 94  VAL 94  117 117 VAL VAL A . n 
A 1 95  ALA 95  118 118 ALA ALA A . n 
A 1 96  PHE 96  119 119 PHE PHE A . n 
A 1 97  GLU 97  120 120 GLU GLU A . n 
A 1 98  HIS 98  121 121 HIS HIS A . n 
A 1 99  GLU 99  122 122 GLU GLU A . n 
A 1 100 GLU 100 123 123 GLU GLU A . n 
A 1 101 PRO 101 124 124 PRO PRO A . n 
A 1 102 MET 102 125 125 MET MET A . n 
A 1 103 ARG 103 126 126 ARG ARG A . n 
A 1 104 VAL 104 127 127 VAL VAL A . n 
A 1 105 PHE 105 128 128 PHE PHE A . n 
A 1 106 PHE 106 129 129 PHE PHE A . n 
A 1 107 ILE 107 130 130 ILE ILE A . n 
A 1 108 VAL 108 131 131 VAL VAL A . n 
A 1 109 GLN 109 132 132 GLN GLN A . n 
A 1 110 GLY 110 133 133 GLY GLY A . n 
A 1 111 PRO 111 134 134 PRO PRO A . n 
A 1 112 LEU 112 135 135 LEU LEU A . n 
A 1 113 ILE 113 136 136 ILE ILE A . n 
A 1 114 TRP 114 137 137 TRP TRP A . n 
A 1 115 LEU 115 138 138 LEU LEU A . n 
A 1 116 ASP 116 139 139 ASP ASP A . n 
A 1 117 GLU 117 140 140 GLU GLU A . n 
A 1 118 ALA 118 141 141 ALA ALA A . n 
A 1 119 GLY 119 142 142 GLY GLY A . n 
A 1 120 ASN 120 143 143 ASN ASN A . n 
A 1 121 SER 121 144 144 SER SER A . n 
A 1 122 ILE 122 145 145 ILE ILE A . n 
A 1 123 GLY 123 146 146 GLY GLY A . n 
A 1 124 HIS 124 147 147 HIS HIS A . n 
A 1 125 PHE 125 148 148 PHE PHE A . n 
A 1 126 ASP 126 149 149 ASP ASP A . n 
A 1 127 VAL 127 150 150 VAL VAL A . n 
A 1 128 HIS 128 151 151 HIS HIS A . n 
A 1 129 ASP 129 152 152 ASP ASP A . n 
A 1 130 TYR 130 153 153 TYR TYR A . n 
A 1 131 ILE 131 154 154 ILE ILE A . n 
A 1 132 ALA 132 155 155 ALA ALA A . n 
A 1 133 MET 133 156 156 MET MET A . n 
A 1 134 CYS 134 157 157 CYS CYS A . n 
A 1 135 ARG 135 158 158 ARG ARG A . n 
A 1 136 GLU 136 159 159 GLU GLU A . n 
A 1 137 HIS 137 160 160 HIS HIS A . n 
A 1 138 TYR 138 161 161 TYR TYR A . n 
A 1 139 GLU 139 162 162 GLU GLU A . n 
A 1 140 LYS 140 163 163 LYS LYS A . n 
A 1 141 VAL 141 164 164 VAL VAL A . n 
A 1 142 GLY 142 165 165 GLY GLY A . n 
A 1 143 LEU 143 166 166 LEU LEU A . n 
A 1 144 GLY 144 167 167 GLY GLY A . n 
A 1 145 ALA 145 168 168 ALA ALA A . n 
A 1 146 ASP 146 169 169 ASP ASP A . n 
A 1 147 LEU 147 170 170 LEU LEU A . n 
A 1 148 VAL 148 171 171 VAL VAL A . n 
A 1 149 VAL 149 172 172 VAL VAL A . n 
A 1 150 THR 150 173 173 THR THR A . n 
A 1 151 LEU 151 174 174 LEU LEU A . n 
A 1 152 PHE 152 175 175 PHE PHE A . n 
A 1 153 ARG 153 176 176 ARG ARG A . n 
# 
loop_
_pdbx_nonpoly_scheme.asym_id 
_pdbx_nonpoly_scheme.entity_id 
_pdbx_nonpoly_scheme.mon_id 
_pdbx_nonpoly_scheme.ndb_seq_num 
_pdbx_nonpoly_scheme.pdb_seq_num 
_pdbx_nonpoly_scheme.auth_seq_num 
_pdbx_nonpoly_scheme.pdb_mon_id 
_pdbx_nonpoly_scheme.auth_mon_id 
_pdbx_nonpoly_scheme.pdb_strand_id 
_pdbx_nonpoly_scheme.pdb_ins_code 
B 2 FE  1   201 1   FE  FE  A . 
C 3 ACT 1   202 2   ACT ACT A . 
D 4 GOL 1   203 3   GOL GLC A . 
E 5 HOH 1   301 88  HOH HOH A . 
E 5 HOH 2   302 135 HOH HOH A . 
E 5 HOH 3   303 132 HOH HOH A . 
E 5 HOH 4   304 111 HOH HOH A . 
E 5 HOH 5   305 113 HOH HOH A . 
E 5 HOH 6   306 118 HOH HOH A . 
E 5 HOH 7   307 103 HOH HOH A . 
E 5 HOH 8   308 106 HOH HOH A . 
E 5 HOH 9   309 43  HOH HOH A . 
E 5 HOH 10  310 71  HOH HOH A . 
E 5 HOH 11  311 69  HOH HOH A . 
E 5 HOH 12  312 137 HOH HOH A . 
E 5 HOH 13  313 53  HOH HOH A . 
E 5 HOH 14  314 60  HOH HOH A . 
E 5 HOH 15  315 68  HOH HOH A . 
E 5 HOH 16  316 124 HOH HOH A . 
E 5 HOH 17  317 129 HOH HOH A . 
E 5 HOH 18  318 104 HOH HOH A . 
E 5 HOH 19  319 51  HOH HOH A . 
E 5 HOH 20  320 57  HOH HOH A . 
E 5 HOH 21  321 41  HOH HOH A . 
E 5 HOH 22  322 2   HOH HOH A . 
E 5 HOH 23  323 141 HOH HOH A . 
E 5 HOH 24  324 138 HOH HOH A . 
E 5 HOH 25  325 20  HOH HOH A . 
E 5 HOH 26  326 67  HOH HOH A . 
E 5 HOH 27  327 29  HOH HOH A . 
E 5 HOH 28  328 115 HOH HOH A . 
E 5 HOH 29  329 130 HOH HOH A . 
E 5 HOH 30  330 75  HOH HOH A . 
E 5 HOH 31  331 142 HOH HOH A . 
E 5 HOH 32  332 105 HOH HOH A . 
E 5 HOH 33  333 98  HOH HOH A . 
E 5 HOH 34  334 10  HOH HOH A . 
E 5 HOH 35  335 77  HOH HOH A . 
E 5 HOH 36  336 80  HOH HOH A . 
E 5 HOH 37  337 11  HOH HOH A . 
E 5 HOH 38  338 22  HOH HOH A . 
E 5 HOH 39  339 34  HOH HOH A . 
E 5 HOH 40  340 38  HOH HOH A . 
E 5 HOH 41  341 19  HOH HOH A . 
E 5 HOH 42  342 9   HOH HOH A . 
E 5 HOH 43  343 18  HOH HOH A . 
E 5 HOH 44  344 73  HOH HOH A . 
E 5 HOH 45  345 16  HOH HOH A . 
E 5 HOH 46  346 31  HOH HOH A . 
E 5 HOH 47  347 74  HOH HOH A . 
E 5 HOH 48  348 30  HOH HOH A . 
E 5 HOH 49  349 36  HOH HOH A . 
E 5 HOH 50  350 89  HOH HOH A . 
E 5 HOH 51  351 133 HOH HOH A . 
E 5 HOH 52  352 4   HOH HOH A . 
E 5 HOH 53  353 59  HOH HOH A . 
E 5 HOH 54  354 44  HOH HOH A . 
E 5 HOH 55  355 58  HOH HOH A . 
E 5 HOH 56  356 5   HOH HOH A . 
E 5 HOH 57  357 25  HOH HOH A . 
E 5 HOH 58  358 40  HOH HOH A . 
E 5 HOH 59  359 12  HOH HOH A . 
E 5 HOH 60  360 65  HOH HOH A . 
E 5 HOH 61  361 90  HOH HOH A . 
E 5 HOH 62  362 47  HOH HOH A . 
E 5 HOH 63  363 64  HOH HOH A . 
E 5 HOH 64  364 3   HOH HOH A . 
E 5 HOH 65  365 17  HOH HOH A . 
E 5 HOH 66  366 46  HOH HOH A . 
E 5 HOH 67  367 78  HOH HOH A . 
E 5 HOH 68  368 70  HOH HOH A . 
E 5 HOH 69  369 52  HOH HOH A . 
E 5 HOH 70  370 1   HOH HOH A . 
E 5 HOH 71  371 62  HOH HOH A . 
E 5 HOH 72  372 39  HOH HOH A . 
E 5 HOH 73  373 32  HOH HOH A . 
E 5 HOH 74  374 6   HOH HOH A . 
E 5 HOH 75  375 21  HOH HOH A . 
E 5 HOH 76  376 112 HOH HOH A . 
E 5 HOH 77  377 13  HOH HOH A . 
E 5 HOH 78  378 35  HOH HOH A . 
E 5 HOH 79  379 24  HOH HOH A . 
E 5 HOH 80  380 114 HOH HOH A . 
E 5 HOH 81  381 37  HOH HOH A . 
E 5 HOH 82  382 26  HOH HOH A . 
E 5 HOH 83  383 49  HOH HOH A . 
E 5 HOH 84  384 54  HOH HOH A . 
E 5 HOH 85  385 23  HOH HOH A . 
E 5 HOH 86  386 28  HOH HOH A . 
E 5 HOH 87  387 48  HOH HOH A . 
E 5 HOH 88  388 128 HOH HOH A . 
E 5 HOH 89  389 140 HOH HOH A . 
E 5 HOH 90  390 45  HOH HOH A . 
E 5 HOH 91  391 121 HOH HOH A . 
E 5 HOH 92  392 66  HOH HOH A . 
E 5 HOH 93  393 14  HOH HOH A . 
E 5 HOH 94  394 33  HOH HOH A . 
E 5 HOH 95  395 102 HOH HOH A . 
E 5 HOH 96  396 8   HOH HOH A . 
E 5 HOH 97  397 27  HOH HOH A . 
E 5 HOH 98  398 87  HOH HOH A . 
E 5 HOH 99  399 55  HOH HOH A . 
E 5 HOH 100 400 110 HOH HOH A . 
E 5 HOH 101 401 15  HOH HOH A . 
E 5 HOH 102 402 79  HOH HOH A . 
E 5 HOH 103 403 42  HOH HOH A . 
E 5 HOH 104 404 126 HOH HOH A . 
E 5 HOH 105 405 61  HOH HOH A . 
E 5 HOH 106 406 125 HOH HOH A . 
E 5 HOH 107 407 56  HOH HOH A . 
E 5 HOH 108 408 136 HOH HOH A . 
E 5 HOH 109 409 119 HOH HOH A . 
E 5 HOH 110 410 92  HOH HOH A . 
E 5 HOH 111 411 7   HOH HOH A . 
E 5 HOH 112 412 94  HOH HOH A . 
E 5 HOH 113 413 120 HOH HOH A . 
E 5 HOH 114 414 123 HOH HOH A . 
E 5 HOH 115 415 108 HOH HOH A . 
E 5 HOH 116 416 97  HOH HOH A . 
E 5 HOH 117 417 81  HOH HOH A . 
E 5 HOH 118 418 86  HOH HOH A . 
E 5 HOH 119 419 76  HOH HOH A . 
E 5 HOH 120 420 83  HOH HOH A . 
E 5 HOH 121 421 50  HOH HOH A . 
E 5 HOH 122 422 109 HOH HOH A . 
E 5 HOH 123 423 93  HOH HOH A . 
E 5 HOH 124 424 95  HOH HOH A . 
E 5 HOH 125 425 143 HOH HOH A . 
E 5 HOH 126 426 127 HOH HOH A . 
E 5 HOH 127 427 131 HOH HOH A . 
E 5 HOH 128 428 139 HOH HOH A . 
E 5 HOH 129 429 116 HOH HOH A . 
E 5 HOH 130 430 82  HOH HOH A . 
E 5 HOH 131 431 101 HOH HOH A . 
E 5 HOH 132 432 107 HOH HOH A . 
E 5 HOH 133 433 100 HOH HOH A . 
E 5 HOH 134 434 134 HOH HOH A . 
E 5 HOH 135 435 122 HOH HOH A . 
E 5 HOH 136 436 85  HOH HOH A . 
E 5 HOH 137 437 99  HOH HOH A . 
E 5 HOH 138 438 72  HOH HOH A . 
E 5 HOH 139 439 96  HOH HOH A . 
E 5 HOH 140 440 91  HOH HOH A . 
E 5 HOH 141 441 117 HOH HOH A . 
E 5 HOH 142 442 84  HOH HOH A . 
E 5 HOH 143 443 63  HOH HOH A . 
# 
loop_
_software.citation_id 
_software.classification 
_software.compiler_name 
_software.compiler_version 
_software.contact_author 
_software.contact_author_email 
_software.date 
_software.description 
_software.dependencies 
_software.hardware 
_software.language 
_software.location 
_software.mods 
_software.name 
_software.os 
_software.os_version 
_software.type 
_software.version 
_software.pdbx_ordinal 
? refinement       ? ? ? ? ? ? ? ? ? ? ? REFMAC ? ? ? 5.8.0073 1 
? 'data reduction' ? ? ? ? ? ? ? ? ? ? ? MOSFLM ? ? ? .        2 
? 'data scaling'   ? ? ? ? ? ? ? ? ? ? ? SCALA  ? ? ? .        3 
# 
_cell.angle_alpha                  90.00 
_cell.angle_alpha_esd              ? 
_cell.angle_beta                   90.00 
_cell.angle_beta_esd               ? 
_cell.angle_gamma                  120.00 
_cell.angle_gamma_esd              ? 
_cell.entry_id                     5BPX 
_cell.details                      ? 
_cell.formula_units_Z              ? 
_cell.length_a                     83.250 
_cell.length_a_esd                 ? 
_cell.length_b                     83.250 
_cell.length_b_esd                 ? 
_cell.length_c                     114.280 
_cell.length_c_esd                 ? 
_cell.volume                       ? 
_cell.volume_esd                   ? 
_cell.Z_PDB                        12 
_cell.reciprocal_angle_alpha       ? 
_cell.reciprocal_angle_beta        ? 
_cell.reciprocal_angle_gamma       ? 
_cell.reciprocal_angle_alpha_esd   ? 
_cell.reciprocal_angle_beta_esd    ? 
_cell.reciprocal_angle_gamma_esd   ? 
_cell.reciprocal_length_a          ? 
_cell.reciprocal_length_b          ? 
_cell.reciprocal_length_c          ? 
_cell.reciprocal_length_a_esd      ? 
_cell.reciprocal_length_b_esd      ? 
_cell.reciprocal_length_c_esd      ? 
_cell.pdbx_unique_axis             ? 
# 
_symmetry.entry_id                         5BPX 
_symmetry.cell_setting                     ? 
_symmetry.Int_Tables_number                179 
_symmetry.space_group_name_Hall            ? 
_symmetry.space_group_name_H-M             'P 65 2 2' 
_symmetry.pdbx_full_space_group_name_H-M   ? 
# 
_exptl.absorpt_coefficient_mu     ? 
_exptl.absorpt_correction_T_max   ? 
_exptl.absorpt_correction_T_min   ? 
_exptl.absorpt_correction_type    ? 
_exptl.absorpt_process_details    ? 
_exptl.entry_id                   5BPX 
_exptl.crystals_number            ? 
_exptl.details                    ? 
_exptl.method                     'X-RAY DIFFRACTION' 
_exptl.method_details             ? 
# 
_exptl_crystal.colour                      ? 
_exptl_crystal.density_diffrn              ? 
_exptl_crystal.density_Matthews            2.82 
_exptl_crystal.density_method              ? 
_exptl_crystal.density_percent_sol         56.34 
_exptl_crystal.description                 'long needles' 
_exptl_crystal.F_000                       ? 
_exptl_crystal.id                          1 
_exptl_crystal.preparation                 ? 
_exptl_crystal.size_max                    ? 
_exptl_crystal.size_mid                    ? 
_exptl_crystal.size_min                    ? 
_exptl_crystal.size_rad                    ? 
_exptl_crystal.colour_lustre               ? 
_exptl_crystal.colour_modifier             ? 
_exptl_crystal.colour_primary              ? 
_exptl_crystal.density_meas                ? 
_exptl_crystal.density_meas_esd            ? 
_exptl_crystal.density_meas_gt             ? 
_exptl_crystal.density_meas_lt             ? 
_exptl_crystal.density_meas_temp           ? 
_exptl_crystal.density_meas_temp_esd       ? 
_exptl_crystal.density_meas_temp_gt        ? 
_exptl_crystal.density_meas_temp_lt        ? 
_exptl_crystal.pdbx_crystal_image_url      ? 
_exptl_crystal.pdbx_crystal_image_format   ? 
_exptl_crystal.pdbx_mosaicity              ? 
_exptl_crystal.pdbx_mosaicity_esd          ? 
# 
_exptl_crystal_grow.apparatus       ? 
_exptl_crystal_grow.atmosphere      ? 
_exptl_crystal_grow.crystal_id      1 
_exptl_crystal_grow.details         ? 
_exptl_crystal_grow.method          'VAPOR DIFFUSION, HANGING DROP' 
_exptl_crystal_grow.method_ref      ? 
_exptl_crystal_grow.pH              6.3 
_exptl_crystal_grow.pressure        ? 
_exptl_crystal_grow.pressure_esd    ? 
_exptl_crystal_grow.seeding         ? 
_exptl_crystal_grow.seeding_ref     ? 
_exptl_crystal_grow.temp            294 
_exptl_crystal_grow.temp_details    ? 
_exptl_crystal_grow.temp_esd        ? 
_exptl_crystal_grow.time            ? 
_exptl_crystal_grow.pdbx_details    
;0.1 M sodium cacodylate pH 5.9 - 6.8. 
1.1 - 1.6 M sodium acetate
;
_exptl_crystal_grow.pdbx_pH_range   '5.9 - 6.8' 
# 
_diffrn.ambient_environment    ? 
_diffrn.ambient_temp           100 
_diffrn.ambient_temp_details   ? 
_diffrn.ambient_temp_esd       ? 
_diffrn.crystal_id             1 
_diffrn.crystal_support        ? 
_diffrn.crystal_treatment      ? 
_diffrn.details                ? 
_diffrn.id                     1 
_diffrn.ambient_pressure       ? 
_diffrn.ambient_pressure_esd   ? 
_diffrn.ambient_pressure_gt    ? 
_diffrn.ambient_pressure_lt    ? 
_diffrn.ambient_temp_gt        ? 
_diffrn.ambient_temp_lt        ? 
# 
_diffrn_detector.details                      ? 
_diffrn_detector.detector                     PIXEL 
_diffrn_detector.diffrn_id                    1 
_diffrn_detector.type                         'DECTRIS PILATUS 2M' 
_diffrn_detector.area_resol_mean              ? 
_diffrn_detector.dtime                        ? 
_diffrn_detector.pdbx_frames_total            ? 
_diffrn_detector.pdbx_collection_time_total   ? 
_diffrn_detector.pdbx_collection_date         2014-05-29 
# 
_diffrn_radiation.collimation                      ? 
_diffrn_radiation.diffrn_id                        1 
_diffrn_radiation.filter_edge                      ? 
_diffrn_radiation.inhomogeneity                    ? 
_diffrn_radiation.monochromator                    ? 
_diffrn_radiation.polarisn_norm                    ? 
_diffrn_radiation.polarisn_ratio                   ? 
_diffrn_radiation.probe                            ? 
_diffrn_radiation.type                             ? 
_diffrn_radiation.xray_symbol                      ? 
_diffrn_radiation.wavelength_id                    1 
_diffrn_radiation.pdbx_monochromatic_or_laue_m_l   M 
_diffrn_radiation.pdbx_wavelength_list             ? 
_diffrn_radiation.pdbx_wavelength                  ? 
_diffrn_radiation.pdbx_diffrn_protocol             'SINGLE WAVELENGTH' 
_diffrn_radiation.pdbx_analyzer                    ? 
_diffrn_radiation.pdbx_scattering_type             x-ray 
# 
_diffrn_radiation_wavelength.id           1 
_diffrn_radiation_wavelength.wavelength   0.920 
_diffrn_radiation_wavelength.wt           1.0 
# 
_diffrn_source.current                     ? 
_diffrn_source.details                     ? 
_diffrn_source.diffrn_id                   1 
_diffrn_source.power                       ? 
_diffrn_source.size                        ? 
_diffrn_source.source                      SYNCHROTRON 
_diffrn_source.target                      ? 
_diffrn_source.type                        'DIAMOND BEAMLINE I04-1' 
_diffrn_source.voltage                     ? 
_diffrn_source.take-off_angle              ? 
_diffrn_source.pdbx_wavelength_list        0.920 
_diffrn_source.pdbx_wavelength             ? 
_diffrn_source.pdbx_synchrotron_beamline   I04-1 
_diffrn_source.pdbx_synchrotron_site       Diamond 
# 
_reflns.B_iso_Wilson_estimate            ? 
_reflns.entry_id                         5BPX 
_reflns.data_reduction_details           ? 
_reflns.data_reduction_method            ? 
_reflns.d_resolution_high                1.88 
_reflns.d_resolution_low                 41.62 
_reflns.details                          ? 
_reflns.limit_h_max                      ? 
_reflns.limit_h_min                      ? 
_reflns.limit_k_max                      ? 
_reflns.limit_k_min                      ? 
_reflns.limit_l_max                      ? 
_reflns.limit_l_min                      ? 
_reflns.number_all                       ? 
_reflns.number_obs                       19556 
_reflns.observed_criterion               ? 
_reflns.observed_criterion_F_max         ? 
_reflns.observed_criterion_F_min         ? 
_reflns.observed_criterion_I_max         ? 
_reflns.observed_criterion_I_min         ? 
_reflns.observed_criterion_sigma_F       ? 
_reflns.observed_criterion_sigma_I       ? 
_reflns.percent_possible_obs             99.5 
_reflns.R_free_details                   ? 
_reflns.Rmerge_F_all                     ? 
_reflns.Rmerge_F_obs                     ? 
_reflns.Friedel_coverage                 ? 
_reflns.number_gt                        ? 
_reflns.threshold_expression             ? 
_reflns.pdbx_redundancy                  20.3 
_reflns.pdbx_Rmerge_I_obs                0.122 
_reflns.pdbx_Rmerge_I_all                ? 
_reflns.pdbx_Rsym_value                  ? 
_reflns.pdbx_netI_over_av_sigmaI         ? 
_reflns.pdbx_netI_over_sigmaI            21.8 
_reflns.pdbx_res_netI_over_av_sigmaI_2   ? 
_reflns.pdbx_res_netI_over_sigmaI_2      ? 
_reflns.pdbx_chi_squared                 ? 
_reflns.pdbx_scaling_rejects             ? 
_reflns.pdbx_d_res_high_opt              ? 
_reflns.pdbx_d_res_low_opt               ? 
_reflns.pdbx_d_res_opt_method            ? 
_reflns.phase_calculation_details        ? 
_reflns.pdbx_Rrim_I_all                  ? 
_reflns.pdbx_Rpim_I_all                  ? 
_reflns.pdbx_d_opt                       ? 
_reflns.pdbx_number_measured_all         ? 
_reflns.pdbx_diffrn_id                   1 
_reflns.pdbx_ordinal                     1 
_reflns.pdbx_CC_half                     ? 
_reflns.pdbx_R_split                     ? 
# 
_reflns_shell.d_res_high                  1.88 
_reflns_shell.d_res_low                   1.93 
_reflns_shell.meanI_over_sigI_all         ? 
_reflns_shell.meanI_over_sigI_obs         5.0 
_reflns_shell.number_measured_all         ? 
_reflns_shell.number_measured_obs         ? 
_reflns_shell.number_possible             ? 
_reflns_shell.number_unique_all           ? 
_reflns_shell.number_unique_obs           ? 
_reflns_shell.percent_possible_all        99.0 
_reflns_shell.percent_possible_obs        ? 
_reflns_shell.Rmerge_F_all                ? 
_reflns_shell.Rmerge_F_obs                ? 
_reflns_shell.Rmerge_I_all                ? 
_reflns_shell.Rmerge_I_obs                0.800 
_reflns_shell.meanI_over_sigI_gt          ? 
_reflns_shell.meanI_over_uI_all           ? 
_reflns_shell.meanI_over_uI_gt            ? 
_reflns_shell.number_measured_gt          ? 
_reflns_shell.number_unique_gt            ? 
_reflns_shell.percent_possible_gt         ? 
_reflns_shell.Rmerge_F_gt                 ? 
_reflns_shell.Rmerge_I_gt                 ? 
_reflns_shell.pdbx_redundancy             19.5 
_reflns_shell.pdbx_Rsym_value             ? 
_reflns_shell.pdbx_chi_squared            ? 
_reflns_shell.pdbx_netI_over_sigmaI_all   ? 
_reflns_shell.pdbx_netI_over_sigmaI_obs   ? 
_reflns_shell.pdbx_Rrim_I_all             ? 
_reflns_shell.pdbx_Rpim_I_all             ? 
_reflns_shell.pdbx_rejects                ? 
_reflns_shell.pdbx_ordinal                1 
_reflns_shell.pdbx_diffrn_id              1 
_reflns_shell.pdbx_CC_half                ? 
_reflns_shell.pdbx_R_split                ? 
# 
_refine.aniso_B[1][1]                            0.26 
_refine.aniso_B[1][2]                            0.13 
_refine.aniso_B[1][3]                            -0.00 
_refine.aniso_B[2][2]                            0.26 
_refine.aniso_B[2][3]                            -0.00 
_refine.aniso_B[3][3]                            -0.85 
_refine.B_iso_max                                ? 
_refine.B_iso_mean                               25.147 
_refine.B_iso_min                                ? 
_refine.correlation_coeff_Fo_to_Fc               0.973 
_refine.correlation_coeff_Fo_to_Fc_free          0.960 
_refine.details                                  'HYDROGENS HAVE BEEN ADDED IN THE RIDING POSITIONS' 
_refine.diff_density_max                         ? 
_refine.diff_density_max_esd                     ? 
_refine.diff_density_min                         ? 
_refine.diff_density_min_esd                     ? 
_refine.diff_density_rms                         ? 
_refine.diff_density_rms_esd                     ? 
_refine.entry_id                                 5BPX 
_refine.pdbx_refine_id                           'X-RAY DIFFRACTION' 
_refine.ls_abs_structure_details                 ? 
_refine.ls_abs_structure_Flack                   ? 
_refine.ls_abs_structure_Flack_esd               ? 
_refine.ls_abs_structure_Rogers                  ? 
_refine.ls_abs_structure_Rogers_esd              ? 
_refine.ls_d_res_high                            1.88 
_refine.ls_d_res_low                             41.62 
_refine.ls_extinction_coef                       ? 
_refine.ls_extinction_coef_esd                   ? 
_refine.ls_extinction_expression                 ? 
_refine.ls_extinction_method                     ? 
_refine.ls_goodness_of_fit_all                   ? 
_refine.ls_goodness_of_fit_all_esd               ? 
_refine.ls_goodness_of_fit_obs                   ? 
_refine.ls_goodness_of_fit_obs_esd               ? 
_refine.ls_hydrogen_treatment                    ? 
_refine.ls_matrix_type                           ? 
_refine.ls_number_constraints                    ? 
_refine.ls_number_parameters                     ? 
_refine.ls_number_reflns_all                     ? 
_refine.ls_number_reflns_obs                     18593 
_refine.ls_number_reflns_R_free                  938 
_refine.ls_number_reflns_R_work                  ? 
_refine.ls_number_restraints                     ? 
_refine.ls_percent_reflns_obs                    99.31 
_refine.ls_percent_reflns_R_free                 4.8 
_refine.ls_R_factor_all                          ? 
_refine.ls_R_factor_obs                          0.14345 
_refine.ls_R_factor_R_free                       0.17180 
_refine.ls_R_factor_R_free_error                 ? 
_refine.ls_R_factor_R_free_error_details         ? 
_refine.ls_R_factor_R_work                       0.14195 
_refine.ls_R_Fsqd_factor_obs                     ? 
_refine.ls_R_I_factor_obs                        ? 
_refine.ls_redundancy_reflns_all                 ? 
_refine.ls_redundancy_reflns_obs                 ? 
_refine.ls_restrained_S_all                      ? 
_refine.ls_restrained_S_obs                      ? 
_refine.ls_shift_over_esd_max                    ? 
_refine.ls_shift_over_esd_mean                   ? 
_refine.ls_structure_factor_coef                 ? 
_refine.ls_weighting_details                     ? 
_refine.ls_weighting_scheme                      ? 
_refine.ls_wR_factor_all                         ? 
_refine.ls_wR_factor_obs                         ? 
_refine.ls_wR_factor_R_free                      ? 
_refine.ls_wR_factor_R_work                      ? 
_refine.occupancy_max                            ? 
_refine.occupancy_min                            ? 
_refine.solvent_model_details                    MASK 
_refine.solvent_model_param_bsol                 ? 
_refine.solvent_model_param_ksol                 ? 
_refine.ls_R_factor_gt                           ? 
_refine.ls_goodness_of_fit_gt                    ? 
_refine.ls_goodness_of_fit_ref                   ? 
_refine.ls_shift_over_su_max                     ? 
_refine.ls_shift_over_su_max_lt                  ? 
_refine.ls_shift_over_su_mean                    ? 
_refine.ls_shift_over_su_mean_lt                 ? 
_refine.pdbx_ls_sigma_I                          ? 
_refine.pdbx_ls_sigma_F                          ? 
_refine.pdbx_ls_sigma_Fsqd                       ? 
_refine.pdbx_data_cutoff_high_absF               ? 
_refine.pdbx_data_cutoff_high_rms_absF           ? 
_refine.pdbx_data_cutoff_low_absF                ? 
_refine.pdbx_isotropic_thermal_model             ? 
_refine.pdbx_ls_cross_valid_method               THROUGHOUT 
_refine.pdbx_method_to_determine_struct          'MOLECULAR REPLACEMENT' 
_refine.pdbx_starting_model                      4p9g 
_refine.pdbx_stereochemistry_target_values       'MAXIMUM LIKELIHOOD' 
_refine.pdbx_R_Free_selection_details            RANDOM 
_refine.pdbx_stereochem_target_val_spec_case     ? 
_refine.pdbx_overall_ESU_R                       0.090 
_refine.pdbx_overall_ESU_R_Free                  0.091 
_refine.pdbx_solvent_vdw_probe_radii             1.20 
_refine.pdbx_solvent_ion_probe_radii             0.80 
_refine.pdbx_solvent_shrinkage_radii             0.80 
_refine.pdbx_real_space_R                        ? 
_refine.pdbx_density_correlation                 ? 
_refine.pdbx_pd_number_of_powder_patterns        ? 
_refine.pdbx_pd_number_of_points                 ? 
_refine.pdbx_pd_meas_number_of_points            ? 
_refine.pdbx_pd_proc_ls_prof_R_factor            ? 
_refine.pdbx_pd_proc_ls_prof_wR_factor           ? 
_refine.pdbx_pd_Marquardt_correlation_coeff      ? 
_refine.pdbx_pd_Fsqrd_R_factor                   ? 
_refine.pdbx_pd_ls_matrix_band_width             ? 
_refine.pdbx_overall_phase_error                 ? 
_refine.pdbx_overall_SU_R_free_Cruickshank_DPI   ? 
_refine.pdbx_overall_SU_R_free_Blow_DPI          ? 
_refine.pdbx_overall_SU_R_Blow_DPI               ? 
_refine.pdbx_TLS_residual_ADP_flag               ? 
_refine.pdbx_diffrn_id                           1 
_refine.overall_SU_B                             1.911 
_refine.overall_SU_ML                            0.058 
_refine.overall_SU_R_Cruickshank_DPI             ? 
_refine.overall_SU_R_free                        ? 
_refine.overall_FOM_free_R_set                   ? 
_refine.overall_FOM_work_R_set                   ? 
_refine.pdbx_average_fsc_overall                 ? 
_refine.pdbx_average_fsc_work                    ? 
_refine.pdbx_average_fsc_free                    ? 
# 
_refine_hist.pdbx_refine_id                   'X-RAY DIFFRACTION' 
_refine_hist.cycle_id                         1 
_refine_hist.pdbx_number_atoms_protein        1257 
_refine_hist.pdbx_number_atoms_nucleic_acid   0 
_refine_hist.pdbx_number_atoms_ligand         11 
_refine_hist.number_atoms_solvent             143 
_refine_hist.number_atoms_total               1411 
_refine_hist.d_res_high                       1.88 
_refine_hist.d_res_low                        41.62 
# 
loop_
_refine_ls_restr.pdbx_refine_id 
_refine_ls_restr.criterion 
_refine_ls_restr.dev_ideal 
_refine_ls_restr.dev_ideal_target 
_refine_ls_restr.number 
_refine_ls_restr.rejects 
_refine_ls_restr.type 
_refine_ls_restr.weight 
_refine_ls_restr.pdbx_restraint_function 
'X-RAY DIFFRACTION' ? 0.025  0.019  1316 ? r_bond_refined_d             ? ? 
'X-RAY DIFFRACTION' ? 0.002  0.020  1170 ? r_bond_other_d               ? ? 
'X-RAY DIFFRACTION' ? 2.233  1.920  1788 ? r_angle_refined_deg          ? ? 
'X-RAY DIFFRACTION' ? 1.803  3.000  2684 ? r_angle_other_deg            ? ? 
'X-RAY DIFFRACTION' ? 6.821  5.000  152  ? r_dihedral_angle_1_deg       ? ? 
'X-RAY DIFFRACTION' ? 34.980 23.000 70   ? r_dihedral_angle_2_deg       ? ? 
'X-RAY DIFFRACTION' ? 14.476 15.000 189  ? r_dihedral_angle_3_deg       ? ? 
'X-RAY DIFFRACTION' ? 19.292 15.000 9    ? r_dihedral_angle_4_deg       ? ? 
'X-RAY DIFFRACTION' ? 0.175  0.200  184  ? r_chiral_restr               ? ? 
'X-RAY DIFFRACTION' ? 0.013  0.021  1484 ? r_gen_planes_refined         ? ? 
'X-RAY DIFFRACTION' ? 0.001  0.020  335  ? r_gen_planes_other           ? ? 
'X-RAY DIFFRACTION' ? ?      ?      ?    ? r_nbd_refined                ? ? 
'X-RAY DIFFRACTION' ? ?      ?      ?    ? r_nbd_other                  ? ? 
'X-RAY DIFFRACTION' ? ?      ?      ?    ? r_nbtor_refined              ? ? 
'X-RAY DIFFRACTION' ? ?      ?      ?    ? r_nbtor_other                ? ? 
'X-RAY DIFFRACTION' ? ?      ?      ?    ? r_xyhbond_nbd_refined        ? ? 
'X-RAY DIFFRACTION' ? ?      ?      ?    ? r_xyhbond_nbd_other          ? ? 
'X-RAY DIFFRACTION' ? ?      ?      ?    ? r_metal_ion_refined          ? ? 
'X-RAY DIFFRACTION' ? ?      ?      ?    ? r_metal_ion_other            ? ? 
'X-RAY DIFFRACTION' ? ?      ?      ?    ? r_symmetry_vdw_refined       ? ? 
'X-RAY DIFFRACTION' ? ?      ?      ?    ? r_symmetry_vdw_other         ? ? 
'X-RAY DIFFRACTION' ? ?      ?      ?    ? r_symmetry_hbond_refined     ? ? 
'X-RAY DIFFRACTION' ? ?      ?      ?    ? r_symmetry_hbond_other       ? ? 
'X-RAY DIFFRACTION' ? ?      ?      ?    ? r_symmetry_metal_ion_refined ? ? 
'X-RAY DIFFRACTION' ? ?      ?      ?    ? r_symmetry_metal_ion_other   ? ? 
'X-RAY DIFFRACTION' ? 2.540  2.026  613  ? r_mcbond_it                  ? ? 
'X-RAY DIFFRACTION' ? 2.531  2.024  611  ? r_mcbond_other               ? ? 
'X-RAY DIFFRACTION' ? 3.703  3.018  763  ? r_mcangle_it                 ? ? 
'X-RAY DIFFRACTION' ? 3.702  3.019  764  ? r_mcangle_other              ? ? 
'X-RAY DIFFRACTION' ? 5.432  2.685  703  ? r_scbond_it                  ? ? 
'X-RAY DIFFRACTION' ? 5.428  2.685  704  ? r_scbond_other               ? ? 
'X-RAY DIFFRACTION' ? ?      ?      ?    ? r_scangle_it                 ? ? 
'X-RAY DIFFRACTION' ? 8.315  3.787  1026 ? r_scangle_other              ? ? 
'X-RAY DIFFRACTION' ? 10.320 18.898 1531 ? r_long_range_B_refined       ? ? 
'X-RAY DIFFRACTION' ? 10.191 18.215 1475 ? r_long_range_B_other         ? ? 
'X-RAY DIFFRACTION' ? ?      ?      ?    ? r_rigid_bond_restr           ? ? 
'X-RAY DIFFRACTION' ? ?      ?      ?    ? r_sphericity_free            ? ? 
'X-RAY DIFFRACTION' ? ?      ?      ?    ? r_sphericity_bonded          ? ? 
# 
_refine_ls_shell.pdbx_refine_id                   'X-RAY DIFFRACTION' 
_refine_ls_shell.d_res_high                       1.880 
_refine_ls_shell.d_res_low                        1.929 
_refine_ls_shell.number_reflns_all                ? 
_refine_ls_shell.number_reflns_obs                ? 
_refine_ls_shell.number_reflns_R_free             59 
_refine_ls_shell.number_reflns_R_work             1324 
_refine_ls_shell.percent_reflns_obs               98.50 
_refine_ls_shell.percent_reflns_R_free            ? 
_refine_ls_shell.R_factor_all                     ? 
_refine_ls_shell.R_factor_obs                     ? 
_refine_ls_shell.R_factor_R_free                  0.250 
_refine_ls_shell.R_factor_R_free_error            ? 
_refine_ls_shell.R_factor_R_work                  0.195 
_refine_ls_shell.redundancy_reflns_all            ? 
_refine_ls_shell.redundancy_reflns_obs            ? 
_refine_ls_shell.wR_factor_all                    ? 
_refine_ls_shell.wR_factor_obs                    ? 
_refine_ls_shell.wR_factor_R_free                 ? 
_refine_ls_shell.wR_factor_R_work                 ? 
_refine_ls_shell.pdbx_total_number_of_bins_used   20 
_refine_ls_shell.pdbx_phase_error                 ? 
_refine_ls_shell.pdbx_fsc_work                    ? 
_refine_ls_shell.pdbx_fsc_free                    ? 
# 
_struct.entry_id                     5BPX 
_struct.title                        
;Structure of the 2,4'-dihydroxyacetophenone dioxygenase from Alcaligenes sp. 4HAP.
;
_struct.pdbx_model_details           ? 
_struct.pdbx_formula_weight          ? 
_struct.pdbx_formula_weight_method   ? 
_struct.pdbx_model_type_details      ? 
_struct.pdbx_CASP_flag               ? 
# 
_struct_keywords.entry_id        5BPX 
_struct_keywords.text            'rmlc-like cupin protein, oxidoreductase' 
_struct_keywords.pdbx_keywords   OXIDOREDUCTASE 
# 
loop_
_struct_asym.id 
_struct_asym.pdbx_blank_PDB_chainid_flag 
_struct_asym.pdbx_modified 
_struct_asym.entity_id 
_struct_asym.details 
A N N 1 ? 
B N N 2 ? 
C N N 3 ? 
D N N 4 ? 
E N N 5 ? 
# 
_struct_ref.id                         1 
_struct_ref.db_name                    UNP 
_struct_ref.db_code                    Q9REI7_ALCSP 
_struct_ref.pdbx_db_accession          Q9REI7 
_struct_ref.pdbx_db_isoform            ? 
_struct_ref.entity_id                  1 
_struct_ref.pdbx_seq_one_letter_code   
;LPEAYIPNAATEDERYYVPFTETVASRPLWISPQQNRWCDILLAREAGLVNRHYHPHEVFAYTISGKWGYLEHDWTATRG
DFVYETPGEGHTLVAFEHEEPMRVFFIVQGPLIWLDEAGNSIGHFDVHDYIAMCREHYEKVGLGADLVVTLFR
;
_struct_ref.pdbx_align_begin           24 
# 
_struct_ref_seq.align_id                      1 
_struct_ref_seq.ref_id                        1 
_struct_ref_seq.pdbx_PDB_id_code              5BPX 
_struct_ref_seq.pdbx_strand_id                A 
_struct_ref_seq.seq_align_beg                 1 
_struct_ref_seq.pdbx_seq_align_beg_ins_code   ? 
_struct_ref_seq.seq_align_end                 153 
_struct_ref_seq.pdbx_seq_align_end_ins_code   ? 
_struct_ref_seq.pdbx_db_accession             Q9REI7 
_struct_ref_seq.db_align_beg                  24 
_struct_ref_seq.pdbx_db_align_beg_ins_code    ? 
_struct_ref_seq.db_align_end                  176 
_struct_ref_seq.pdbx_db_align_end_ins_code    ? 
_struct_ref_seq.pdbx_auth_seq_align_beg       24 
_struct_ref_seq.pdbx_auth_seq_align_end       176 
# 
_pdbx_struct_assembly.id                   1 
_pdbx_struct_assembly.details              software_defined_assembly 
_pdbx_struct_assembly.method_details       PISA 
_pdbx_struct_assembly.oligomeric_details   dimeric 
_pdbx_struct_assembly.oligomeric_count     2 
# 
loop_
_pdbx_struct_assembly_prop.biol_id 
_pdbx_struct_assembly_prop.type 
_pdbx_struct_assembly_prop.value 
_pdbx_struct_assembly_prop.details 
1 'ABSA (A^2)' 4100  ? 
1 MORE         -57   ? 
1 'SSA (A^2)'  13260 ? 
# 
_pdbx_struct_assembly_gen.assembly_id       1 
_pdbx_struct_assembly_gen.oper_expression   1,2 
_pdbx_struct_assembly_gen.asym_id_list      A,B,C,D,E 
# 
loop_
_pdbx_struct_oper_list.id 
_pdbx_struct_oper_list.type 
_pdbx_struct_oper_list.name 
_pdbx_struct_oper_list.symmetry_operation 
_pdbx_struct_oper_list.matrix[1][1] 
_pdbx_struct_oper_list.matrix[1][2] 
_pdbx_struct_oper_list.matrix[1][3] 
_pdbx_struct_oper_list.vector[1] 
_pdbx_struct_oper_list.matrix[2][1] 
_pdbx_struct_oper_list.matrix[2][2] 
_pdbx_struct_oper_list.matrix[2][3] 
_pdbx_struct_oper_list.vector[2] 
_pdbx_struct_oper_list.matrix[3][1] 
_pdbx_struct_oper_list.matrix[3][2] 
_pdbx_struct_oper_list.matrix[3][3] 
_pdbx_struct_oper_list.vector[3] 
1 'identity operation'         1_555  x,y,z            1.0000000000  0.0000000000 0.0000000000  0.0000000000 0.0000000000 1.0000000000  0.0000000000  0.0000000000   0.0000000000  0.0000000000  1.0000000000 0.0000000000  
2 'crystal symmetry operation' 10_445 -y-1,-x-1,-z+1/6 -0.9266402943 0.1591822240 -0.3405859430 2.8252919684 0.1591822240 -0.6545926653 -0.7390327883 -21.9907375287 -0.3405859430 -0.7390327883 0.5812329596 -9.6694299533 
# 
loop_
_struct_conf.conf_type_id 
_struct_conf.id 
_struct_conf.pdbx_PDB_helix_id 
_struct_conf.beg_label_comp_id 
_struct_conf.beg_label_asym_id 
_struct_conf.beg_label_seq_id 
_struct_conf.pdbx_beg_PDB_ins_code 
_struct_conf.end_label_comp_id 
_struct_conf.end_label_asym_id 
_struct_conf.end_label_seq_id 
_struct_conf.pdbx_end_PDB_ins_code 
_struct_conf.beg_auth_comp_id 
_struct_conf.beg_auth_asym_id 
_struct_conf.beg_auth_seq_id 
_struct_conf.end_auth_comp_id 
_struct_conf.end_auth_asym_id 
_struct_conf.end_auth_seq_id 
_struct_conf.pdbx_PDB_helix_class 
_struct_conf.details 
_struct_conf.pdbx_PDB_helix_length 
HELX_P HELX_P1 AA1 ASP A 13  ? TYR A 17  ? ASP A 36  TYR A 40  5 ? 5  
HELX_P HELX_P2 AA2 ASP A 126 ? VAL A 141 ? ASP A 149 VAL A 164 1 ? 16 
HELX_P HELX_P3 AA3 GLY A 144 ? THR A 150 ? GLY A 167 THR A 173 1 ? 7  
# 
_struct_conf_type.id          HELX_P 
_struct_conf_type.criteria    ? 
_struct_conf_type.reference   ? 
# 
loop_
_struct_conn.id 
_struct_conn.conn_type_id 
_struct_conn.pdbx_leaving_atom_flag 
_struct_conn.pdbx_PDB_id 
_struct_conn.ptnr1_label_asym_id 
_struct_conn.ptnr1_label_comp_id 
_struct_conn.ptnr1_label_seq_id 
_struct_conn.ptnr1_label_atom_id 
_struct_conn.pdbx_ptnr1_label_alt_id 
_struct_conn.pdbx_ptnr1_PDB_ins_code 
_struct_conn.pdbx_ptnr1_standard_comp_id 
_struct_conn.ptnr1_symmetry 
_struct_conn.ptnr2_label_asym_id 
_struct_conn.ptnr2_label_comp_id 
_struct_conn.ptnr2_label_seq_id 
_struct_conn.ptnr2_label_atom_id 
_struct_conn.pdbx_ptnr2_label_alt_id 
_struct_conn.pdbx_ptnr2_PDB_ins_code 
_struct_conn.ptnr1_auth_asym_id 
_struct_conn.ptnr1_auth_comp_id 
_struct_conn.ptnr1_auth_seq_id 
_struct_conn.ptnr2_auth_asym_id 
_struct_conn.ptnr2_auth_comp_id 
_struct_conn.ptnr2_auth_seq_id 
_struct_conn.ptnr2_symmetry 
_struct_conn.pdbx_ptnr3_label_atom_id 
_struct_conn.pdbx_ptnr3_label_seq_id 
_struct_conn.pdbx_ptnr3_label_comp_id 
_struct_conn.pdbx_ptnr3_label_asym_id 
_struct_conn.pdbx_ptnr3_label_alt_id 
_struct_conn.pdbx_ptnr3_PDB_ins_code 
_struct_conn.details 
_struct_conn.pdbx_dist_value 
_struct_conn.pdbx_value_order 
_struct_conn.pdbx_role 
metalc1 metalc ? ? A HIS 53 NE2 ? ? ? 1_555 B FE  . FE  ? ? A HIS 76  A FE  201 1_555 ? ? ? ? ? ? ? 1.965 ? ? 
metalc2 metalc ? ? A HIS 55 NE2 ? ? ? 1_555 B FE  . FE  ? ? A HIS 78  A FE  201 1_555 ? ? ? ? ? ? ? 1.981 ? ? 
metalc3 metalc ? ? A HIS 91 NE2 ? ? ? 1_555 B FE  . FE  ? ? A HIS 114 A FE  201 1_555 ? ? ? ? ? ? ? 1.972 ? ? 
metalc4 metalc ? ? B FE  .  FE  ? ? ? 1_555 C ACT . O   ? ? A FE  201 A ACT 202 1_555 ? ? ? ? ? ? ? 2.015 ? ? 
metalc5 metalc ? ? B FE  .  FE  ? ? ? 1_555 C ACT . OXT ? ? A FE  201 A ACT 202 1_555 ? ? ? ? ? ? ? 2.620 ? ? 
# 
_struct_conn_type.id          metalc 
_struct_conn_type.criteria    ? 
_struct_conn_type.reference   ? 
# 
loop_
_pdbx_struct_conn_angle.id 
_pdbx_struct_conn_angle.ptnr1_label_atom_id 
_pdbx_struct_conn_angle.ptnr1_label_alt_id 
_pdbx_struct_conn_angle.ptnr1_label_asym_id 
_pdbx_struct_conn_angle.ptnr1_label_comp_id 
_pdbx_struct_conn_angle.ptnr1_label_seq_id 
_pdbx_struct_conn_angle.ptnr1_auth_atom_id 
_pdbx_struct_conn_angle.ptnr1_auth_asym_id 
_pdbx_struct_conn_angle.ptnr1_auth_comp_id 
_pdbx_struct_conn_angle.ptnr1_auth_seq_id 
_pdbx_struct_conn_angle.ptnr1_PDB_ins_code 
_pdbx_struct_conn_angle.ptnr1_symmetry 
_pdbx_struct_conn_angle.ptnr2_label_atom_id 
_pdbx_struct_conn_angle.ptnr2_label_alt_id 
_pdbx_struct_conn_angle.ptnr2_label_asym_id 
_pdbx_struct_conn_angle.ptnr2_label_comp_id 
_pdbx_struct_conn_angle.ptnr2_label_seq_id 
_pdbx_struct_conn_angle.ptnr2_auth_atom_id 
_pdbx_struct_conn_angle.ptnr2_auth_asym_id 
_pdbx_struct_conn_angle.ptnr2_auth_comp_id 
_pdbx_struct_conn_angle.ptnr2_auth_seq_id 
_pdbx_struct_conn_angle.ptnr2_PDB_ins_code 
_pdbx_struct_conn_angle.ptnr2_symmetry 
_pdbx_struct_conn_angle.ptnr3_label_atom_id 
_pdbx_struct_conn_angle.ptnr3_label_alt_id 
_pdbx_struct_conn_angle.ptnr3_label_asym_id 
_pdbx_struct_conn_angle.ptnr3_label_comp_id 
_pdbx_struct_conn_angle.ptnr3_label_seq_id 
_pdbx_struct_conn_angle.ptnr3_auth_atom_id 
_pdbx_struct_conn_angle.ptnr3_auth_asym_id 
_pdbx_struct_conn_angle.ptnr3_auth_comp_id 
_pdbx_struct_conn_angle.ptnr3_auth_seq_id 
_pdbx_struct_conn_angle.ptnr3_PDB_ins_code 
_pdbx_struct_conn_angle.ptnr3_symmetry 
_pdbx_struct_conn_angle.value 
_pdbx_struct_conn_angle.value_esd 
1  NE2 ? A HIS 53 ? A HIS 76  ? 1_555 FE ? B FE . ? A FE 201 ? 1_555 NE2 ? A HIS 55 ? A HIS 78  ? 1_555 105.6 ? 
2  NE2 ? A HIS 53 ? A HIS 76  ? 1_555 FE ? B FE . ? A FE 201 ? 1_555 NE2 ? A HIS 91 ? A HIS 114 ? 1_555 98.3  ? 
3  NE2 ? A HIS 55 ? A HIS 78  ? 1_555 FE ? B FE . ? A FE 201 ? 1_555 NE2 ? A HIS 91 ? A HIS 114 ? 1_555 109.9 ? 
4  NE2 ? A HIS 53 ? A HIS 76  ? 1_555 FE ? B FE . ? A FE 201 ? 1_555 O   ? C ACT .  ? A ACT 202 ? 1_555 121.1 ? 
5  NE2 ? A HIS 55 ? A HIS 78  ? 1_555 FE ? B FE . ? A FE 201 ? 1_555 O   ? C ACT .  ? A ACT 202 ? 1_555 119.3 ? 
6  NE2 ? A HIS 91 ? A HIS 114 ? 1_555 FE ? B FE . ? A FE 201 ? 1_555 O   ? C ACT .  ? A ACT 202 ? 1_555 100.0 ? 
7  NE2 ? A HIS 53 ? A HIS 76  ? 1_555 FE ? B FE . ? A FE 201 ? 1_555 OXT ? C ACT .  ? A ACT 202 ? 1_555 95.6  ? 
8  NE2 ? A HIS 55 ? A HIS 78  ? 1_555 FE ? B FE . ? A FE 201 ? 1_555 OXT ? C ACT .  ? A ACT 202 ? 1_555 86.5  ? 
9  NE2 ? A HIS 91 ? A HIS 114 ? 1_555 FE ? B FE . ? A FE 201 ? 1_555 OXT ? C ACT .  ? A ACT 202 ? 1_555 154.6 ? 
10 O   ? C ACT .  ? A ACT 202 ? 1_555 FE ? B FE . ? A FE 201 ? 1_555 OXT ? C ACT .  ? A ACT 202 ? 1_555 54.6  ? 
# 
_struct_mon_prot_cis.pdbx_id                1 
_struct_mon_prot_cis.label_comp_id          GLY 
_struct_mon_prot_cis.label_seq_id           110 
_struct_mon_prot_cis.label_asym_id          A 
_struct_mon_prot_cis.label_alt_id           . 
_struct_mon_prot_cis.pdbx_PDB_ins_code      ? 
_struct_mon_prot_cis.auth_comp_id           GLY 
_struct_mon_prot_cis.auth_seq_id            133 
_struct_mon_prot_cis.auth_asym_id           A 
_struct_mon_prot_cis.pdbx_label_comp_id_2   PRO 
_struct_mon_prot_cis.pdbx_label_seq_id_2    111 
_struct_mon_prot_cis.pdbx_label_asym_id_2   A 
_struct_mon_prot_cis.pdbx_PDB_ins_code_2    ? 
_struct_mon_prot_cis.pdbx_auth_comp_id_2    PRO 
_struct_mon_prot_cis.pdbx_auth_seq_id_2     134 
_struct_mon_prot_cis.pdbx_auth_asym_id_2    A 
_struct_mon_prot_cis.pdbx_PDB_model_num     1 
_struct_mon_prot_cis.pdbx_omega_angle       -0.95 
# 
loop_
_struct_sheet.id 
_struct_sheet.type 
_struct_sheet.number_strands 
_struct_sheet.details 
AA1 ? 6 ? 
AA2 ? 6 ? 
# 
loop_
_struct_sheet_order.sheet_id 
_struct_sheet_order.range_id_1 
_struct_sheet_order.range_id_2 
_struct_sheet_order.offset 
_struct_sheet_order.sense 
AA1 1 2 ? anti-parallel 
AA1 2 3 ? anti-parallel 
AA1 3 4 ? anti-parallel 
AA1 4 5 ? anti-parallel 
AA1 5 6 ? anti-parallel 
AA2 1 2 ? anti-parallel 
AA2 2 3 ? anti-parallel 
AA2 3 4 ? anti-parallel 
AA2 4 5 ? anti-parallel 
AA2 5 6 ? anti-parallel 
# 
loop_
_struct_sheet_range.sheet_id 
_struct_sheet_range.id 
_struct_sheet_range.beg_label_comp_id 
_struct_sheet_range.beg_label_asym_id 
_struct_sheet_range.beg_label_seq_id 
_struct_sheet_range.pdbx_beg_PDB_ins_code 
_struct_sheet_range.end_label_comp_id 
_struct_sheet_range.end_label_asym_id 
_struct_sheet_range.end_label_seq_id 
_struct_sheet_range.pdbx_end_PDB_ins_code 
_struct_sheet_range.beg_auth_comp_id 
_struct_sheet_range.beg_auth_asym_id 
_struct_sheet_range.beg_auth_seq_id 
_struct_sheet_range.end_auth_comp_id 
_struct_sheet_range.end_auth_asym_id 
_struct_sheet_range.end_auth_seq_id 
AA1 1 VAL A 18  ? PRO A 19  ? VAL A 41  PRO A 42  
AA1 2 ALA A 25  ? SER A 32  ? ALA A 48  SER A 55  
AA1 3 ARG A 37  ? ALA A 44  ? ARG A 60  ALA A 67  
AA1 4 MET A 102 ? GLN A 109 ? MET A 125 GLN A 132 
AA1 5 VAL A 59  ? SER A 65  ? VAL A 82  SER A 88  
AA1 6 PHE A 82  ? GLU A 85  ? PHE A 105 GLU A 108 
AA2 1 ALA A 77  ? THR A 78  ? ALA A 100 THR A 101 
AA2 2 LYS A 67  ? TYR A 70  ? LYS A 90  TYR A 93  
AA2 3 HIS A 91  ? ALA A 95  ? HIS A 114 ALA A 118 
AA2 4 GLY A 48  ? TYR A 54  ? GLY A 71  TYR A 77  
AA2 5 LEU A 112 ? LEU A 115 ? LEU A 135 LEU A 138 
AA2 6 SER A 121 ? PHE A 125 ? SER A 144 PHE A 148 
# 
loop_
_pdbx_struct_sheet_hbond.sheet_id 
_pdbx_struct_sheet_hbond.range_id_1 
_pdbx_struct_sheet_hbond.range_id_2 
_pdbx_struct_sheet_hbond.range_1_label_atom_id 
_pdbx_struct_sheet_hbond.range_1_label_comp_id 
_pdbx_struct_sheet_hbond.range_1_label_asym_id 
_pdbx_struct_sheet_hbond.range_1_label_seq_id 
_pdbx_struct_sheet_hbond.range_1_PDB_ins_code 
_pdbx_struct_sheet_hbond.range_1_auth_atom_id 
_pdbx_struct_sheet_hbond.range_1_auth_comp_id 
_pdbx_struct_sheet_hbond.range_1_auth_asym_id 
_pdbx_struct_sheet_hbond.range_1_auth_seq_id 
_pdbx_struct_sheet_hbond.range_2_label_atom_id 
_pdbx_struct_sheet_hbond.range_2_label_comp_id 
_pdbx_struct_sheet_hbond.range_2_label_asym_id 
_pdbx_struct_sheet_hbond.range_2_label_seq_id 
_pdbx_struct_sheet_hbond.range_2_PDB_ins_code 
_pdbx_struct_sheet_hbond.range_2_auth_atom_id 
_pdbx_struct_sheet_hbond.range_2_auth_comp_id 
_pdbx_struct_sheet_hbond.range_2_auth_asym_id 
_pdbx_struct_sheet_hbond.range_2_auth_seq_id 
AA1 1 2 N VAL A 18  ? N VAL A 41  O SER A 26  ? O SER A 49  
AA1 2 3 N ALA A 25  ? N ALA A 48  O LEU A 43  ? O LEU A 66  
AA1 3 4 N TRP A 38  ? N TRP A 61  O VAL A 108 ? O VAL A 131 
AA1 4 5 O PHE A 105 ? O PHE A 128 N TYR A 62  ? N TYR A 85  
AA1 5 6 N VAL A 59  ? N VAL A 82  O GLU A 85  ? O GLU A 108 
AA2 1 2 O ALA A 77  ? O ALA A 100 N TRP A 68  ? N TRP A 91  
AA2 2 3 N GLY A 69  ? N GLY A 92  O VAL A 94  ? O VAL A 117 
AA2 3 4 O HIS A 91  ? O HIS A 114 N HIS A 53  ? N HIS A 76  
AA2 4 5 N TYR A 54  ? N TYR A 77  O ILE A 113 ? O ILE A 136 
AA2 5 6 N LEU A 112 ? N LEU A 135 O PHE A 125 ? O PHE A 148 
# 
loop_
_struct_site.id 
_struct_site.pdbx_evidence_code 
_struct_site.pdbx_auth_asym_id 
_struct_site.pdbx_auth_comp_id 
_struct_site.pdbx_auth_seq_id 
_struct_site.pdbx_auth_ins_code 
_struct_site.pdbx_num_residues 
_struct_site.details 
AC1 Software A FE  201 ? 4 'binding site for residue FE A 201'  
AC2 Software A ACT 202 ? 7 'binding site for residue ACT A 202' 
AC3 Software A GOL 203 ? 5 'binding site for residue GOL A 203' 
# 
loop_
_struct_site_gen.id 
_struct_site_gen.site_id 
_struct_site_gen.pdbx_num_res 
_struct_site_gen.label_comp_id 
_struct_site_gen.label_asym_id 
_struct_site_gen.label_seq_id 
_struct_site_gen.pdbx_auth_ins_code 
_struct_site_gen.auth_comp_id 
_struct_site_gen.auth_asym_id 
_struct_site_gen.auth_seq_id 
_struct_site_gen.label_atom_id 
_struct_site_gen.label_alt_id 
_struct_site_gen.symmetry 
_struct_site_gen.details 
1  AC1 4 HIS A 53  ? HIS A 76  . ? 1_555 ? 
2  AC1 4 HIS A 55  ? HIS A 78  . ? 1_555 ? 
3  AC1 4 HIS A 91  ? HIS A 114 . ? 1_555 ? 
4  AC1 4 ACT C .   ? ACT A 202 . ? 1_555 ? 
5  AC2 7 HIS A 53  ? HIS A 76  . ? 1_555 ? 
6  AC2 7 HIS A 55  ? HIS A 78  . ? 1_555 ? 
7  AC2 7 TYR A 70  ? TYR A 93  . ? 1_555 ? 
8  AC2 7 HIS A 91  ? HIS A 114 . ? 1_555 ? 
9  AC2 7 PHE A 106 ? PHE A 129 . ? 1_555 ? 
10 AC2 7 FE  B .   ? FE  A 201 . ? 1_555 ? 
11 AC2 7 GOL D .   ? GOL A 203 . ? 1_555 ? 
12 AC3 5 PHE A 20  ? PHE A 43  . ? 1_555 ? 
13 AC3 5 TRP A 38  ? TRP A 61  . ? 1_555 ? 
14 AC3 5 ASP A 40  ? ASP A 63  . ? 1_555 ? 
15 AC3 5 TYR A 130 ? TYR A 153 . ? 1_555 ? 
16 AC3 5 ACT C .   ? ACT A 202 . ? 1_555 ? 
# 
loop_
_pdbx_validate_close_contact.id 
_pdbx_validate_close_contact.PDB_model_num 
_pdbx_validate_close_contact.auth_atom_id_1 
_pdbx_validate_close_contact.auth_asym_id_1 
_pdbx_validate_close_contact.auth_comp_id_1 
_pdbx_validate_close_contact.auth_seq_id_1 
_pdbx_validate_close_contact.PDB_ins_code_1 
_pdbx_validate_close_contact.label_alt_id_1 
_pdbx_validate_close_contact.auth_atom_id_2 
_pdbx_validate_close_contact.auth_asym_id_2 
_pdbx_validate_close_contact.auth_comp_id_2 
_pdbx_validate_close_contact.auth_seq_id_2 
_pdbx_validate_close_contact.PDB_ins_code_2 
_pdbx_validate_close_contact.label_alt_id_2 
_pdbx_validate_close_contact.dist 
1 1 O A HOH 323 ? ? O A HOH 331 ? ? 0.18 
2 1 O A HOH 325 ? ? O A HOH 421 ? ? 1.91 
# 
loop_
_pdbx_validate_rmsd_bond.id 
_pdbx_validate_rmsd_bond.PDB_model_num 
_pdbx_validate_rmsd_bond.auth_atom_id_1 
_pdbx_validate_rmsd_bond.auth_asym_id_1 
_pdbx_validate_rmsd_bond.auth_comp_id_1 
_pdbx_validate_rmsd_bond.auth_seq_id_1 
_pdbx_validate_rmsd_bond.PDB_ins_code_1 
_pdbx_validate_rmsd_bond.label_alt_id_1 
_pdbx_validate_rmsd_bond.auth_atom_id_2 
_pdbx_validate_rmsd_bond.auth_asym_id_2 
_pdbx_validate_rmsd_bond.auth_comp_id_2 
_pdbx_validate_rmsd_bond.auth_seq_id_2 
_pdbx_validate_rmsd_bond.PDB_ins_code_2 
_pdbx_validate_rmsd_bond.label_alt_id_2 
_pdbx_validate_rmsd_bond.bond_value 
_pdbx_validate_rmsd_bond.bond_target_value 
_pdbx_validate_rmsd_bond.bond_deviation 
_pdbx_validate_rmsd_bond.bond_standard_deviation 
_pdbx_validate_rmsd_bond.linker_flag 
1 1 CG A GLU 37  ? ? CD  A GLU 37  ? ? 1.661 1.515 0.146  0.015 N 
2 1 CB A CYS 62  ? ? SG  A CYS 62  ? A 1.664 1.812 -0.148 0.016 N 
3 1 CD A GLU 108 ? ? OE1 A GLU 108 ? ? 1.327 1.252 0.075  0.011 N 
4 1 CD A GLU 120 ? ? OE1 A GLU 120 ? ? 1.344 1.252 0.092  0.011 N 
# 
loop_
_pdbx_validate_rmsd_angle.id 
_pdbx_validate_rmsd_angle.PDB_model_num 
_pdbx_validate_rmsd_angle.auth_atom_id_1 
_pdbx_validate_rmsd_angle.auth_asym_id_1 
_pdbx_validate_rmsd_angle.auth_comp_id_1 
_pdbx_validate_rmsd_angle.auth_seq_id_1 
_pdbx_validate_rmsd_angle.PDB_ins_code_1 
_pdbx_validate_rmsd_angle.label_alt_id_1 
_pdbx_validate_rmsd_angle.auth_atom_id_2 
_pdbx_validate_rmsd_angle.auth_asym_id_2 
_pdbx_validate_rmsd_angle.auth_comp_id_2 
_pdbx_validate_rmsd_angle.auth_seq_id_2 
_pdbx_validate_rmsd_angle.PDB_ins_code_2 
_pdbx_validate_rmsd_angle.label_alt_id_2 
_pdbx_validate_rmsd_angle.auth_atom_id_3 
_pdbx_validate_rmsd_angle.auth_asym_id_3 
_pdbx_validate_rmsd_angle.auth_comp_id_3 
_pdbx_validate_rmsd_angle.auth_seq_id_3 
_pdbx_validate_rmsd_angle.PDB_ins_code_3 
_pdbx_validate_rmsd_angle.label_alt_id_3 
_pdbx_validate_rmsd_angle.angle_value 
_pdbx_validate_rmsd_angle.angle_target_value 
_pdbx_validate_rmsd_angle.angle_deviation 
_pdbx_validate_rmsd_angle.angle_standard_deviation 
_pdbx_validate_rmsd_angle.linker_flag 
1 1 OE1 A GLU 37  ? ? CD A GLU 37  ? ? OE2 A GLU 37  ? ? 113.66 123.30 -9.64 1.20 N 
2 1 CA  A CYS 62  ? ? CB A CYS 62  ? ? SG  A CYS 62  ? A 123.36 114.20 9.16  1.10 N 
3 1 CA  A CYS 62  ? ? CB A CYS 62  ? ? SG  A CYS 62  ? B 128.23 114.20 14.03 1.10 N 
4 1 CG  A GLU 108 ? ? CD A GLU 108 ? ? OE1 A GLU 108 ? ? 130.48 118.30 12.18 2.00 N 
# 
_pdbx_validate_torsion.id              1 
_pdbx_validate_torsion.PDB_model_num   1 
_pdbx_validate_torsion.auth_comp_id    GLU 
_pdbx_validate_torsion.auth_asym_id    A 
_pdbx_validate_torsion.auth_seq_id     69 
_pdbx_validate_torsion.PDB_ins_code    ? 
_pdbx_validate_torsion.label_alt_id    ? 
_pdbx_validate_torsion.phi             -136.03 
_pdbx_validate_torsion.psi             -156.53 
# 
_pdbx_struct_special_symmetry.id              1 
_pdbx_struct_special_symmetry.PDB_model_num   1 
_pdbx_struct_special_symmetry.auth_asym_id    A 
_pdbx_struct_special_symmetry.auth_comp_id    HOH 
_pdbx_struct_special_symmetry.auth_seq_id     425 
_pdbx_struct_special_symmetry.PDB_ins_code    ? 
_pdbx_struct_special_symmetry.label_asym_id   E 
_pdbx_struct_special_symmetry.label_comp_id   HOH 
_pdbx_struct_special_symmetry.label_seq_id    . 
# 
loop_
_chem_comp_atom.comp_id 
_chem_comp_atom.atom_id 
_chem_comp_atom.type_symbol 
_chem_comp_atom.pdbx_aromatic_flag 
_chem_comp_atom.pdbx_stereo_config 
_chem_comp_atom.pdbx_ordinal 
ACT C    C  N N 1   
ACT O    O  N N 2   
ACT OXT  O  N N 3   
ACT CH3  C  N N 4   
ACT H1   H  N N 5   
ACT H2   H  N N 6   
ACT H3   H  N N 7   
ALA N    N  N N 8   
ALA CA   C  N S 9   
ALA C    C  N N 10  
ALA O    O  N N 11  
ALA CB   C  N N 12  
ALA OXT  O  N N 13  
ALA H    H  N N 14  
ALA H2   H  N N 15  
ALA HA   H  N N 16  
ALA HB1  H  N N 17  
ALA HB2  H  N N 18  
ALA HB3  H  N N 19  
ALA HXT  H  N N 20  
ARG N    N  N N 21  
ARG CA   C  N S 22  
ARG C    C  N N 23  
ARG O    O  N N 24  
ARG CB   C  N N 25  
ARG CG   C  N N 26  
ARG CD   C  N N 27  
ARG NE   N  N N 28  
ARG CZ   C  N N 29  
ARG NH1  N  N N 30  
ARG NH2  N  N N 31  
ARG OXT  O  N N 32  
ARG H    H  N N 33  
ARG H2   H  N N 34  
ARG HA   H  N N 35  
ARG HB2  H  N N 36  
ARG HB3  H  N N 37  
ARG HG2  H  N N 38  
ARG HG3  H  N N 39  
ARG HD2  H  N N 40  
ARG HD3  H  N N 41  
ARG HE   H  N N 42  
ARG HH11 H  N N 43  
ARG HH12 H  N N 44  
ARG HH21 H  N N 45  
ARG HH22 H  N N 46  
ARG HXT  H  N N 47  
ASN N    N  N N 48  
ASN CA   C  N S 49  
ASN C    C  N N 50  
ASN O    O  N N 51  
ASN CB   C  N N 52  
ASN CG   C  N N 53  
ASN OD1  O  N N 54  
ASN ND2  N  N N 55  
ASN OXT  O  N N 56  
ASN H    H  N N 57  
ASN H2   H  N N 58  
ASN HA   H  N N 59  
ASN HB2  H  N N 60  
ASN HB3  H  N N 61  
ASN HD21 H  N N 62  
ASN HD22 H  N N 63  
ASN HXT  H  N N 64  
ASP N    N  N N 65  
ASP CA   C  N S 66  
ASP C    C  N N 67  
ASP O    O  N N 68  
ASP CB   C  N N 69  
ASP CG   C  N N 70  
ASP OD1  O  N N 71  
ASP OD2  O  N N 72  
ASP OXT  O  N N 73  
ASP H    H  N N 74  
ASP H2   H  N N 75  
ASP HA   H  N N 76  
ASP HB2  H  N N 77  
ASP HB3  H  N N 78  
ASP HD2  H  N N 79  
ASP HXT  H  N N 80  
CYS N    N  N N 81  
CYS CA   C  N R 82  
CYS C    C  N N 83  
CYS O    O  N N 84  
CYS CB   C  N N 85  
CYS SG   S  N N 86  
CYS OXT  O  N N 87  
CYS H    H  N N 88  
CYS H2   H  N N 89  
CYS HA   H  N N 90  
CYS HB2  H  N N 91  
CYS HB3  H  N N 92  
CYS HG   H  N N 93  
CYS HXT  H  N N 94  
FE  FE   FE N N 95  
GLN N    N  N N 96  
GLN CA   C  N S 97  
GLN C    C  N N 98  
GLN O    O  N N 99  
GLN CB   C  N N 100 
GLN CG   C  N N 101 
GLN CD   C  N N 102 
GLN OE1  O  N N 103 
GLN NE2  N  N N 104 
GLN OXT  O  N N 105 
GLN H    H  N N 106 
GLN H2   H  N N 107 
GLN HA   H  N N 108 
GLN HB2  H  N N 109 
GLN HB3  H  N N 110 
GLN HG2  H  N N 111 
GLN HG3  H  N N 112 
GLN HE21 H  N N 113 
GLN HE22 H  N N 114 
GLN HXT  H  N N 115 
GLU N    N  N N 116 
GLU CA   C  N S 117 
GLU C    C  N N 118 
GLU O    O  N N 119 
GLU CB   C  N N 120 
GLU CG   C  N N 121 
GLU CD   C  N N 122 
GLU OE1  O  N N 123 
GLU OE2  O  N N 124 
GLU OXT  O  N N 125 
GLU H    H  N N 126 
GLU H2   H  N N 127 
GLU HA   H  N N 128 
GLU HB2  H  N N 129 
GLU HB3  H  N N 130 
GLU HG2  H  N N 131 
GLU HG3  H  N N 132 
GLU HE2  H  N N 133 
GLU HXT  H  N N 134 
GLY N    N  N N 135 
GLY CA   C  N N 136 
GLY C    C  N N 137 
GLY O    O  N N 138 
GLY OXT  O  N N 139 
GLY H    H  N N 140 
GLY H2   H  N N 141 
GLY HA2  H  N N 142 
GLY HA3  H  N N 143 
GLY HXT  H  N N 144 
GOL C1   C  N N 145 
GOL O1   O  N N 146 
GOL C2   C  N N 147 
GOL O2   O  N N 148 
GOL C3   C  N N 149 
GOL O3   O  N N 150 
GOL H11  H  N N 151 
GOL H12  H  N N 152 
GOL HO1  H  N N 153 
GOL H2   H  N N 154 
GOL HO2  H  N N 155 
GOL H31  H  N N 156 
GOL H32  H  N N 157 
GOL HO3  H  N N 158 
HIS N    N  N N 159 
HIS CA   C  N S 160 
HIS C    C  N N 161 
HIS O    O  N N 162 
HIS CB   C  N N 163 
HIS CG   C  Y N 164 
HIS ND1  N  Y N 165 
HIS CD2  C  Y N 166 
HIS CE1  C  Y N 167 
HIS NE2  N  Y N 168 
HIS OXT  O  N N 169 
HIS H    H  N N 170 
HIS H2   H  N N 171 
HIS HA   H  N N 172 
HIS HB2  H  N N 173 
HIS HB3  H  N N 174 
HIS HD1  H  N N 175 
HIS HD2  H  N N 176 
HIS HE1  H  N N 177 
HIS HE2  H  N N 178 
HIS HXT  H  N N 179 
HOH O    O  N N 180 
HOH H1   H  N N 181 
HOH H2   H  N N 182 
ILE N    N  N N 183 
ILE CA   C  N S 184 
ILE C    C  N N 185 
ILE O    O  N N 186 
ILE CB   C  N S 187 
ILE CG1  C  N N 188 
ILE CG2  C  N N 189 
ILE CD1  C  N N 190 
ILE OXT  O  N N 191 
ILE H    H  N N 192 
ILE H2   H  N N 193 
ILE HA   H  N N 194 
ILE HB   H  N N 195 
ILE HG12 H  N N 196 
ILE HG13 H  N N 197 
ILE HG21 H  N N 198 
ILE HG22 H  N N 199 
ILE HG23 H  N N 200 
ILE HD11 H  N N 201 
ILE HD12 H  N N 202 
ILE HD13 H  N N 203 
ILE HXT  H  N N 204 
LEU N    N  N N 205 
LEU CA   C  N S 206 
LEU C    C  N N 207 
LEU O    O  N N 208 
LEU CB   C  N N 209 
LEU CG   C  N N 210 
LEU CD1  C  N N 211 
LEU CD2  C  N N 212 
LEU OXT  O  N N 213 
LEU H    H  N N 214 
LEU H2   H  N N 215 
LEU HA   H  N N 216 
LEU HB2  H  N N 217 
LEU HB3  H  N N 218 
LEU HG   H  N N 219 
LEU HD11 H  N N 220 
LEU HD12 H  N N 221 
LEU HD13 H  N N 222 
LEU HD21 H  N N 223 
LEU HD22 H  N N 224 
LEU HD23 H  N N 225 
LEU HXT  H  N N 226 
LYS N    N  N N 227 
LYS CA   C  N S 228 
LYS C    C  N N 229 
LYS O    O  N N 230 
LYS CB   C  N N 231 
LYS CG   C  N N 232 
LYS CD   C  N N 233 
LYS CE   C  N N 234 
LYS NZ   N  N N 235 
LYS OXT  O  N N 236 
LYS H    H  N N 237 
LYS H2   H  N N 238 
LYS HA   H  N N 239 
LYS HB2  H  N N 240 
LYS HB3  H  N N 241 
LYS HG2  H  N N 242 
LYS HG3  H  N N 243 
LYS HD2  H  N N 244 
LYS HD3  H  N N 245 
LYS HE2  H  N N 246 
LYS HE3  H  N N 247 
LYS HZ1  H  N N 248 
LYS HZ2  H  N N 249 
LYS HZ3  H  N N 250 
LYS HXT  H  N N 251 
MET N    N  N N 252 
MET CA   C  N S 253 
MET C    C  N N 254 
MET O    O  N N 255 
MET CB   C  N N 256 
MET CG   C  N N 257 
MET SD   S  N N 258 
MET CE   C  N N 259 
MET OXT  O  N N 260 
MET H    H  N N 261 
MET H2   H  N N 262 
MET HA   H  N N 263 
MET HB2  H  N N 264 
MET HB3  H  N N 265 
MET HG2  H  N N 266 
MET HG3  H  N N 267 
MET HE1  H  N N 268 
MET HE2  H  N N 269 
MET HE3  H  N N 270 
MET HXT  H  N N 271 
PHE N    N  N N 272 
PHE CA   C  N S 273 
PHE C    C  N N 274 
PHE O    O  N N 275 
PHE CB   C  N N 276 
PHE CG   C  Y N 277 
PHE CD1  C  Y N 278 
PHE CD2  C  Y N 279 
PHE CE1  C  Y N 280 
PHE CE2  C  Y N 281 
PHE CZ   C  Y N 282 
PHE OXT  O  N N 283 
PHE H    H  N N 284 
PHE H2   H  N N 285 
PHE HA   H  N N 286 
PHE HB2  H  N N 287 
PHE HB3  H  N N 288 
PHE HD1  H  N N 289 
PHE HD2  H  N N 290 
PHE HE1  H  N N 291 
PHE HE2  H  N N 292 
PHE HZ   H  N N 293 
PHE HXT  H  N N 294 
PRO N    N  N N 295 
PRO CA   C  N S 296 
PRO C    C  N N 297 
PRO O    O  N N 298 
PRO CB   C  N N 299 
PRO CG   C  N N 300 
PRO CD   C  N N 301 
PRO OXT  O  N N 302 
PRO H    H  N N 303 
PRO HA   H  N N 304 
PRO HB2  H  N N 305 
PRO HB3  H  N N 306 
PRO HG2  H  N N 307 
PRO HG3  H  N N 308 
PRO HD2  H  N N 309 
PRO HD3  H  N N 310 
PRO HXT  H  N N 311 
SER N    N  N N 312 
SER CA   C  N S 313 
SER C    C  N N 314 
SER O    O  N N 315 
SER CB   C  N N 316 
SER OG   O  N N 317 
SER OXT  O  N N 318 
SER H    H  N N 319 
SER H2   H  N N 320 
SER HA   H  N N 321 
SER HB2  H  N N 322 
SER HB3  H  N N 323 
SER HG   H  N N 324 
SER HXT  H  N N 325 
THR N    N  N N 326 
THR CA   C  N S 327 
THR C    C  N N 328 
THR O    O  N N 329 
THR CB   C  N R 330 
THR OG1  O  N N 331 
THR CG2  C  N N 332 
THR OXT  O  N N 333 
THR H    H  N N 334 
THR H2   H  N N 335 
THR HA   H  N N 336 
THR HB   H  N N 337 
THR HG1  H  N N 338 
THR HG21 H  N N 339 
THR HG22 H  N N 340 
THR HG23 H  N N 341 
THR HXT  H  N N 342 
TRP N    N  N N 343 
TRP CA   C  N S 344 
TRP C    C  N N 345 
TRP O    O  N N 346 
TRP CB   C  N N 347 
TRP CG   C  Y N 348 
TRP CD1  C  Y N 349 
TRP CD2  C  Y N 350 
TRP NE1  N  Y N 351 
TRP CE2  C  Y N 352 
TRP CE3  C  Y N 353 
TRP CZ2  C  Y N 354 
TRP CZ3  C  Y N 355 
TRP CH2  C  Y N 356 
TRP OXT  O  N N 357 
TRP H    H  N N 358 
TRP H2   H  N N 359 
TRP HA   H  N N 360 
TRP HB2  H  N N 361 
TRP HB3  H  N N 362 
TRP HD1  H  N N 363 
TRP HE1  H  N N 364 
TRP HE3  H  N N 365 
TRP HZ2  H  N N 366 
TRP HZ3  H  N N 367 
TRP HH2  H  N N 368 
TRP HXT  H  N N 369 
TYR N    N  N N 370 
TYR CA   C  N S 371 
TYR C    C  N N 372 
TYR O    O  N N 373 
TYR CB   C  N N 374 
TYR CG   C  Y N 375 
TYR CD1  C  Y N 376 
TYR CD2  C  Y N 377 
TYR CE1  C  Y N 378 
TYR CE2  C  Y N 379 
TYR CZ   C  Y N 380 
TYR OH   O  N N 381 
TYR OXT  O  N N 382 
TYR H    H  N N 383 
TYR H2   H  N N 384 
TYR HA   H  N N 385 
TYR HB2  H  N N 386 
TYR HB3  H  N N 387 
TYR HD1  H  N N 388 
TYR HD2  H  N N 389 
TYR HE1  H  N N 390 
TYR HE2  H  N N 391 
TYR HH   H  N N 392 
TYR HXT  H  N N 393 
VAL N    N  N N 394 
VAL CA   C  N S 395 
VAL C    C  N N 396 
VAL O    O  N N 397 
VAL CB   C  N N 398 
VAL CG1  C  N N 399 
VAL CG2  C  N N 400 
VAL OXT  O  N N 401 
VAL H    H  N N 402 
VAL H2   H  N N 403 
VAL HA   H  N N 404 
VAL HB   H  N N 405 
VAL HG11 H  N N 406 
VAL HG12 H  N N 407 
VAL HG13 H  N N 408 
VAL HG21 H  N N 409 
VAL HG22 H  N N 410 
VAL HG23 H  N N 411 
VAL HXT  H  N N 412 
# 
loop_
_chem_comp_bond.comp_id 
_chem_comp_bond.atom_id_1 
_chem_comp_bond.atom_id_2 
_chem_comp_bond.value_order 
_chem_comp_bond.pdbx_aromatic_flag 
_chem_comp_bond.pdbx_stereo_config 
_chem_comp_bond.pdbx_ordinal 
ACT C   O    doub N N 1   
ACT C   OXT  sing N N 2   
ACT C   CH3  sing N N 3   
ACT CH3 H1   sing N N 4   
ACT CH3 H2   sing N N 5   
ACT CH3 H3   sing N N 6   
ALA N   CA   sing N N 7   
ALA N   H    sing N N 8   
ALA N   H2   sing N N 9   
ALA CA  C    sing N N 10  
ALA CA  CB   sing N N 11  
ALA CA  HA   sing N N 12  
ALA C   O    doub N N 13  
ALA C   OXT  sing N N 14  
ALA CB  HB1  sing N N 15  
ALA CB  HB2  sing N N 16  
ALA CB  HB3  sing N N 17  
ALA OXT HXT  sing N N 18  
ARG N   CA   sing N N 19  
ARG N   H    sing N N 20  
ARG N   H2   sing N N 21  
ARG CA  C    sing N N 22  
ARG CA  CB   sing N N 23  
ARG CA  HA   sing N N 24  
ARG C   O    doub N N 25  
ARG C   OXT  sing N N 26  
ARG CB  CG   sing N N 27  
ARG CB  HB2  sing N N 28  
ARG CB  HB3  sing N N 29  
ARG CG  CD   sing N N 30  
ARG CG  HG2  sing N N 31  
ARG CG  HG3  sing N N 32  
ARG CD  NE   sing N N 33  
ARG CD  HD2  sing N N 34  
ARG CD  HD3  sing N N 35  
ARG NE  CZ   sing N N 36  
ARG NE  HE   sing N N 37  
ARG CZ  NH1  sing N N 38  
ARG CZ  NH2  doub N N 39  
ARG NH1 HH11 sing N N 40  
ARG NH1 HH12 sing N N 41  
ARG NH2 HH21 sing N N 42  
ARG NH2 HH22 sing N N 43  
ARG OXT HXT  sing N N 44  
ASN N   CA   sing N N 45  
ASN N   H    sing N N 46  
ASN N   H2   sing N N 47  
ASN CA  C    sing N N 48  
ASN CA  CB   sing N N 49  
ASN CA  HA   sing N N 50  
ASN C   O    doub N N 51  
ASN C   OXT  sing N N 52  
ASN CB  CG   sing N N 53  
ASN CB  HB2  sing N N 54  
ASN CB  HB3  sing N N 55  
ASN CG  OD1  doub N N 56  
ASN CG  ND2  sing N N 57  
ASN ND2 HD21 sing N N 58  
ASN ND2 HD22 sing N N 59  
ASN OXT HXT  sing N N 60  
ASP N   CA   sing N N 61  
ASP N   H    sing N N 62  
ASP N   H2   sing N N 63  
ASP CA  C    sing N N 64  
ASP CA  CB   sing N N 65  
ASP CA  HA   sing N N 66  
ASP C   O    doub N N 67  
ASP C   OXT  sing N N 68  
ASP CB  CG   sing N N 69  
ASP CB  HB2  sing N N 70  
ASP CB  HB3  sing N N 71  
ASP CG  OD1  doub N N 72  
ASP CG  OD2  sing N N 73  
ASP OD2 HD2  sing N N 74  
ASP OXT HXT  sing N N 75  
CYS N   CA   sing N N 76  
CYS N   H    sing N N 77  
CYS N   H2   sing N N 78  
CYS CA  C    sing N N 79  
CYS CA  CB   sing N N 80  
CYS CA  HA   sing N N 81  
CYS C   O    doub N N 82  
CYS C   OXT  sing N N 83  
CYS CB  SG   sing N N 84  
CYS CB  HB2  sing N N 85  
CYS CB  HB3  sing N N 86  
CYS SG  HG   sing N N 87  
CYS OXT HXT  sing N N 88  
GLN N   CA   sing N N 89  
GLN N   H    sing N N 90  
GLN N   H2   sing N N 91  
GLN CA  C    sing N N 92  
GLN CA  CB   sing N N 93  
GLN CA  HA   sing N N 94  
GLN C   O    doub N N 95  
GLN C   OXT  sing N N 96  
GLN CB  CG   sing N N 97  
GLN CB  HB2  sing N N 98  
GLN CB  HB3  sing N N 99  
GLN CG  CD   sing N N 100 
GLN CG  HG2  sing N N 101 
GLN CG  HG3  sing N N 102 
GLN CD  OE1  doub N N 103 
GLN CD  NE2  sing N N 104 
GLN NE2 HE21 sing N N 105 
GLN NE2 HE22 sing N N 106 
GLN OXT HXT  sing N N 107 
GLU N   CA   sing N N 108 
GLU N   H    sing N N 109 
GLU N   H2   sing N N 110 
GLU CA  C    sing N N 111 
GLU CA  CB   sing N N 112 
GLU CA  HA   sing N N 113 
GLU C   O    doub N N 114 
GLU C   OXT  sing N N 115 
GLU CB  CG   sing N N 116 
GLU CB  HB2  sing N N 117 
GLU CB  HB3  sing N N 118 
GLU CG  CD   sing N N 119 
GLU CG  HG2  sing N N 120 
GLU CG  HG3  sing N N 121 
GLU CD  OE1  doub N N 122 
GLU CD  OE2  sing N N 123 
GLU OE2 HE2  sing N N 124 
GLU OXT HXT  sing N N 125 
GLY N   CA   sing N N 126 
GLY N   H    sing N N 127 
GLY N   H2   sing N N 128 
GLY CA  C    sing N N 129 
GLY CA  HA2  sing N N 130 
GLY CA  HA3  sing N N 131 
GLY C   O    doub N N 132 
GLY C   OXT  sing N N 133 
GLY OXT HXT  sing N N 134 
GOL C1  O1   sing N N 135 
GOL C1  C2   sing N N 136 
GOL C1  H11  sing N N 137 
GOL C1  H12  sing N N 138 
GOL O1  HO1  sing N N 139 
GOL C2  O2   sing N N 140 
GOL C2  C3   sing N N 141 
GOL C2  H2   sing N N 142 
GOL O2  HO2  sing N N 143 
GOL C3  O3   sing N N 144 
GOL C3  H31  sing N N 145 
GOL C3  H32  sing N N 146 
GOL O3  HO3  sing N N 147 
HIS N   CA   sing N N 148 
HIS N   H    sing N N 149 
HIS N   H2   sing N N 150 
HIS CA  C    sing N N 151 
HIS CA  CB   sing N N 152 
HIS CA  HA   sing N N 153 
HIS C   O    doub N N 154 
HIS C   OXT  sing N N 155 
HIS CB  CG   sing N N 156 
HIS CB  HB2  sing N N 157 
HIS CB  HB3  sing N N 158 
HIS CG  ND1  sing Y N 159 
HIS CG  CD2  doub Y N 160 
HIS ND1 CE1  doub Y N 161 
HIS ND1 HD1  sing N N 162 
HIS CD2 NE2  sing Y N 163 
HIS CD2 HD2  sing N N 164 
HIS CE1 NE2  sing Y N 165 
HIS CE1 HE1  sing N N 166 
HIS NE2 HE2  sing N N 167 
HIS OXT HXT  sing N N 168 
HOH O   H1   sing N N 169 
HOH O   H2   sing N N 170 
ILE N   CA   sing N N 171 
ILE N   H    sing N N 172 
ILE N   H2   sing N N 173 
ILE CA  C    sing N N 174 
ILE CA  CB   sing N N 175 
ILE CA  HA   sing N N 176 
ILE C   O    doub N N 177 
ILE C   OXT  sing N N 178 
ILE CB  CG1  sing N N 179 
ILE CB  CG2  sing N N 180 
ILE CB  HB   sing N N 181 
ILE CG1 CD1  sing N N 182 
ILE CG1 HG12 sing N N 183 
ILE CG1 HG13 sing N N 184 
ILE CG2 HG21 sing N N 185 
ILE CG2 HG22 sing N N 186 
ILE CG2 HG23 sing N N 187 
ILE CD1 HD11 sing N N 188 
ILE CD1 HD12 sing N N 189 
ILE CD1 HD13 sing N N 190 
ILE OXT HXT  sing N N 191 
LEU N   CA   sing N N 192 
LEU N   H    sing N N 193 
LEU N   H2   sing N N 194 
LEU CA  C    sing N N 195 
LEU CA  CB   sing N N 196 
LEU CA  HA   sing N N 197 
LEU C   O    doub N N 198 
LEU C   OXT  sing N N 199 
LEU CB  CG   sing N N 200 
LEU CB  HB2  sing N N 201 
LEU CB  HB3  sing N N 202 
LEU CG  CD1  sing N N 203 
LEU CG  CD2  sing N N 204 
LEU CG  HG   sing N N 205 
LEU CD1 HD11 sing N N 206 
LEU CD1 HD12 sing N N 207 
LEU CD1 HD13 sing N N 208 
LEU CD2 HD21 sing N N 209 
LEU CD2 HD22 sing N N 210 
LEU CD2 HD23 sing N N 211 
LEU OXT HXT  sing N N 212 
LYS N   CA   sing N N 213 
LYS N   H    sing N N 214 
LYS N   H2   sing N N 215 
LYS CA  C    sing N N 216 
LYS CA  CB   sing N N 217 
LYS CA  HA   sing N N 218 
LYS C   O    doub N N 219 
LYS C   OXT  sing N N 220 
LYS CB  CG   sing N N 221 
LYS CB  HB2  sing N N 222 
LYS CB  HB3  sing N N 223 
LYS CG  CD   sing N N 224 
LYS CG  HG2  sing N N 225 
LYS CG  HG3  sing N N 226 
LYS CD  CE   sing N N 227 
LYS CD  HD2  sing N N 228 
LYS CD  HD3  sing N N 229 
LYS CE  NZ   sing N N 230 
LYS CE  HE2  sing N N 231 
LYS CE  HE3  sing N N 232 
LYS NZ  HZ1  sing N N 233 
LYS NZ  HZ2  sing N N 234 
LYS NZ  HZ3  sing N N 235 
LYS OXT HXT  sing N N 236 
MET N   CA   sing N N 237 
MET N   H    sing N N 238 
MET N   H2   sing N N 239 
MET CA  C    sing N N 240 
MET CA  CB   sing N N 241 
MET CA  HA   sing N N 242 
MET C   O    doub N N 243 
MET C   OXT  sing N N 244 
MET CB  CG   sing N N 245 
MET CB  HB2  sing N N 246 
MET CB  HB3  sing N N 247 
MET CG  SD   sing N N 248 
MET CG  HG2  sing N N 249 
MET CG  HG3  sing N N 250 
MET SD  CE   sing N N 251 
MET CE  HE1  sing N N 252 
MET CE  HE2  sing N N 253 
MET CE  HE3  sing N N 254 
MET OXT HXT  sing N N 255 
PHE N   CA   sing N N 256 
PHE N   H    sing N N 257 
PHE N   H2   sing N N 258 
PHE CA  C    sing N N 259 
PHE CA  CB   sing N N 260 
PHE CA  HA   sing N N 261 
PHE C   O    doub N N 262 
PHE C   OXT  sing N N 263 
PHE CB  CG   sing N N 264 
PHE CB  HB2  sing N N 265 
PHE CB  HB3  sing N N 266 
PHE CG  CD1  doub Y N 267 
PHE CG  CD2  sing Y N 268 
PHE CD1 CE1  sing Y N 269 
PHE CD1 HD1  sing N N 270 
PHE CD2 CE2  doub Y N 271 
PHE CD2 HD2  sing N N 272 
PHE CE1 CZ   doub Y N 273 
PHE CE1 HE1  sing N N 274 
PHE CE2 CZ   sing Y N 275 
PHE CE2 HE2  sing N N 276 
PHE CZ  HZ   sing N N 277 
PHE OXT HXT  sing N N 278 
PRO N   CA   sing N N 279 
PRO N   CD   sing N N 280 
PRO N   H    sing N N 281 
PRO CA  C    sing N N 282 
PRO CA  CB   sing N N 283 
PRO CA  HA   sing N N 284 
PRO C   O    doub N N 285 
PRO C   OXT  sing N N 286 
PRO CB  CG   sing N N 287 
PRO CB  HB2  sing N N 288 
PRO CB  HB3  sing N N 289 
PRO CG  CD   sing N N 290 
PRO CG  HG2  sing N N 291 
PRO CG  HG3  sing N N 292 
PRO CD  HD2  sing N N 293 
PRO CD  HD3  sing N N 294 
PRO OXT HXT  sing N N 295 
SER N   CA   sing N N 296 
SER N   H    sing N N 297 
SER N   H2   sing N N 298 
SER CA  C    sing N N 299 
SER CA  CB   sing N N 300 
SER CA  HA   sing N N 301 
SER C   O    doub N N 302 
SER C   OXT  sing N N 303 
SER CB  OG   sing N N 304 
SER CB  HB2  sing N N 305 
SER CB  HB3  sing N N 306 
SER OG  HG   sing N N 307 
SER OXT HXT  sing N N 308 
THR N   CA   sing N N 309 
THR N   H    sing N N 310 
THR N   H2   sing N N 311 
THR CA  C    sing N N 312 
THR CA  CB   sing N N 313 
THR CA  HA   sing N N 314 
THR C   O    doub N N 315 
THR C   OXT  sing N N 316 
THR CB  OG1  sing N N 317 
THR CB  CG2  sing N N 318 
THR CB  HB   sing N N 319 
THR OG1 HG1  sing N N 320 
THR CG2 HG21 sing N N 321 
THR CG2 HG22 sing N N 322 
THR CG2 HG23 sing N N 323 
THR OXT HXT  sing N N 324 
TRP N   CA   sing N N 325 
TRP N   H    sing N N 326 
TRP N   H2   sing N N 327 
TRP CA  C    sing N N 328 
TRP CA  CB   sing N N 329 
TRP CA  HA   sing N N 330 
TRP C   O    doub N N 331 
TRP C   OXT  sing N N 332 
TRP CB  CG   sing N N 333 
TRP CB  HB2  sing N N 334 
TRP CB  HB3  sing N N 335 
TRP CG  CD1  doub Y N 336 
TRP CG  CD2  sing Y N 337 
TRP CD1 NE1  sing Y N 338 
TRP CD1 HD1  sing N N 339 
TRP CD2 CE2  doub Y N 340 
TRP CD2 CE3  sing Y N 341 
TRP NE1 CE2  sing Y N 342 
TRP NE1 HE1  sing N N 343 
TRP CE2 CZ2  sing Y N 344 
TRP CE3 CZ3  doub Y N 345 
TRP CE3 HE3  sing N N 346 
TRP CZ2 CH2  doub Y N 347 
TRP CZ2 HZ2  sing N N 348 
TRP CZ3 CH2  sing Y N 349 
TRP CZ3 HZ3  sing N N 350 
TRP CH2 HH2  sing N N 351 
TRP OXT HXT  sing N N 352 
TYR N   CA   sing N N 353 
TYR N   H    sing N N 354 
TYR N   H2   sing N N 355 
TYR CA  C    sing N N 356 
TYR CA  CB   sing N N 357 
TYR CA  HA   sing N N 358 
TYR C   O    doub N N 359 
TYR C   OXT  sing N N 360 
TYR CB  CG   sing N N 361 
TYR CB  HB2  sing N N 362 
TYR CB  HB3  sing N N 363 
TYR CG  CD1  doub Y N 364 
TYR CG  CD2  sing Y N 365 
TYR CD1 CE1  sing Y N 366 
TYR CD1 HD1  sing N N 367 
TYR CD2 CE2  doub Y N 368 
TYR CD2 HD2  sing N N 369 
TYR CE1 CZ   doub Y N 370 
TYR CE1 HE1  sing N N 371 
TYR CE2 CZ   sing Y N 372 
TYR CE2 HE2  sing N N 373 
TYR CZ  OH   sing N N 374 
TYR OH  HH   sing N N 375 
TYR OXT HXT  sing N N 376 
VAL N   CA   sing N N 377 
VAL N   H    sing N N 378 
VAL N   H2   sing N N 379 
VAL CA  C    sing N N 380 
VAL CA  CB   sing N N 381 
VAL CA  HA   sing N N 382 
VAL C   O    doub N N 383 
VAL C   OXT  sing N N 384 
VAL CB  CG1  sing N N 385 
VAL CB  CG2  sing N N 386 
VAL CB  HB   sing N N 387 
VAL CG1 HG11 sing N N 388 
VAL CG1 HG12 sing N N 389 
VAL CG1 HG13 sing N N 390 
VAL CG2 HG21 sing N N 391 
VAL CG2 HG22 sing N N 392 
VAL CG2 HG23 sing N N 393 
VAL OXT HXT  sing N N 394 
# 
_pdbx_initial_refinement_model.id               1 
_pdbx_initial_refinement_model.entity_id_list   ? 
_pdbx_initial_refinement_model.type             'experimental model' 
_pdbx_initial_refinement_model.source_name      PDB 
_pdbx_initial_refinement_model.accession_code   4P9G 
_pdbx_initial_refinement_model.details          ? 
# 
_atom_sites.entry_id                    5BPX 
_atom_sites.fract_transf_matrix[1][1]   -0.00626240 
_atom_sites.fract_transf_matrix[1][2]   0.00740867 
_atom_sites.fract_transf_matrix[1][3]   0.00991344 
_atom_sites.fract_transf_matrix[2][1]   -0.00360594 
_atom_sites.fract_transf_matrix[2][2]   0.01317270 
_atom_sites.fract_transf_matrix[2][3]   -0.00241951 
_atom_sites.fract_transf_matrix[3][1]   -0.00779970 
_atom_sites.fract_transf_matrix[3][2]   -0.00267317 
_atom_sites.fract_transf_matrix[3][3]   -0.00292938 
_atom_sites.fract_transf_vector[1]      -0.437068 
_atom_sites.fract_transf_vector[2]      -0.286448 
_atom_sites.fract_transf_vector[3]      0.050792 
# 
loop_
_atom_type.symbol 
C  
FE 
N  
O  
S  
# 
loop_
_atom_site.group_PDB 
_atom_site.id 
_atom_site.type_symbol 
_atom_site.label_atom_id 
_atom_site.label_alt_id 
_atom_site.label_comp_id 
_atom_site.label_asym_id 
_atom_site.label_entity_id 
_atom_site.label_seq_id 
_atom_site.pdbx_PDB_ins_code 
_atom_site.Cartn_x 
_atom_site.Cartn_y 
_atom_site.Cartn_z 
_atom_site.occupancy 
_atom_site.B_iso_or_equiv 
_atom_site.pdbx_formal_charge 
_atom_site.auth_seq_id 
_atom_site.auth_comp_id 
_atom_site.auth_asym_id 
_atom_site.auth_atom_id 
_atom_site.pdbx_PDB_model_num 
ATOM   1    N  N   . LEU A 1 1   ? -18.008 -17.875 0.121   1.00 55.04  ? 24  LEU A N   1 
ATOM   2    C  CA  . LEU A 1 1   ? -18.080 -16.540 -0.596  1.00 55.69  ? 24  LEU A CA  1 
ATOM   3    C  C   . LEU A 1 1   ? -17.220 -16.551 -1.854  1.00 39.94  ? 24  LEU A C   1 
ATOM   4    O  O   . LEU A 1 1   ? -16.404 -17.448 -2.047  1.00 38.48  ? 24  LEU A O   1 
ATOM   5    C  CB  . LEU A 1 1   ? -17.756 -15.355 0.327   1.00 62.13  ? 24  LEU A CB  1 
ATOM   6    C  CG  . LEU A 1 1   ? -16.417 -15.109 1.013   1.00 63.19  ? 24  LEU A CG  1 
ATOM   7    C  CD1 . LEU A 1 1   ? -16.656 -14.110 2.156   1.00 60.03  ? 24  LEU A CD1 1 
ATOM   8    C  CD2 . LEU A 1 1   ? -15.750 -16.374 1.545   1.00 73.72  ? 24  LEU A CD2 1 
ATOM   9    N  N   . PRO A 1 2   ? -17.417 -15.586 -2.731  1.00 33.77  ? 25  PRO A N   1 
ATOM   10   C  CA  . PRO A 1 2   ? -16.819 -15.808 -4.055  1.00 27.97  ? 25  PRO A CA  1 
ATOM   11   C  C   . PRO A 1 2   ? -15.263 -15.510 -4.127  1.00 24.18  ? 25  PRO A C   1 
ATOM   12   O  O   . PRO A 1 2   ? -14.628 -14.912 -3.209  1.00 23.63  ? 25  PRO A O   1 
ATOM   13   C  CB  . PRO A 1 2   ? -17.629 -14.845 -4.930  1.00 35.21  ? 25  PRO A CB  1 
ATOM   14   C  CG  . PRO A 1 2   ? -17.922 -13.678 -4.022  1.00 35.65  ? 25  PRO A CG  1 
ATOM   15   C  CD  . PRO A 1 2   ? -18.045 -14.255 -2.631  1.00 37.84  ? 25  PRO A CD  1 
ATOM   16   N  N   . GLU A 1 3   ? -14.681 -15.945 -5.251  1.00 22.06  ? 26  GLU A N   1 
ATOM   17   C  CA  . GLU A 1 3   ? -13.355 -15.544 -5.646  1.00 22.37  ? 26  GLU A CA  1 
ATOM   18   C  C   . GLU A 1 3   ? -13.380 -14.034 -5.907  1.00 23.85  ? 26  GLU A C   1 
ATOM   19   O  O   . GLU A 1 3   ? -14.455 -13.368 -5.940  1.00 21.70  ? 26  GLU A O   1 
ATOM   20   C  CB  . GLU A 1 3   ? -12.917 -16.348 -6.914  1.00 26.39  ? 26  GLU A CB  1 
ATOM   21   C  CG  . GLU A 1 3   ? -13.349 -15.718 -8.229  1.00 28.81  ? 26  GLU A CG  1 
ATOM   22   C  CD  . GLU A 1 3   ? -14.784 -15.977 -8.667  1.00 33.24  ? 26  GLU A CD  1 
ATOM   23   O  OE1 . GLU A 1 3   ? -15.603 -16.563 -7.851  1.00 29.29  ? 26  GLU A OE1 1 
ATOM   24   O  OE2 . GLU A 1 3   ? -15.062 -15.562 -9.851  1.00 31.51  ? 26  GLU A OE2 1 
ATOM   25   N  N   . ALA A 1 4   ? -12.219 -13.459 -6.132  1.00 21.08  ? 27  ALA A N   1 
ATOM   26   C  CA  . ALA A 1 4   ? -12.158 -12.045 -6.553  1.00 21.22  ? 27  ALA A CA  1 
ATOM   27   C  C   . ALA A 1 4   ? -11.424 -12.023 -7.863  1.00 19.18  ? 27  ALA A C   1 
ATOM   28   O  O   . ALA A 1 4   ? -10.452 -12.796 -8.072  1.00 17.72  ? 27  ALA A O   1 
ATOM   29   C  CB  . ALA A 1 4   ? -11.438 -11.217 -5.522  1.00 21.78  ? 27  ALA A CB  1 
ATOM   30   N  N   . TYR A 1 5   ? -11.941 -11.265 -8.798  1.00 16.62  ? 28  TYR A N   1 
ATOM   31   C  CA  . TYR A 1 5   ? -11.243 -11.031 -10.072 1.00 15.22  ? 28  TYR A CA  1 
ATOM   32   C  C   . TYR A 1 5   ? -11.359 -9.491  -10.231 1.00 20.25  ? 28  TYR A C   1 
ATOM   33   O  O   . TYR A 1 5   ? -12.468 -8.940  -10.325 1.00 17.04  ? 28  TYR A O   1 
ATOM   34   C  CB  . TYR A 1 5   ? -11.864 -11.737 -11.223 1.00 16.01  ? 28  TYR A CB  1 
ATOM   35   C  CG  . TYR A 1 5   ? -11.494 -11.243 -12.582 1.00 16.71  ? 28  TYR A CG  1 
ATOM   36   C  CD1 . TYR A 1 5   ? -10.236 -11.497 -13.106 1.00 16.55  ? 28  TYR A CD1 1 
ATOM   37   C  CD2 . TYR A 1 5   ? -12.390 -10.561 -13.362 1.00 18.53  ? 28  TYR A CD2 1 
ATOM   38   C  CE1 . TYR A 1 5   ? -9.851  -10.994 -14.344 1.00 17.02  ? 28  TYR A CE1 1 
ATOM   39   C  CE2 . TYR A 1 5   ? -12.052 -10.082 -14.636 1.00 18.98  ? 28  TYR A CE2 1 
ATOM   40   C  CZ  . TYR A 1 5   ? -10.783 -10.322 -15.125 1.00 19.67  ? 28  TYR A CZ  1 
ATOM   41   O  OH  . TYR A 1 5   ? -10.356 -9.840  -16.299 1.00 20.53  ? 28  TYR A OH  1 
ATOM   42   N  N   . ILE A 1 6   ? -10.243 -8.811  -10.352 1.00 15.74  ? 29  ILE A N   1 
ATOM   43   C  CA  . ILE A 1 6   ? -10.203 -7.340  -10.568 1.00 16.82  ? 29  ILE A CA  1 
ATOM   44   C  C   . ILE A 1 6   ? -9.390  -7.075  -11.791 1.00 16.02  ? 29  ILE A C   1 
ATOM   45   O  O   . ILE A 1 6   ? -8.139  -7.167  -11.741 1.00 14.54  ? 29  ILE A O   1 
ATOM   46   C  CB  . ILE A 1 6   ? -9.636  -6.559  -9.392  1.00 19.60  ? 29  ILE A CB  1 
ATOM   47   C  CG1 . ILE A 1 6   ? -10.258 -7.006  -8.064  1.00 21.86  ? 29  ILE A CG1 1 
ATOM   48   C  CG2 . ILE A 1 6   ? -9.717  -5.066  -9.642  1.00 19.49  ? 29  ILE A CG2 1 
ATOM   49   C  CD1 A ILE A 1 6   ? -11.673 -6.571  -7.804  0.50 19.53  ? 29  ILE A CD1 1 
ATOM   50   C  CD1 B ILE A 1 6   ? -10.709 -5.973  -7.114  0.50 23.88  ? 29  ILE A CD1 1 
ATOM   51   N  N   . PRO A 1 7   ? -10.043 -6.817  -12.913 1.00 16.17  ? 30  PRO A N   1 
ATOM   52   C  CA  . PRO A 1 7   ? -9.283  -6.519  -14.101 1.00 18.65  ? 30  PRO A CA  1 
ATOM   53   C  C   . PRO A 1 7   ? -8.566  -5.179  -13.989 1.00 17.33  ? 30  PRO A C   1 
ATOM   54   O  O   . PRO A 1 7   ? -9.065  -4.309  -13.283 1.00 17.60  ? 30  PRO A O   1 
ATOM   55   C  CB  . PRO A 1 7   ? -10.337 -6.415  -15.189 1.00 20.57  ? 30  PRO A CB  1 
ATOM   56   C  CG  . PRO A 1 7   ? -11.577 -5.992  -14.468 1.00 22.29  ? 30  PRO A CG  1 
ATOM   57   C  CD  . PRO A 1 7   ? -11.508 -6.646  -13.116 1.00 21.54  ? 30  PRO A CD  1 
ATOM   58   N  N   . ASN A 1 8   ? -7.481  -5.035  -14.698 1.00 17.64  ? 31  ASN A N   1 
ATOM   59   C  CA  . ASN A 1 8   ? -6.764  -3.727  -14.842 1.00 18.94  ? 31  ASN A CA  1 
ATOM   60   C  C   . ASN A 1 8   ? -6.562  -3.173  -13.413 1.00 18.65  ? 31  ASN A C   1 
ATOM   61   O  O   . ASN A 1 8   ? -6.927  -2.020  -13.089 1.00 16.68  ? 31  ASN A O   1 
ATOM   62   C  CB  . ASN A 1 8   ? -7.632  -2.731  -15.671 1.00 21.90  ? 31  ASN A CB  1 
ATOM   63   C  CG  . ASN A 1 8   ? -6.918  -1.442  -15.996 1.00 25.97  ? 31  ASN A CG  1 
ATOM   64   O  OD1 . ASN A 1 8   ? -5.687  -1.427  -16.195 1.00 29.01  ? 31  ASN A OD1 1 
ATOM   65   N  ND2 . ASN A 1 8   ? -7.670  -0.335  -16.070 1.00 31.09  ? 31  ASN A ND2 1 
ATOM   66   N  N   . ALA A 1 9   ? -5.918  -3.983  -12.562 1.00 15.47  ? 32  ALA A N   1 
ATOM   67   C  CA  . ALA A 1 9   ? -5.706  -3.587  -11.193 1.00 16.86  ? 32  ALA A CA  1 
ATOM   68   C  C   . ALA A 1 9   ? -5.034  -2.167  -11.072 1.00 16.22  ? 32  ALA A C   1 
ATOM   69   O  O   . ALA A 1 9   ? -5.498  -1.333  -10.311 1.00 14.83  ? 32  ALA A O   1 
ATOM   70   C  CB  . ALA A 1 9   ? -4.942  -4.665  -10.427 1.00 16.91  ? 32  ALA A CB  1 
ATOM   71   N  N   . ALA A 1 10  ? -3.916  -1.950  -11.774 1.00 15.34  ? 33  ALA A N   1 
ATOM   72   C  CA  . ALA A 1 10  ? -3.134  -0.688  -11.700 1.00 17.80  ? 33  ALA A CA  1 
ATOM   73   C  C   . ALA A 1 10  ? -3.752  0.221   -12.816 1.00 18.95  ? 33  ALA A C   1 
ATOM   74   O  O   . ALA A 1 10  ? -3.091  0.541   -13.753 1.00 24.29  ? 33  ALA A O   1 
ATOM   75   C  CB  . ALA A 1 10  ? -1.703  -0.917  -11.974 1.00 18.49  ? 33  ALA A CB  1 
ATOM   76   N  N   . THR A 1 11  ? -5.006  0.568   -12.620 1.00 18.12  ? 34  THR A N   1 
ATOM   77   C  CA  . THR A 1 11  ? -5.791  1.389   -13.514 1.00 19.42  ? 34  THR A CA  1 
ATOM   78   C  C   . THR A 1 11  ? -5.219  2.796   -13.676 1.00 20.53  ? 34  THR A C   1 
ATOM   79   O  O   . THR A 1 11  ? -4.532  3.294   -12.819 1.00 18.55  ? 34  THR A O   1 
ATOM   80   C  CB  . THR A 1 11  ? -7.264  1.477   -13.044 1.00 19.36  ? 34  THR A CB  1 
ATOM   81   O  OG1 . THR A 1 11  ? -7.969  2.314   -13.967 1.00 19.93  ? 34  THR A OG1 1 
ATOM   82   C  CG2 . THR A 1 11  ? -7.393  2.043   -11.621 1.00 16.98  ? 34  THR A CG2 1 
ATOM   83   N  N   . GLU A 1 12  ? -5.483  3.428   -14.831 1.00 22.29  ? 35  GLU A N   1 
ATOM   84   C  CA  . GLU A 1 12  ? -5.164  4.823   -15.021 1.00 27.53  ? 35  GLU A CA  1 
ATOM   85   C  C   . GLU A 1 12  ? -6.209  5.757   -14.456 1.00 27.25  ? 35  GLU A C   1 
ATOM   86   O  O   . GLU A 1 12  ? -5.971  6.954   -14.395 1.00 27.22  ? 35  GLU A O   1 
ATOM   87   C  CB  . GLU A 1 12  ? -5.006  5.120   -16.521 1.00 34.77  ? 35  GLU A CB  1 
ATOM   88   C  CG  . GLU A 1 12  ? -3.862  4.366   -17.141 1.00 41.24  ? 35  GLU A CG  1 
ATOM   89   C  CD  . GLU A 1 12  ? -2.584  5.138   -17.112 1.00 55.16  ? 35  GLU A CD  1 
ATOM   90   O  OE1 . GLU A 1 12  ? -1.951  5.196   -16.033 1.00 69.23  ? 35  GLU A OE1 1 
ATOM   91   O  OE2 . GLU A 1 12  ? -2.227  5.683   -18.180 1.00 64.44  ? 35  GLU A OE2 1 
ATOM   92   N  N   . ASP A 1 13  ? -7.346  5.244   -13.997 1.00 22.93  ? 36  ASP A N   1 
ATOM   93   C  CA  . ASP A 1 13  ? -8.387  6.096   -13.422 1.00 20.85  ? 36  ASP A CA  1 
ATOM   94   C  C   . ASP A 1 13  ? -8.020  6.442   -11.942 1.00 21.31  ? 36  ASP A C   1 
ATOM   95   O  O   . ASP A 1 13  ? -8.130  5.599   -11.047 1.00 18.09  ? 36  ASP A O   1 
ATOM   96   C  CB  . ASP A 1 13  ? -9.700  5.394   -13.509 1.00 20.44  ? 36  ASP A CB  1 
ATOM   97   C  CG  . ASP A 1 13  ? -10.903 6.258   -13.059 1.00 27.21  ? 36  ASP A CG  1 
ATOM   98   O  OD1 . ASP A 1 13  ? -10.785 7.260   -12.332 1.00 25.21  ? 36  ASP A OD1 1 
ATOM   99   O  OD2 . ASP A 1 13  ? -12.045 5.848   -13.370 1.00 27.99  ? 36  ASP A OD2 1 
ATOM   100  N  N   . GLU A 1 14  ? -7.583  7.689   -11.738 1.00 20.25  ? 37  GLU A N   1 
ATOM   101  C  CA  . GLU A 1 14  ? -7.109  8.194   -10.478 1.00 22.23  ? 37  GLU A CA  1 
ATOM   102  C  C   . GLU A 1 14  ? -8.125  8.104   -9.317  1.00 18.45  ? 37  GLU A C   1 
ATOM   103  O  O   . GLU A 1 14  ? -7.687  8.060   -8.189  1.00 16.61  ? 37  GLU A O   1 
ATOM   104  C  CB  . GLU A 1 14  ? -6.570  9.644   -10.682 1.00 27.93  ? 37  GLU A CB  1 
ATOM   105  C  CG  . GLU A 1 14  ? -5.297  9.704   -11.556 1.00 43.05  ? 37  GLU A CG  1 
ATOM   106  C  CD  . GLU A 1 14  ? -4.618  11.169  -11.947 1.00 55.07  ? 37  GLU A CD  1 
ATOM   107  O  OE1 . GLU A 1 14  ? -5.155  12.280  -11.736 1.00 48.68  ? 37  GLU A OE1 1 
ATOM   108  O  OE2 . GLU A 1 14  ? -3.492  11.249  -12.536 1.00 66.60  ? 37  GLU A OE2 1 
ATOM   109  N  N   . ARG A 1 15  ? -9.437  8.051   -9.553  1.00 17.21  ? 38  ARG A N   1 
ATOM   110  C  CA  . ARG A 1 15  ? -10.416 7.991   -8.486  1.00 17.83  ? 38  ARG A CA  1 
ATOM   111  C  C   . ARG A 1 15  ? -10.224 6.815   -7.615  1.00 15.26  ? 38  ARG A C   1 
ATOM   112  O  O   . ARG A 1 15  ? -10.629 6.832   -6.468  1.00 15.54  ? 38  ARG A O   1 
ATOM   113  C  CB  . ARG A 1 15  ? -11.854 7.941   -9.081  1.00 21.48  ? 38  ARG A CB  1 
ATOM   114  C  CG  . ARG A 1 15  ? -12.177 9.263   -9.861  1.00 23.53  ? 38  ARG A CG  1 
ATOM   115  C  CD  . ARG A 1 15  ? -13.559 9.216   -10.479 1.00 25.98  ? 38  ARG A CD  1 
ATOM   116  N  NE  . ARG A 1 15  ? -13.665 8.145   -11.416 1.00 31.10  ? 38  ARG A NE  1 
ATOM   117  C  CZ  . ARG A 1 15  ? -14.809 7.506   -11.697 1.00 49.60  ? 38  ARG A CZ  1 
ATOM   118  N  NH1 . ARG A 1 15  ? -15.976 7.881   -11.173 1.00 45.43  ? 38  ARG A NH1 1 
ATOM   119  N  NH2 . ARG A 1 15  ? -14.772 6.470   -12.511 1.00 53.26  ? 38  ARG A NH2 1 
ATOM   120  N  N   . TYR A 1 16  ? -9.780  5.705   -8.204  1.00 15.51  ? 39  TYR A N   1 
ATOM   121  C  CA  . TYR A 1 16  ? -9.598  4.419   -7.413  1.00 13.81  ? 39  TYR A CA  1 
ATOM   122  C  C   . TYR A 1 16  ? -8.440  4.392   -6.408  1.00 13.66  ? 39  TYR A C   1 
ATOM   123  O  O   . TYR A 1 16  ? -8.438  3.517   -5.557  1.00 13.87  ? 39  TYR A O   1 
ATOM   124  C  CB  . TYR A 1 16  ? -9.381  3.232   -8.383  1.00 14.98  ? 39  TYR A CB  1 
ATOM   125  C  CG  . TYR A 1 16  ? -10.659 2.880   -9.080  1.00 16.08  ? 39  TYR A CG  1 
ATOM   126  C  CD1 . TYR A 1 16  ? -11.032 3.554   -10.224 1.00 20.37  ? 39  TYR A CD1 1 
ATOM   127  C  CD2 . TYR A 1 16  ? -11.494 1.914   -8.587  1.00 16.83  ? 39  TYR A CD2 1 
ATOM   128  C  CE1 . TYR A 1 16  ? -12.221 3.248   -10.919 1.00 23.37  ? 39  TYR A CE1 1 
ATOM   129  C  CE2 . TYR A 1 16  ? -12.673 1.610   -9.307  1.00 20.25  ? 39  TYR A CE2 1 
ATOM   130  C  CZ  . TYR A 1 16  ? -13.010 2.298   -10.435 1.00 22.19  ? 39  TYR A CZ  1 
ATOM   131  O  OH  . TYR A 1 16  ? -14.214 1.970   -11.098 1.00 26.59  ? 39  TYR A OH  1 
ATOM   132  N  N   . TYR A 1 17  ? -7.556  5.386   -6.485  1.00 14.00  ? 40  TYR A N   1 
ATOM   133  C  CA  . TYR A 1 17  ? -6.425  5.487   -5.596  1.00 15.10  ? 40  TYR A CA  1 
ATOM   134  C  C   . TYR A 1 17  ? -6.693  6.438   -4.420  1.00 15.51  ? 40  TYR A C   1 
ATOM   135  O  O   . TYR A 1 17  ? -7.019  7.624   -4.592  1.00 18.29  ? 40  TYR A O   1 
ATOM   136  C  CB  . TYR A 1 17  ? -5.164  5.923   -6.368  1.00 16.26  ? 40  TYR A CB  1 
ATOM   137  C  CG  . TYR A 1 17  ? -4.706  4.973   -7.405  1.00 16.47  ? 40  TYR A CG  1 
ATOM   138  C  CD1 . TYR A 1 17  ? -5.224  5.071   -8.706  1.00 15.33  ? 40  TYR A CD1 1 
ATOM   139  C  CD2 . TYR A 1 17  ? -3.838  3.919   -7.102  1.00 16.43  ? 40  TYR A CD2 1 
ATOM   140  C  CE1 . TYR A 1 17  ? -4.819  4.169   -9.691  1.00 17.74  ? 40  TYR A CE1 1 
ATOM   141  C  CE2 . TYR A 1 17  ? -3.495  2.990   -8.071  1.00 15.17  ? 40  TYR A CE2 1 
ATOM   142  C  CZ  . TYR A 1 17  ? -3.935  3.150   -9.360  1.00 17.20  ? 40  TYR A CZ  1 
ATOM   143  O  OH  . TYR A 1 17  ? -3.584  2.288   -10.380 1.00 17.82  ? 40  TYR A OH  1 
ATOM   144  N  N   . VAL A 1 18  ? -6.510  5.900   -3.217  1.00 15.79  ? 41  VAL A N   1 
ATOM   145  C  CA  . VAL A 1 18  ? -6.879  6.563   -1.997  1.00 15.42  ? 41  VAL A CA  1 
ATOM   146  C  C   . VAL A 1 18  ? -5.586  7.194   -1.439  1.00 18.67  ? 41  VAL A C   1 
ATOM   147  O  O   . VAL A 1 18  ? -4.615  6.482   -1.204  1.00 14.82  ? 41  VAL A O   1 
ATOM   148  C  CB  . VAL A 1 18  ? -7.389  5.522   -1.021  1.00 15.49  ? 41  VAL A CB  1 
ATOM   149  C  CG1 . VAL A 1 18  ? -7.674  6.160   0.298   1.00 18.34  ? 41  VAL A CG1 1 
ATOM   150  C  CG2 . VAL A 1 18  ? -8.594  4.793   -1.535  1.00 18.33  ? 41  VAL A CG2 1 
ATOM   151  N  N   . PRO A 1 19  ? -5.563  8.512   -1.205  1.00 19.81  ? 42  PRO A N   1 
ATOM   152  C  CA  . PRO A 1 19  ? -4.301  9.137   -0.614  1.00 20.67  ? 42  PRO A CA  1 
ATOM   153  C  C   . PRO A 1 19  ? -3.933  8.523   0.715   1.00 20.07  ? 42  PRO A C   1 
ATOM   154  O  O   . PRO A 1 19  ? -4.801  8.244   1.554   1.00 19.23  ? 42  PRO A O   1 
ATOM   155  C  CB  . PRO A 1 19  ? -4.642  10.661  -0.505  1.00 21.98  ? 42  PRO A CB  1 
ATOM   156  C  CG  . PRO A 1 19  ? -5.761  10.828  -1.486  1.00 25.92  ? 42  PRO A CG  1 
ATOM   157  C  CD  . PRO A 1 19  ? -6.574  9.531   -1.551  1.00 23.22  ? 42  PRO A CD  1 
ATOM   158  N  N   . PHE A 1 20  ? -2.636  8.172   0.851   1.00 18.89  ? 43  PHE A N   1 
ATOM   159  C  CA  . PHE A 1 20  ? -2.141  7.545   2.082   1.00 18.93  ? 43  PHE A CA  1 
ATOM   160  C  C   . PHE A 1 20  ? -1.144  8.495   2.746   1.00 22.34  ? 43  PHE A C   1 
ATOM   161  O  O   . PHE A 1 20  ? -1.303  8.886   3.883   1.00 22.54  ? 43  PHE A O   1 
ATOM   162  C  CB  . PHE A 1 20  ? -1.483  6.235   1.672   1.00 20.85  ? 43  PHE A CB  1 
ATOM   163  C  CG  . PHE A 1 20  ? -0.887  5.470   2.794   1.00 24.75  ? 43  PHE A CG  1 
ATOM   164  C  CD1 . PHE A 1 20  ? -1.605  5.217   3.957   1.00 24.61  ? 43  PHE A CD1 1 
ATOM   165  C  CD2 . PHE A 1 20  ? 0.441   5.062   2.724   1.00 27.82  ? 43  PHE A CD2 1 
ATOM   166  C  CE1 . PHE A 1 20  ? -1.056  4.521   5.030   1.00 25.70  ? 43  PHE A CE1 1 
ATOM   167  C  CE2 . PHE A 1 20  ? 1.009   4.317   3.808   1.00 28.13  ? 43  PHE A CE2 1 
ATOM   168  C  CZ  . PHE A 1 20  ? 0.251   4.043   4.949   1.00 27.53  ? 43  PHE A CZ  1 
ATOM   169  N  N   . THR A 1 21  ? -0.119  8.870   2.040   1.00 21.41  ? 44  THR A N   1 
ATOM   170  C  CA  . THR A 1 21  ? 0.665   10.020  2.452   1.00 25.17  ? 44  THR A CA  1 
ATOM   171  C  C   . THR A 1 21  ? 0.448   11.077  1.496   1.00 24.48  ? 44  THR A C   1 
ATOM   172  O  O   . THR A 1 21  ? -0.315  10.948  0.537   1.00 24.29  ? 44  THR A O   1 
ATOM   173  C  CB  . THR A 1 21  ? 2.190   9.635   2.537   1.00 26.50  ? 44  THR A CB  1 
ATOM   174  O  OG1 . THR A 1 21  ? 2.673   9.453   1.234   1.00 23.54  ? 44  THR A OG1 1 
ATOM   175  C  CG2 . THR A 1 21  ? 2.411   8.426   3.332   1.00 28.70  ? 44  THR A CG2 1 
ATOM   176  N  N   . GLU A 1 22  ? 1.142   12.209  1.662   1.00 27.68  ? 45  GLU A N   1 
ATOM   177  C  CA  . GLU A 1 22  ? 1.081   13.247  0.698   1.00 25.70  ? 45  GLU A CA  1 
ATOM   178  C  C   . GLU A 1 22  ? 1.493   12.932  -0.712  1.00 27.92  ? 45  GLU A C   1 
ATOM   179  O  O   . GLU A 1 22  ? 1.024   13.570  -1.644  1.00 25.63  ? 45  GLU A O   1 
ATOM   180  C  CB  . GLU A 1 22  ? 1.930   14.473  1.207   1.00 42.91  ? 45  GLU A CB  1 
ATOM   181  C  CG  . GLU A 1 22  ? 1.423   15.077  2.530   1.00 52.08  ? 45  GLU A CG  1 
ATOM   182  C  CD  . GLU A 1 22  ? 0.207   15.985  2.339   1.00 71.89  ? 45  GLU A CD  1 
ATOM   183  O  OE1 . GLU A 1 22  ? -0.322  16.080  1.189   1.00 71.42  ? 45  GLU A OE1 1 
ATOM   184  O  OE2 . GLU A 1 22  ? -0.216  16.608  3.353   1.00 93.29  ? 45  GLU A OE2 1 
ATOM   185  N  N   . THR A 1 23  ? 2.366   11.928  -0.906  1.00 21.63  ? 46  THR A N   1 
ATOM   186  C  CA  . THR A 1 23  ? 2.944   11.630  -2.161  1.00 24.55  ? 46  THR A CA  1 
ATOM   187  C  C   . THR A 1 23  ? 2.606   10.172  -2.678  1.00 20.12  ? 46  THR A C   1 
ATOM   188  O  O   . THR A 1 23  ? 2.865   9.864   -3.845  1.00 22.26  ? 46  THR A O   1 
ATOM   189  C  CB  . THR A 1 23  ? 4.527   11.753  -2.000  1.00 20.95  ? 46  THR A CB  1 
ATOM   190  O  OG1 . THR A 1 23  ? 4.970   11.051  -0.744  1.00 21.26  ? 46  THR A OG1 1 
ATOM   191  C  CG2 . THR A 1 23  ? 4.881   13.316  -1.861  1.00 28.61  ? 46  THR A CG2 1 
ATOM   192  N  N   . VAL A 1 24  ? 1.926   9.401   -1.842  1.00 19.14  ? 47  VAL A N   1 
ATOM   193  C  CA  . VAL A 1 24  ? 1.701   8.007   -2.118  1.00 16.74  ? 47  VAL A CA  1 
ATOM   194  C  C   . VAL A 1 24  ? 0.240   7.665   -1.890  1.00 14.84  ? 47  VAL A C   1 
ATOM   195  O  O   . VAL A 1 24  ? -0.373  8.115   -0.908  1.00 15.57  ? 47  VAL A O   1 
ATOM   196  C  CB  . VAL A 1 24  ? 2.597   7.163   -1.261  1.00 17.93  ? 47  VAL A CB  1 
ATOM   197  C  CG1 . VAL A 1 24  ? 2.337   5.695   -1.535  1.00 19.48  ? 47  VAL A CG1 1 
ATOM   198  C  CG2 . VAL A 1 24  ? 4.037   7.510   -1.523  1.00 19.81  ? 47  VAL A CG2 1 
ATOM   199  N  N   . ALA A 1 25  ? -0.322  6.908   -2.802  1.00 14.09  ? 48  ALA A N   1 
ATOM   200  C  CA  . ALA A 1 25  ? -1.756  6.520   -2.729  1.00 13.68  ? 48  ALA A CA  1 
ATOM   201  C  C   . ALA A 1 25  ? -1.915  5.053   -3.007  1.00 14.76  ? 48  ALA A C   1 
ATOM   202  O  O   . ALA A 1 25  ? -0.976  4.412   -3.490  1.00 15.82  ? 48  ALA A O   1 
ATOM   203  C  CB  . ALA A 1 25  ? -2.563  7.324   -3.745  1.00 14.86  ? 48  ALA A CB  1 
ATOM   204  N  N   . SER A 1 26  ? -3.061  4.470   -2.628  1.00 13.06  ? 49  SER A N   1 
ATOM   205  C  CA  . SER A 1 26  ? -3.261  3.030   -2.745  1.00 14.67  ? 49  SER A CA  1 
ATOM   206  C  C   . SER A 1 26  ? -4.608  2.681   -3.343  1.00 14.51  ? 49  SER A C   1 
ATOM   207  O  O   . SER A 1 26  ? -5.625  3.247   -2.917  1.00 14.81  ? 49  SER A O   1 
ATOM   208  C  CB  . SER A 1 26  ? -3.280  2.489   -1.289  1.00 18.62  ? 49  SER A CB  1 
ATOM   209  O  OG  . SER A 1 26  ? -3.724  1.205   -1.015  1.00 27.68  ? 49  SER A OG  1 
ATOM   210  N  N   . ARG A 1 27  ? -4.641  1.721   -4.254  1.00 12.83  ? 50  ARG A N   1 
ATOM   211  C  CA  . ARG A 1 27  ? -5.945  1.177   -4.700  1.00 12.99  ? 50  ARG A CA  1 
ATOM   212  C  C   . ARG A 1 27  ? -6.184  -0.152  -3.994  1.00 12.48  ? 50  ARG A C   1 
ATOM   213  O  O   . ARG A 1 27  ? -5.449  -1.126  -4.248  1.00 12.78  ? 50  ARG A O   1 
ATOM   214  C  CB  . ARG A 1 27  ? -6.026  0.975   -6.190  1.00 14.08  ? 50  ARG A CB  1 
ATOM   215  C  CG  . ARG A 1 27  ? -7.353  0.316   -6.557  1.00 13.70  ? 50  ARG A CG  1 
ATOM   216  C  CD  . ARG A 1 27  ? -7.434  -0.096  -7.947  1.00 14.82  ? 50  ARG A CD  1 
ATOM   217  N  NE  . ARG A 1 27  ? -8.770  -0.683  -8.227  1.00 14.55  ? 50  ARG A NE  1 
ATOM   218  C  CZ  . ARG A 1 27  ? -9.204  -1.141  -9.402  1.00 15.49  ? 50  ARG A CZ  1 
ATOM   219  N  NH1 . ARG A 1 27  ? -8.410  -1.212  -10.428 1.00 17.29  ? 50  ARG A NH1 1 
ATOM   220  N  NH2 . ARG A 1 27  ? -10.466 -1.550  -9.520  1.00 17.37  ? 50  ARG A NH2 1 
ATOM   221  N  N   . PRO A 1 28  ? -7.168  -0.238  -3.079  1.00 13.06  ? 51  PRO A N   1 
ATOM   222  C  CA  . PRO A 1 28  ? -7.467  -1.527  -2.474  1.00 11.76  ? 51  PRO A CA  1 
ATOM   223  C  C   . PRO A 1 28  ? -7.994  -2.541  -3.502  1.00 13.11  ? 51  PRO A C   1 
ATOM   224  O  O   . PRO A 1 28  ? -8.742  -2.212  -4.390  1.00 12.54  ? 51  PRO A O   1 
ATOM   225  C  CB  . PRO A 1 28  ? -8.558  -1.188  -1.432  1.00 13.28  ? 51  PRO A CB  1 
ATOM   226  C  CG  . PRO A 1 28  ? -9.275  -0.011  -2.044  1.00 13.26  ? 51  PRO A CG  1 
ATOM   227  C  CD  . PRO A 1 28  ? -8.168  0.807   -2.682  1.00 13.52  ? 51  PRO A CD  1 
ATOM   228  N  N   . LEU A 1 29  ? -7.538  -3.795  -3.408  1.00 14.41  ? 52  LEU A N   1 
ATOM   229  C  CA  . LEU A 1 29  ? -7.997  -4.878  -4.318  1.00 15.13  ? 52  LEU A CA  1 
ATOM   230  C  C   . LEU A 1 29  ? -8.711  -5.970  -3.547  1.00 15.56  ? 52  LEU A C   1 
ATOM   231  O  O   . LEU A 1 29  ? -9.556  -6.670  -4.093  1.00 14.89  ? 52  LEU A O   1 
ATOM   232  C  CB  . LEU A 1 29  ? -6.770  -5.548  -4.981  1.00 16.19  ? 52  LEU A CB  1 
ATOM   233  C  CG  . LEU A 1 29  ? -5.959  -4.563  -5.849  1.00 15.05  ? 52  LEU A CG  1 
ATOM   234  C  CD1 . LEU A 1 29  ? -4.683  -5.269  -6.291  1.00 16.88  ? 52  LEU A CD1 1 
ATOM   235  C  CD2 . LEU A 1 29  ? -6.696  -4.047  -7.052  1.00 16.48  ? 52  LEU A CD2 1 
ATOM   236  N  N   . TRP A 1 30  ? -8.347  -6.122  -2.298  1.00 13.76  ? 53  TRP A N   1 
ATOM   237  C  CA  . TRP A 1 30  ? -8.779  -7.264  -1.445  1.00 14.47  ? 53  TRP A CA  1 
ATOM   238  C  C   . TRP A 1 30  ? -8.474  -6.937  -0.001  1.00 14.11  ? 53  TRP A C   1 
ATOM   239  O  O   . TRP A 1 30  ? -7.412  -6.455  0.320   1.00 13.10  ? 53  TRP A O   1 
ATOM   240  C  CB  . TRP A 1 30  ? -8.021  -8.533  -1.809  1.00 16.45  ? 53  TRP A CB  1 
ATOM   241  C  CG  . TRP A 1 30  ? -8.355  -9.755  -1.061  1.00 14.63  ? 53  TRP A CG  1 
ATOM   242  C  CD1 . TRP A 1 30  ? -9.243  -10.738 -1.465  1.00 18.40  ? 53  TRP A CD1 1 
ATOM   243  C  CD2 . TRP A 1 30  ? -7.743  -10.217 0.123   1.00 15.41  ? 53  TRP A CD2 1 
ATOM   244  N  NE1 . TRP A 1 30  ? -9.213  -11.767 -0.554  1.00 20.62  ? 53  TRP A NE1 1 
ATOM   245  C  CE2 . TRP A 1 30  ? -8.344  -11.456 0.448   1.00 18.09  ? 53  TRP A CE2 1 
ATOM   246  C  CE3 . TRP A 1 30  ? -6.784  -9.676  1.007   1.00 17.14  ? 53  TRP A CE3 1 
ATOM   247  C  CZ2 . TRP A 1 30  ? -7.996  -12.165 1.588   1.00 19.74  ? 53  TRP A CZ2 1 
ATOM   248  C  CZ3 . TRP A 1 30  ? -6.403  -10.421 2.093   1.00 20.94  ? 53  TRP A CZ3 1 
ATOM   249  C  CH2 . TRP A 1 30  ? -7.020  -11.652 2.369   1.00 19.09  ? 53  TRP A CH2 1 
ATOM   250  N  N   . ILE A 1 31  ? -9.453  -7.134  0.896   1.00 14.91  ? 54  ILE A N   1 
ATOM   251  C  CA  . ILE A 1 31  ? -9.316  -6.730  2.274   1.00 15.73  ? 54  ILE A CA  1 
ATOM   252  C  C   . ILE A 1 31  ? -9.934  -7.817  3.160   1.00 16.65  ? 54  ILE A C   1 
ATOM   253  O  O   . ILE A 1 31  ? -11.080 -8.226  2.901   1.00 17.83  ? 54  ILE A O   1 
ATOM   254  C  CB  . ILE A 1 31  ? -10.056 -5.439  2.552   1.00 16.67  ? 54  ILE A CB  1 
ATOM   255  C  CG1 . ILE A 1 31  ? -9.505  -4.272  1.716   1.00 17.08  ? 54  ILE A CG1 1 
ATOM   256  C  CG2 . ILE A 1 31  ? -9.873  -5.142  4.010   1.00 18.73  ? 54  ILE A CG2 1 
ATOM   257  C  CD1 . ILE A 1 31  ? -10.360 -3.024  1.816   1.00 18.37  ? 54  ILE A CD1 1 
ATOM   258  N  N   . SER A 1 32  ? -9.181  -8.258  4.156   1.00 17.28  ? 55  SER A N   1 
ATOM   259  C  CA  . SER A 1 32  ? -9.672  -9.240  5.127   1.00 20.77  ? 55  SER A CA  1 
ATOM   260  C  C   . SER A 1 32  ? -9.746  -8.621  6.539   1.00 20.76  ? 55  SER A C   1 
ATOM   261  O  O   . SER A 1 32  ? -8.750  -8.515  7.242   1.00 22.55  ? 55  SER A O   1 
ATOM   262  C  CB  . SER A 1 32  ? -8.838  -10.538 5.163   1.00 26.81  ? 55  SER A CB  1 
ATOM   263  O  OG  . SER A 1 32  ? -9.325  -11.418 6.212   1.00 25.96  ? 55  SER A OG  1 
ATOM   264  N  N   . PRO A 1 33  ? -10.926 -8.099  6.904   1.00 22.94  ? 56  PRO A N   1 
ATOM   265  C  CA  . PRO A 1 33  ? -10.982 -7.469  8.241   1.00 26.22  ? 56  PRO A CA  1 
ATOM   266  C  C   . PRO A 1 33  ? -10.584 -8.489  9.360   1.00 27.91  ? 56  PRO A C   1 
ATOM   267  O  O   . PRO A 1 33  ? -9.826  -8.150  10.271  1.00 31.25  ? 56  PRO A O   1 
ATOM   268  C  CB  . PRO A 1 33  ? -12.429 -7.022  8.377   1.00 29.62  ? 56  PRO A CB  1 
ATOM   269  C  CG  . PRO A 1 33  ? -13.010 -7.062  7.045   1.00 29.93  ? 56  PRO A CG  1 
ATOM   270  C  CD  . PRO A 1 33  ? -12.191 -8.045  6.187   1.00 25.58  ? 56  PRO A CD  1 
ATOM   271  N  N   . GLN A 1 34  ? -10.935 -9.758  9.210   1.00 29.00  ? 57  GLN A N   1 
ATOM   272  C  CA  . GLN A 1 34  ? -10.530 -10.784 10.215  1.00 35.90  ? 57  GLN A CA  1 
ATOM   273  C  C   . GLN A 1 34  ? -9.088  -11.196 10.217  1.00 36.93  ? 57  GLN A C   1 
ATOM   274  O  O   . GLN A 1 34  ? -8.574  -11.511 11.242  1.00 32.48  ? 57  GLN A O   1 
ATOM   275  C  CB  . GLN A 1 34  ? -11.345 -12.076 10.037  1.00 45.11  ? 57  GLN A CB  1 
ATOM   276  C  CG  . GLN A 1 34  ? -12.797 -11.919 10.419  1.00 57.96  ? 57  GLN A CG  1 
ATOM   277  C  CD  . GLN A 1 34  ? -13.410 -13.277 10.743  1.00 77.38  ? 57  GLN A CD  1 
ATOM   278  O  OE1 . GLN A 1 34  ? -12.925 -14.319 10.276  1.00 89.41  ? 57  GLN A OE1 1 
ATOM   279  N  NE2 . GLN A 1 34  ? -14.459 -13.276 11.567  1.00 86.01  ? 57  GLN A NE2 1 
ATOM   280  N  N   . GLN A 1 35  ? -8.421  -11.260 9.082   1.00 29.43  ? 58  GLN A N   1 
ATOM   281  C  CA  . GLN A 1 35  ? -6.993  -11.550 9.099   1.00 27.14  ? 58  GLN A CA  1 
ATOM   282  C  C   . GLN A 1 35  ? -6.073  -10.319 9.274   1.00 26.44  ? 58  GLN A C   1 
ATOM   283  O  O   . GLN A 1 35  ? -4.878  -10.535 9.346   1.00 28.22  ? 58  GLN A O   1 
ATOM   284  C  CB  . GLN A 1 35  ? -6.546  -12.320 7.828   1.00 31.76  ? 58  GLN A CB  1 
ATOM   285  C  CG  . GLN A 1 35  ? -7.183  -13.684 7.476   1.00 36.06  ? 58  GLN A CG  1 
ATOM   286  C  CD  . GLN A 1 35  ? -6.866  -14.061 5.992   1.00 43.04  ? 58  GLN A CD  1 
ATOM   287  O  OE1 . GLN A 1 35  ? -5.777  -13.776 5.462   1.00 46.00  ? 58  GLN A OE1 1 
ATOM   288  N  NE2 . GLN A 1 35  ? -7.824  -14.634 5.315   1.00 45.73  ? 58  GLN A NE2 1 
ATOM   289  N  N   . ASN A 1 36  ? -6.588  -9.059  9.342   1.00 24.81  ? 59  ASN A N   1 
ATOM   290  C  CA  . ASN A 1 36  ? -5.826  -7.797  9.398   1.00 25.18  ? 59  ASN A CA  1 
ATOM   291  C  C   . ASN A 1 36  ? -4.854  -7.837  8.191   1.00 20.71  ? 59  ASN A C   1 
ATOM   292  O  O   . ASN A 1 36  ? -3.665  -7.659  8.392   1.00 23.74  ? 59  ASN A O   1 
ATOM   293  C  CB  . ASN A 1 36  ? -4.965  -7.617  10.698  1.00 28.76  ? 59  ASN A CB  1 
ATOM   294  C  CG  . ASN A 1 36  ? -4.842  -6.108  11.264  1.00 43.82  ? 59  ASN A CG  1 
ATOM   295  O  OD1 . ASN A 1 36  ? -4.687  -5.027  10.623  1.00 28.09  ? 59  ASN A OD1 1 
ATOM   296  N  ND2 . ASN A 1 36  ? -4.774  -6.100  12.557  1.00 48.80  ? 59  ASN A ND2 1 
ATOM   297  N  N   . ARG A 1 37  ? -5.358  -8.109  7.002   1.00 18.95  ? 60  ARG A N   1 
ATOM   298  C  CA  . ARG A 1 37  ? -4.512  -8.267  5.821   1.00 19.44  ? 60  ARG A CA  1 
ATOM   299  C  C   . ARG A 1 37  ? -5.204  -7.619  4.640   1.00 17.98  ? 60  ARG A C   1 
ATOM   300  O  O   . ARG A 1 37  ? -6.455  -7.563  4.555   1.00 16.90  ? 60  ARG A O   1 
ATOM   301  C  CB  . ARG A 1 37  ? -4.284  -9.788  5.596   1.00 24.25  ? 60  ARG A CB  1 
ATOM   302  C  CG  . ARG A 1 37  ? -3.294  -10.067 4.505   1.00 32.08  ? 60  ARG A CG  1 
ATOM   303  C  CD  . ARG A 1 37  ? -2.669  -11.470 4.554   1.00 37.09  ? 60  ARG A CD  1 
ATOM   304  N  NE  . ARG A 1 37  ? -3.603  -12.555 4.397   1.00 37.01  ? 60  ARG A NE  1 
ATOM   305  C  CZ  . ARG A 1 37  ? -3.280  -13.698 3.732   1.00 39.63  ? 60  ARG A CZ  1 
ATOM   306  N  NH1 . ARG A 1 37  ? -2.065  -13.858 3.157   1.00 36.28  ? 60  ARG A NH1 1 
ATOM   307  N  NH2 . ARG A 1 37  ? -4.192  -14.645 3.605   1.00 38.86  ? 60  ARG A NH2 1 
ATOM   308  N  N   . TRP A 1 38  ? -4.415  -7.061  3.733   1.00 14.42  ? 61  TRP A N   1 
ATOM   309  C  CA  . TRP A 1 38  ? -5.006  -6.504  2.505   1.00 14.44  ? 61  TRP A CA  1 
ATOM   310  C  C   . TRP A 1 38  ? -4.014  -6.542  1.334   1.00 15.88  ? 61  TRP A C   1 
ATOM   311  O  O   . TRP A 1 38  ? -2.811  -6.733  1.555   1.00 15.56  ? 61  TRP A O   1 
ATOM   312  C  CB  . TRP A 1 38  ? -5.407  -5.046  2.758   1.00 14.60  ? 61  TRP A CB  1 
ATOM   313  C  CG  . TRP A 1 38  ? -4.416  -4.029  3.188   1.00 16.56  ? 61  TRP A CG  1 
ATOM   314  C  CD1 . TRP A 1 38  ? -3.695  -3.162  2.362   1.00 18.61  ? 61  TRP A CD1 1 
ATOM   315  C  CD2 . TRP A 1 38  ? -4.003  -3.720  4.537   1.00 16.38  ? 61  TRP A CD2 1 
ATOM   316  N  NE1 . TRP A 1 38  ? -2.870  -2.391  3.132   1.00 20.35  ? 61  TRP A NE1 1 
ATOM   317  C  CE2 . TRP A 1 38  ? -3.088  -2.676  4.466   1.00 20.68  ? 61  TRP A CE2 1 
ATOM   318  C  CE3 . TRP A 1 38  ? -4.376  -4.214  5.804   1.00 18.71  ? 61  TRP A CE3 1 
ATOM   319  C  CZ2 . TRP A 1 38  ? -2.469  -2.138  5.621   1.00 24.23  ? 61  TRP A CZ2 1 
ATOM   320  C  CZ3 . TRP A 1 38  ? -3.782  -3.668  6.953   1.00 21.65  ? 61  TRP A CZ3 1 
ATOM   321  C  CH2 . TRP A 1 38  ? -2.897  -2.577  6.850   1.00 21.18  ? 61  TRP A CH2 1 
ATOM   322  N  N   . CYS A 1 39  ? -4.560  -6.421  0.116   1.00 13.90  ? 62  CYS A N   1 
ATOM   323  C  CA  . CYS A 1 39  ? -3.784  -6.328  -1.090  1.00 13.97  ? 62  CYS A CA  1 
ATOM   324  C  C   . CYS A 1 39  ? -4.153  -5.071  -1.793  1.00 15.02  ? 62  CYS A C   1 
ATOM   325  O  O   . CYS A 1 39  ? -5.336  -4.691  -1.769  1.00 13.63  ? 62  CYS A O   1 
ATOM   326  C  CB  . CYS A 1 39  ? -4.107  -7.504  -1.959  1.00 17.05  ? 62  CYS A CB  1 
ATOM   327  S  SG  A CYS A 1 39  ? -3.486  -7.709  -3.489  0.50 29.98  ? 62  CYS A SG  1 
ATOM   328  S  SG  B CYS A 1 39  ? -3.845  -9.223  -1.619  0.50 13.62  ? 62  CYS A SG  1 
ATOM   329  N  N   . ASP A 1 40  ? -3.141  -4.395  -2.329  1.00 13.56  ? 63  ASP A N   1 
ATOM   330  C  CA  . ASP A 1 40  ? -3.334  -3.121  -2.975  1.00 14.50  ? 63  ASP A CA  1 
ATOM   331  C  C   . ASP A 1 40  ? -2.341  -2.842  -4.093  1.00 15.61  ? 63  ASP A C   1 
ATOM   332  O  O   . ASP A 1 40  ? -1.322  -3.531  -4.193  1.00 14.75  ? 63  ASP A O   1 
ATOM   333  C  CB  . ASP A 1 40  ? -3.437  -1.977  -1.957  1.00 17.61  ? 63  ASP A CB  1 
ATOM   334  C  CG  . ASP A 1 40  ? -2.091  -1.634  -1.206  1.00 28.67  ? 63  ASP A CG  1 
ATOM   335  O  OD1 . ASP A 1 40  ? -1.067  -2.210  -1.474  1.00 36.37  ? 63  ASP A OD1 1 
ATOM   336  O  OD2 . ASP A 1 40  ? -2.146  -0.836  -0.244  1.00 44.08  ? 63  ASP A OD2 1 
ATOM   337  N  N   . ILE A 1 41  ? -2.633  -1.836  -4.908  1.00 12.97  ? 64  ILE A N   1 
ATOM   338  C  CA  . ILE A 1 41  ? -1.643  -1.228  -5.803  1.00 12.68  ? 64  ILE A CA  1 
ATOM   339  C  C   . ILE A 1 41  ? -1.228  0.069   -5.140  1.00 14.14  ? 64  ILE A C   1 
ATOM   340  O  O   . ILE A 1 41  ? -2.032  0.986   -4.955  1.00 13.95  ? 64  ILE A O   1 
ATOM   341  C  CB  . ILE A 1 41  ? -2.168  -0.926  -7.194  1.00 14.02  ? 64  ILE A CB  1 
ATOM   342  C  CG1 . ILE A 1 41  ? -2.790  -2.150  -7.887  1.00 15.68  ? 64  ILE A CG1 1 
ATOM   343  C  CG2 . ILE A 1 41  ? -1.034  -0.306  -8.072  1.00 12.51  ? 64  ILE A CG2 1 
ATOM   344  C  CD1 . ILE A 1 41  ? -1.824  -3.317  -8.077  1.00 15.77  ? 64  ILE A CD1 1 
ATOM   345  N  N   . LEU A 1 42  ? 0.048   0.187   -4.798  1.00 13.71  ? 65  LEU A N   1 
ATOM   346  C  CA  . LEU A 1 42  ? 0.599   1.419   -4.277  1.00 13.68  ? 65  LEU A CA  1 
ATOM   347  C  C   . LEU A 1 42  ? 1.138   2.241   -5.440  1.00 15.00  ? 65  LEU A C   1 
ATOM   348  O  O   . LEU A 1 42  ? 1.841   1.716   -6.285  1.00 15.00  ? 65  LEU A O   1 
ATOM   349  C  CB  . LEU A 1 42  ? 1.738   1.086   -3.262  1.00 15.57  ? 65  LEU A CB  1 
ATOM   350  C  CG  . LEU A 1 42  ? 2.047   2.126   -2.261  1.00 20.66  ? 65  LEU A CG  1 
ATOM   351  C  CD1 . LEU A 1 42  ? 0.847   2.339   -1.317  1.00 24.94  ? 65  LEU A CD1 1 
ATOM   352  C  CD2 . LEU A 1 42  ? 3.357   1.778   -1.508  1.00 23.48  ? 65  LEU A CD2 1 
ATOM   353  N  N   . LEU A 1 43  ? 0.839   3.541   -5.419  1.00 14.33  ? 66  LEU A N   1 
ATOM   354  C  CA  . LEU A 1 43  ? 1.096   4.452   -6.593  1.00 15.10  ? 66  LEU A CA  1 
ATOM   355  C  C   . LEU A 1 43  ? 1.826   5.693   -6.068  1.00 14.97  ? 66  LEU A C   1 
ATOM   356  O  O   . LEU A 1 43  ? 1.410   6.277   -5.056  1.00 14.60  ? 66  LEU A O   1 
ATOM   357  C  CB  . LEU A 1 43  ? -0.259  4.867   -7.205  1.00 18.65  ? 66  LEU A CB  1 
ATOM   358  C  CG  . LEU A 1 43  ? -0.213  6.039   -8.183  1.00 19.95  ? 66  LEU A CG  1 
ATOM   359  C  CD1 . LEU A 1 43  ? 0.421   5.458   -9.425  1.00 21.88  ? 66  LEU A CD1 1 
ATOM   360  C  CD2 . LEU A 1 43  ? -1.603  6.641   -8.472  1.00 24.80  ? 66  LEU A CD2 1 
ATOM   361  N  N   . ALA A 1 44  ? 2.845   6.122   -6.780  1.00 14.93  ? 67  ALA A N   1 
ATOM   362  C  CA  . ALA A 1 44  ? 3.464   7.478   -6.512  1.00 15.01  ? 67  ALA A CA  1 
ATOM   363  C  C   . ALA A 1 44  ? 3.745   8.023   -7.844  1.00 18.72  ? 67  ALA A C   1 
ATOM   364  O  O   . ALA A 1 44  ? 4.480   7.468   -8.684  1.00 17.74  ? 67  ALA A O   1 
ATOM   365  C  CB  . ALA A 1 44  ? 4.732   7.407   -5.665  1.00 16.89  ? 67  ALA A CB  1 
ATOM   366  N  N   . ARG A 1 45  ? 3.087   9.142   -8.137  1.00 19.92  ? 68  ARG A N   1 
ATOM   367  C  CA  . ARG A 1 45  ? 3.288   9.741   -9.448  1.00 24.90  ? 68  ARG A CA  1 
ATOM   368  C  C   . ARG A 1 45  ? 4.628   10.529  -9.599  1.00 25.78  ? 68  ARG A C   1 
ATOM   369  O  O   . ARG A 1 45  ? 5.075   10.797  -10.692 1.00 26.84  ? 68  ARG A O   1 
ATOM   370  C  CB  . ARG A 1 45  ? 2.063   10.662  -9.799  1.00 32.29  ? 68  ARG A CB  1 
ATOM   371  C  CG  . ARG A 1 45  ? 0.696   9.848   -9.864  1.00 42.46  ? 68  ARG A CG  1 
ATOM   372  C  CD  . ARG A 1 45  ? -0.371  10.313  -10.927 1.00 53.78  ? 68  ARG A CD  1 
ATOM   373  N  NE  . ARG A 1 45  ? -1.689  9.546   -11.023 1.00 65.59  ? 68  ARG A NE  1 
ATOM   374  C  CZ  . ARG A 1 45  ? -2.011  8.509   -11.855 1.00 70.14  ? 68  ARG A CZ  1 
ATOM   375  N  NH1 . ARG A 1 45  ? -1.132  8.003   -12.711 1.00 72.76  ? 68  ARG A NH1 1 
ATOM   376  N  NH2 . ARG A 1 45  ? -3.238  7.931   -11.815 1.00 65.19  ? 68  ARG A NH2 1 
ATOM   377  N  N   . GLU A 1 46  ? 5.196   10.968  -8.486  1.00 21.57  ? 69  GLU A N   1 
ATOM   378  C  CA  . GLU A 1 46  ? 6.435   11.717  -8.441  1.00 23.99  ? 69  GLU A CA  1 
ATOM   379  C  C   . GLU A 1 46  ? 7.278   11.139  -7.306  1.00 24.16  ? 69  GLU A C   1 
ATOM   380  O  O   . GLU A 1 46  ? 7.089   9.974   -6.907  1.00 24.04  ? 69  GLU A O   1 
ATOM   381  C  CB  . GLU A 1 46  ? 6.080   13.126  -8.048  1.00 28.62  ? 69  GLU A CB  1 
ATOM   382  C  CG  . GLU A 1 46  ? 5.207   13.862  -9.014  1.00 46.55  ? 69  GLU A CG  1 
ATOM   383  C  CD  . GLU A 1 46  ? 5.118   15.317  -8.548  1.00 59.58  ? 69  GLU A CD  1 
ATOM   384  O  OE1 . GLU A 1 46  ? 4.421   15.570  -7.526  1.00 71.12  ? 69  GLU A OE1 1 
ATOM   385  O  OE2 . GLU A 1 46  ? 5.825   16.171  -9.150  1.00 73.04  ? 69  GLU A OE2 1 
ATOM   386  N  N   . ALA A 1 47  ? 8.199   11.931  -6.774  1.00 18.64  ? 70  ALA A N   1 
ATOM   387  C  CA  . ALA A 1 47  ? 9.061   11.498  -5.646  1.00 18.68  ? 70  ALA A CA  1 
ATOM   388  C  C   . ALA A 1 47  ? 8.067   11.126  -4.567  1.00 19.08  ? 70  ALA A C   1 
ATOM   389  O  O   . ALA A 1 47  ? 7.045   11.855  -4.366  1.00 18.12  ? 70  ALA A O   1 
ATOM   390  C  CB  . ALA A 1 47  ? 9.922   12.614  -5.205  1.00 19.09  ? 70  ALA A CB  1 
ATOM   391  N  N   . GLY A 1 48  ? 8.339   10.100  -3.776  1.00 16.57  ? 71  GLY A N   1 
ATOM   392  C  CA  . GLY A 1 48  ? 7.411   9.779   -2.705  1.00 18.65  ? 71  GLY A CA  1 
ATOM   393  C  C   . GLY A 1 48  ? 8.145   9.172   -1.505  1.00 17.48  ? 71  GLY A C   1 
ATOM   394  O  O   . GLY A 1 48  ? 9.258   8.669   -1.637  1.00 13.86  ? 71  GLY A O   1 
ATOM   395  N  N   . LEU A 1 49  ? 7.473   9.218   -0.336  1.00 17.50  ? 72  LEU A N   1 
ATOM   396  C  CA  . LEU A 1 49  ? 8.038   8.741   0.928   1.00 21.45  ? 72  LEU A CA  1 
ATOM   397  C  C   . LEU A 1 49  ? 6.909   8.287   1.817   1.00 24.88  ? 72  LEU A C   1 
ATOM   398  O  O   . LEU A 1 49  ? 5.781   8.870   1.795   1.00 24.91  ? 72  LEU A O   1 
ATOM   399  C  CB  . LEU A 1 49  ? 8.775   9.865   1.543   1.00 26.11  ? 72  LEU A CB  1 
ATOM   400  C  CG  . LEU A 1 49  ? 9.089   9.749   3.036   1.00 33.90  ? 72  LEU A CG  1 
ATOM   401  C  CD1 . LEU A 1 49  ? 10.272  8.835   3.059   1.00 29.05  ? 72  LEU A CD1 1 
ATOM   402  C  CD2 . LEU A 1 49  ? 9.383   11.184  3.529   1.00 35.40  ? 72  LEU A CD2 1 
ATOM   403  N  N   . VAL A 1 50  ? 7.128   7.111   2.405   1.00 18.31  ? 73  VAL A N   1 
ATOM   404  C  CA  . VAL A 1 50  ? 6.260   6.590   3.486   1.00 17.92  ? 73  VAL A CA  1 
ATOM   405  C  C   . VAL A 1 50  ? 7.183   6.541   4.741   1.00 20.68  ? 73  VAL A C   1 
ATOM   406  O  O   . VAL A 1 50  ? 8.207   5.860   4.757   1.00 19.80  ? 73  VAL A O   1 
ATOM   407  C  CB  . VAL A 1 50  ? 5.627   5.234   3.185   1.00 19.01  ? 73  VAL A CB  1 
ATOM   408  C  CG1 . VAL A 1 50  ? 4.813   4.765   4.403   1.00 18.90  ? 73  VAL A CG1 1 
ATOM   409  C  CG2 . VAL A 1 50  ? 4.741   5.231   1.919   1.00 21.90  ? 73  VAL A CG2 1 
ATOM   410  N  N   . ASN A 1 51  ? 6.824   7.260   5.784   1.00 20.94  ? 74  ASN A N   1 
ATOM   411  C  CA  . ASN A 1 51  ? 7.645   7.262   7.019   1.00 25.21  ? 74  ASN A CA  1 
ATOM   412  C  C   . ASN A 1 51  ? 7.917   5.944   7.623   1.00 20.82  ? 74  ASN A C   1 
ATOM   413  O  O   . ASN A 1 51  ? 7.195   4.966   7.373   1.00 17.10  ? 74  ASN A O   1 
ATOM   414  C  CB  . ASN A 1 51  ? 6.980   8.119   8.077   1.00 29.40  ? 74  ASN A CB  1 
ATOM   415  C  CG  . ASN A 1 51  ? 7.033   9.619   7.746   1.00 35.18  ? 74  ASN A CG  1 
ATOM   416  O  OD1 . ASN A 1 51  ? 7.857   10.112  6.976   1.00 37.42  ? 74  ASN A OD1 1 
ATOM   417  N  ND2 . ASN A 1 51  ? 6.150   10.336  8.361   1.00 38.76  ? 74  ASN A ND2 1 
ATOM   418  N  N   . ARG A 1 52  ? 9.037   5.867   8.344   1.00 17.89  ? 75  ARG A N   1 
ATOM   419  C  CA  . ARG A 1 52  ? 9.457   4.640   8.929   1.00 19.18  ? 75  ARG A CA  1 
ATOM   420  C  C   . ARG A 1 52  ? 8.383   3.945   9.749   1.00 16.81  ? 75  ARG A C   1 
ATOM   421  O  O   . ARG A 1 52  ? 7.654   4.621   10.524  1.00 18.69  ? 75  ARG A O   1 
ATOM   422  C  CB  . ARG A 1 52  ? 10.683  4.873   9.799   1.00 23.53  ? 75  ARG A CB  1 
ATOM   423  C  CG  . ARG A 1 52  ? 11.318  3.543   10.107  1.00 28.25  ? 75  ARG A CG  1 
ATOM   424  C  CD  . ARG A 1 52  ? 12.776  3.684   10.409  1.00 38.94  ? 75  ARG A CD  1 
ATOM   425  N  NE  . ARG A 1 52  ? 13.002  4.488   11.579  1.00 38.90  ? 75  ARG A NE  1 
ATOM   426  C  CZ  . ARG A 1 52  ? 13.595  4.025   12.699  1.00 51.25  ? 75  ARG A CZ  1 
ATOM   427  N  NH1 . ARG A 1 52  ? 13.961  2.740   12.791  1.00 50.03  ? 75  ARG A NH1 1 
ATOM   428  N  NH2 . ARG A 1 52  ? 13.780  4.837   13.763  1.00 45.85  ? 75  ARG A NH2 1 
ATOM   429  N  N   . HIS A 1 53  ? 8.301   2.639   9.577   1.00 16.47  ? 76  HIS A N   1 
ATOM   430  C  CA  . HIS A 1 53  ? 7.325   1.797   10.255  1.00 18.47  ? 76  HIS A CA  1 
ATOM   431  C  C   . HIS A 1 53  ? 7.765   0.365   10.240  1.00 18.71  ? 76  HIS A C   1 
ATOM   432  O  O   . HIS A 1 53  ? 8.669   -0.004  9.464   1.00 18.52  ? 76  HIS A O   1 
ATOM   433  C  CB  . HIS A 1 53  ? 5.905   1.957   9.619   1.00 17.57  ? 76  HIS A CB  1 
ATOM   434  C  CG  . HIS A 1 53  ? 5.860   1.425   8.219   1.00 17.53  ? 76  HIS A CG  1 
ATOM   435  N  ND1 . HIS A 1 53  ? 6.167   2.214   7.133   1.00 18.61  ? 76  HIS A ND1 1 
ATOM   436  C  CD2 . HIS A 1 53  ? 5.593   0.185   7.735   1.00 17.90  ? 76  HIS A CD2 1 
ATOM   437  C  CE1 . HIS A 1 53  ? 6.138   1.452   6.036   1.00 18.69  ? 76  HIS A CE1 1 
ATOM   438  N  NE2 . HIS A 1 53  ? 5.756   0.218   6.361   1.00 19.14  ? 76  HIS A NE2 1 
ATOM   439  N  N   . TYR A 1 54  ? 7.192   -0.519  11.107  1.00 20.08  ? 77  TYR A N   1 
ATOM   440  C  CA  . TYR A 1 54  ? 7.373   -1.949  10.955  1.00 21.79  ? 77  TYR A CA  1 
ATOM   441  C  C   . TYR A 1 54  ? 6.097   -2.664  10.944  1.00 20.96  ? 77  TYR A C   1 
ATOM   442  O  O   . TYR A 1 54  ? 5.064   -2.079  11.272  1.00 18.09  ? 77  TYR A O   1 
ATOM   443  C  CB  . TYR A 1 54  ? 8.334   -2.519  12.012  1.00 27.24  ? 77  TYR A CB  1 
ATOM   444  C  CG  . TYR A 1 54  ? 7.690   -2.748  13.397  1.00 22.31  ? 77  TYR A CG  1 
ATOM   445  C  CD1 . TYR A 1 54  ? 7.601   -1.719  14.269  1.00 26.99  ? 77  TYR A CD1 1 
ATOM   446  C  CD2 . TYR A 1 54  ? 7.091   -3.963  13.700  1.00 29.69  ? 77  TYR A CD2 1 
ATOM   447  C  CE1 . TYR A 1 54  ? 7.013   -1.920  15.568  1.00 26.11  ? 77  TYR A CE1 1 
ATOM   448  C  CE2 . TYR A 1 54  ? 6.507   -4.186  14.938  1.00 29.82  ? 77  TYR A CE2 1 
ATOM   449  C  CZ  . TYR A 1 54  ? 6.461   -3.153  15.851  1.00 28.55  ? 77  TYR A CZ  1 
ATOM   450  O  OH  . TYR A 1 54  ? 5.875   -3.285  17.141  1.00 30.88  ? 77  TYR A OH  1 
ATOM   451  N  N   . HIS A 1 55  ? 6.133   -3.897  10.457  1.00 20.95  ? 78  HIS A N   1 
ATOM   452  C  CA  . HIS A 1 55  ? 5.033   -4.759  10.380  1.00 23.96  ? 78  HIS A CA  1 
ATOM   453  C  C   . HIS A 1 55  ? 5.396   -5.936  11.347  1.00 29.15  ? 78  HIS A C   1 
ATOM   454  O  O   . HIS A 1 55  ? 6.492   -6.480  11.301  1.00 26.67  ? 78  HIS A O   1 
ATOM   455  C  CB  . HIS A 1 55  ? 4.769   -5.336  8.995   1.00 26.83  ? 78  HIS A CB  1 
ATOM   456  C  CG  . HIS A 1 55  ? 4.636   -4.323  7.889   1.00 20.26  ? 78  HIS A CG  1 
ATOM   457  N  ND1 . HIS A 1 55  ? 3.443   -4.020  7.313   1.00 22.70  ? 78  HIS A ND1 1 
ATOM   458  C  CD2 . HIS A 1 55  ? 5.580   -3.586  7.239   1.00 21.43  ? 78  HIS A CD2 1 
ATOM   459  C  CE1 . HIS A 1 55  ? 3.635   -3.095  6.362   1.00 22.09  ? 78  HIS A CE1 1 
ATOM   460  N  NE2 . HIS A 1 55  ? 4.935   -2.816  6.296   1.00 19.34  ? 78  HIS A NE2 1 
ATOM   461  N  N   . PRO A 1 56  ? 4.473   -6.276  12.224  1.00 33.59  ? 79  PRO A N   1 
ATOM   462  C  CA  . PRO A 1 56  ? 4.652   -7.532  13.020  1.00 33.06  ? 79  PRO A CA  1 
ATOM   463  C  C   . PRO A 1 56  ? 4.688   -8.769  12.118  1.00 29.18  ? 79  PRO A C   1 
ATOM   464  O  O   . PRO A 1 56  ? 5.233   -9.770  12.518  1.00 31.56  ? 79  PRO A O   1 
ATOM   465  C  CB  . PRO A 1 56  ? 3.379   -7.587  13.885  1.00 35.01  ? 79  PRO A CB  1 
ATOM   466  C  CG  . PRO A 1 56  ? 3.060   -6.123  14.114  1.00 41.45  ? 79  PRO A CG  1 
ATOM   467  C  CD  . PRO A 1 56  ? 3.452   -5.389  12.817  1.00 33.00  ? 79  PRO A CD  1 
ATOM   468  N  N   . HIS A 1 57  ? 4.106   -8.721  10.919  1.00 24.32  ? 80  HIS A N   1 
ATOM   469  C  CA  . HIS A 1 57  ? 4.163   -9.813  9.975   1.00 23.16  ? 80  HIS A CA  1 
ATOM   470  C  C   . HIS A 1 57  ? 4.783   -9.440  8.593   1.00 26.63  ? 80  HIS A C   1 
ATOM   471  O  O   . HIS A 1 57  ? 5.283   -8.389  8.456   1.00 24.13  ? 80  HIS A O   1 
ATOM   472  C  CB  . HIS A 1 57  ? 2.775   -10.330 9.761   1.00 32.64  ? 80  HIS A CB  1 
ATOM   473  C  CG  . HIS A 1 57  ? 2.117   -10.701 11.050  1.00 40.97  ? 80  HIS A CG  1 
ATOM   474  N  ND1 . HIS A 1 57  ? 2.370   -11.902 11.674  1.00 44.52  ? 80  HIS A ND1 1 
ATOM   475  C  CD2 . HIS A 1 57  ? 1.317   -9.992  11.884  1.00 46.34  ? 80  HIS A CD2 1 
ATOM   476  C  CE1 . HIS A 1 57  ? 1.709   -11.943 12.817  1.00 50.15  ? 80  HIS A CE1 1 
ATOM   477  N  NE2 . HIS A 1 57  ? 1.071   -10.792 12.976  1.00 47.64  ? 80  HIS A NE2 1 
ATOM   478  N  N   . GLU A 1 58  ? 4.714   -10.334 7.629   1.00 23.70  ? 81  GLU A N   1 
ATOM   479  C  CA  . GLU A 1 58  ? 5.422   -10.231 6.341   1.00 27.59  ? 81  GLU A CA  1 
ATOM   480  C  C   . GLU A 1 58  ? 4.683   -9.366  5.327   1.00 20.99  ? 81  GLU A C   1 
ATOM   481  O  O   . GLU A 1 58  ? 3.462   -9.083  5.474   1.00 21.88  ? 81  GLU A O   1 
ATOM   482  C  CB  . GLU A 1 58  ? 5.661   -11.612 5.738   1.00 30.43  ? 81  GLU A CB  1 
ATOM   483  C  CG  . GLU A 1 58  ? 4.463   -12.445 5.543   1.00 44.08  ? 81  GLU A CG  1 
ATOM   484  C  CD  . GLU A 1 58  ? 4.582   -13.622 6.477   1.00 59.76  ? 81  GLU A CD  1 
ATOM   485  O  OE1 . GLU A 1 58  ? 5.455   -14.516 6.194   1.00 53.94  ? 81  GLU A OE1 1 
ATOM   486  O  OE2 . GLU A 1 58  ? 3.884   -13.554 7.538   1.00 68.47  ? 81  GLU A OE2 1 
ATOM   487  N  N   . VAL A 1 59  ? 5.461   -8.900  4.348   1.00 17.15  ? 82  VAL A N   1 
ATOM   488  C  CA  . VAL A 1 59  ? 4.983   -8.115  3.204   1.00 16.71  ? 82  VAL A CA  1 
ATOM   489  C  C   . VAL A 1 59  ? 5.602   -8.732  1.939   1.00 14.45  ? 82  VAL A C   1 
ATOM   490  O  O   . VAL A 1 59  ? 6.794   -9.148  1.930   1.00 14.32  ? 82  VAL A O   1 
ATOM   491  C  CB  . VAL A 1 59  ? 5.430   -6.651  3.358   1.00 19.41  ? 82  VAL A CB  1 
ATOM   492  C  CG1 . VAL A 1 59  ? 5.061   -5.818  2.130   1.00 19.20  ? 82  VAL A CG1 1 
ATOM   493  C  CG2 . VAL A 1 59  ? 4.795   -6.047  4.606   1.00 22.38  ? 82  VAL A CG2 1 
ATOM   494  N  N   . PHE A 1 60  ? 4.792   -8.862  0.898   1.00 12.58  ? 83  PHE A N   1 
ATOM   495  C  CA  . PHE A 1 60  ? 5.220   -9.334  -0.391  1.00 13.75  ? 83  PHE A CA  1 
ATOM   496  C  C   . PHE A 1 60  ? 4.930   -8.221  -1.408  1.00 13.82  ? 83  PHE A C   1 
ATOM   497  O  O   . PHE A 1 60  ? 3.892   -7.550  -1.294  1.00 15.11  ? 83  PHE A O   1 
ATOM   498  C  CB  . PHE A 1 60  ? 4.446   -10.593 -0.878  1.00 14.84  ? 83  PHE A CB  1 
ATOM   499  C  CG  . PHE A 1 60  ? 4.623   -11.804 0.008   1.00 15.48  ? 83  PHE A CG  1 
ATOM   500  C  CD1 . PHE A 1 60  ? 5.651   -12.675 -0.229  1.00 20.88  ? 83  PHE A CD1 1 
ATOM   501  C  CD2 . PHE A 1 60  ? 3.760   -12.034 1.038   1.00 20.63  ? 83  PHE A CD2 1 
ATOM   502  C  CE1 . PHE A 1 60  ? 5.836   -13.841 0.568   1.00 22.75  ? 83  PHE A CE1 1 
ATOM   503  C  CE2 . PHE A 1 60  ? 3.923   -13.138 1.859   1.00 23.56  ? 83  PHE A CE2 1 
ATOM   504  C  CZ  . PHE A 1 60  ? 4.966   -14.041 1.629   1.00 22.08  ? 83  PHE A CZ  1 
ATOM   505  N  N   . ALA A 1 61  ? 5.765   -8.085  -2.412  1.00 14.54  ? 84  ALA A N   1 
ATOM   506  C  CA  . ALA A 1 61  ? 5.572   -7.118  -3.497  1.00 13.32  ? 84  ALA A CA  1 
ATOM   507  C  C   . ALA A 1 61  ? 6.055   -7.557  -4.845  1.00 13.65  ? 84  ALA A C   1 
ATOM   508  O  O   . ALA A 1 61  ? 7.103   -8.279  -4.969  1.00 13.56  ? 84  ALA A O   1 
ATOM   509  C  CB  . ALA A 1 61  ? 6.295   -5.818  -3.155  1.00 15.13  ? 84  ALA A CB  1 
ATOM   510  N  N   . TYR A 1 62  ? 5.331   -7.155  -5.859  1.00 12.96  ? 85  TYR A N   1 
ATOM   511  C  CA  . TYR A 1 62  ? 5.708   -7.343  -7.266  1.00 13.17  ? 85  TYR A CA  1 
ATOM   512  C  C   . TYR A 1 62  ? 5.648   -5.987  -7.956  1.00 14.00  ? 85  TYR A C   1 
ATOM   513  O  O   . TYR A 1 62  ? 4.644   -5.298  -7.923  1.00 12.94  ? 85  TYR A O   1 
ATOM   514  C  CB  . TYR A 1 62  ? 4.804   -8.345  -7.990  1.00 14.12  ? 85  TYR A CB  1 
ATOM   515  C  CG  . TYR A 1 62  ? 5.193   -8.481  -9.420  1.00 14.21  ? 85  TYR A CG  1 
ATOM   516  C  CD1 . TYR A 1 62  ? 6.252   -9.362  -9.807  1.00 16.71  ? 85  TYR A CD1 1 
ATOM   517  C  CD2 . TYR A 1 62  ? 4.587   -7.735  -10.404 1.00 16.43  ? 85  TYR A CD2 1 
ATOM   518  C  CE1 . TYR A 1 62  ? 6.694   -9.411  -11.081 1.00 17.66  ? 85  TYR A CE1 1 
ATOM   519  C  CE2 . TYR A 1 62  ? 5.028   -7.784  -11.690 1.00 15.28  ? 85  TYR A CE2 1 
ATOM   520  C  CZ  . TYR A 1 62  ? 6.063   -8.650  -12.034 1.00 17.74  ? 85  TYR A CZ  1 
ATOM   521  O  OH  . TYR A 1 62  ? 6.503   -8.773  -13.356 1.00 20.98  ? 85  TYR A OH  1 
ATOM   522  N  N   . THR A 1 63  ? 6.793   -5.539  -8.474  1.00 12.05  ? 86  THR A N   1 
ATOM   523  C  CA  . THR A 1 63  ? 6.907   -4.187  -9.057  1.00 11.81  ? 86  THR A CA  1 
ATOM   524  C  C   . THR A 1 63  ? 6.351   -4.126  -10.495 1.00 13.17  ? 86  THR A C   1 
ATOM   525  O  O   . THR A 1 63  ? 6.809   -4.882  -11.384 1.00 13.99  ? 86  THR A O   1 
ATOM   526  C  CB  . THR A 1 63  ? 8.358   -3.698  -9.056  1.00 13.02  ? 86  THR A CB  1 
ATOM   527  O  OG1 . THR A 1 63  ? 8.885   -3.845  -7.731  1.00 13.86  ? 86  THR A OG1 1 
ATOM   528  C  CG2 . THR A 1 63  ? 8.420   -2.222  -9.463  1.00 13.22  ? 86  THR A CG2 1 
ATOM   529  N  N   . ILE A 1 64  ? 5.364   -3.262  -10.679 1.00 14.03  ? 87  ILE A N   1 
ATOM   530  C  CA  . ILE A 1 64  ? 4.726   -3.100  -11.992 1.00 15.08  ? 87  ILE A CA  1 
ATOM   531  C  C   . ILE A 1 64  ? 5.427   -2.053  -12.820 1.00 17.21  ? 87  ILE A C   1 
ATOM   532  O  O   . ILE A 1 64  ? 5.625   -2.242  -14.039 1.00 14.79  ? 87  ILE A O   1 
ATOM   533  C  CB  . ILE A 1 64  ? 3.235   -2.768  -11.812 1.00 15.24  ? 87  ILE A CB  1 
ATOM   534  C  CG1 . ILE A 1 64  ? 2.546   -3.900  -11.117 1.00 15.26  ? 87  ILE A CG1 1 
ATOM   535  C  CG2 . ILE A 1 64  ? 2.504   -2.383  -13.140 1.00 18.18  ? 87  ILE A CG2 1 
ATOM   536  C  CD1 . ILE A 1 64  ? 1.182   -3.595  -10.506 1.00 15.56  ? 87  ILE A CD1 1 
ATOM   537  N  N   . SER A 1 65  ? 5.802   -0.933  -12.189 1.00 14.67  ? 88  SER A N   1 
ATOM   538  C  CA  . SER A 1 65  ? 6.424   0.165   -12.934 1.00 15.94  ? 88  SER A CA  1 
ATOM   539  C  C   . SER A 1 65  ? 7.209   1.069   -11.950 1.00 16.47  ? 88  SER A C   1 
ATOM   540  O  O   . SER A 1 65  ? 6.960   1.034   -10.739 1.00 12.83  ? 88  SER A O   1 
ATOM   541  C  CB  . SER A 1 65  ? 5.402   0.955   -13.757 1.00 17.32  ? 88  SER A CB  1 
ATOM   542  O  OG  . SER A 1 65  ? 4.518   1.669   -12.970 1.00 18.46  ? 88  SER A OG  1 
ATOM   543  N  N   . GLY A 1 66  ? 8.055   1.921   -12.537 1.00 15.52  ? 89  GLY A N   1 
ATOM   544  C  CA  . GLY A 1 66  ? 8.814   2.884   -11.759 1.00 15.94  ? 89  GLY A CA  1 
ATOM   545  C  C   . GLY A 1 66  ? 10.004  2.334   -11.036 1.00 15.08  ? 89  GLY A C   1 
ATOM   546  O  O   . GLY A 1 66  ? 10.638  1.381   -11.489 1.00 15.21  ? 89  GLY A O   1 
ATOM   547  N  N   . LYS A 1 67  ? 10.392  3.029   -9.976  1.00 13.89  ? 90  LYS A N   1 
ATOM   548  C  CA  . LYS A 1 67  ? 11.591  2.769   -9.249  1.00 13.67  ? 90  LYS A CA  1 
ATOM   549  C  C   . LYS A 1 67  ? 11.377  3.171   -7.778  1.00 14.08  ? 90  LYS A C   1 
ATOM   550  O  O   . LYS A 1 67  ? 10.968  4.329   -7.470  1.00 13.28  ? 90  LYS A O   1 
ATOM   551  C  CB  . LYS A 1 67  ? 12.778  3.558   -9.857  1.00 16.60  ? 90  LYS A CB  1 
ATOM   552  C  CG  . LYS A 1 67  ? 14.050  3.367   -9.030  1.00 18.57  ? 90  LYS A CG  1 
ATOM   553  C  CD  . LYS A 1 67  ? 15.168  4.153   -9.686  1.00 25.77  ? 90  LYS A CD  1 
ATOM   554  C  CE  . LYS A 1 67  ? 16.373  4.186   -8.760  1.00 29.04  ? 90  LYS A CE  1 
ATOM   555  N  NZ  . LYS A 1 67  ? 17.609  4.196   -9.581  1.00 37.76  ? 90  LYS A NZ  1 
ATOM   556  N  N   . TRP A 1 68  ? 11.570  2.202   -6.885  1.00 13.08  ? 91  TRP A N   1 
ATOM   557  C  CA  . TRP A 1 68  ? 11.303  2.382   -5.477  1.00 12.34  ? 91  TRP A CA  1 
ATOM   558  C  C   . TRP A 1 68  ? 12.210  1.484   -4.632  1.00 12.74  ? 91  TRP A C   1 
ATOM   559  O  O   . TRP A 1 68  ? 12.884  0.564   -5.146  1.00 14.23  ? 91  TRP A O   1 
ATOM   560  C  CB  . TRP A 1 68  ? 9.794   2.102   -5.168  1.00 12.84  ? 91  TRP A CB  1 
ATOM   561  C  CG  . TRP A 1 68  ? 9.493   0.579   -5.233  1.00 12.26  ? 91  TRP A CG  1 
ATOM   562  C  CD1 . TRP A 1 68  ? 9.323   -0.159  -6.381  1.00 12.97  ? 91  TRP A CD1 1 
ATOM   563  C  CD2 . TRP A 1 68  ? 9.403   -0.319  -4.144  1.00 13.78  ? 91  TRP A CD2 1 
ATOM   564  N  NE1 . TRP A 1 68  ? 9.094   -1.482  -6.059  1.00 13.31  ? 91  TRP A NE1 1 
ATOM   565  C  CE2 . TRP A 1 68  ? 9.087   -1.597  -4.678  1.00 13.69  ? 91  TRP A CE2 1 
ATOM   566  C  CE3 . TRP A 1 68  ? 9.450   -0.139  -2.716  1.00 15.89  ? 91  TRP A CE3 1 
ATOM   567  C  CZ2 . TRP A 1 68  ? 8.920   -2.734  -3.861  1.00 14.53  ? 91  TRP A CZ2 1 
ATOM   568  C  CZ3 . TRP A 1 68  ? 9.263   -1.289  -1.928  1.00 19.37  ? 91  TRP A CZ3 1 
ATOM   569  C  CH2 . TRP A 1 68  ? 9.057   -2.557  -2.517  1.00 14.86  ? 91  TRP A CH2 1 
ATOM   570  N  N   . GLY A 1 69  ? 12.196  1.696   -3.307  1.00 13.33  ? 92  GLY A N   1 
ATOM   571  C  CA  . GLY A 1 69  ? 12.912  0.794   -2.426  1.00 13.98  ? 92  GLY A CA  1 
ATOM   572  C  C   . GLY A 1 69  ? 12.689  1.116   -0.989  1.00 14.18  ? 92  GLY A C   1 
ATOM   573  O  O   . GLY A 1 69  ? 11.871  2.032   -0.701  1.00 13.76  ? 92  GLY A O   1 
ATOM   574  N  N   . TYR A 1 70  ? 13.413  0.403   -0.119  1.00 13.63  ? 93  TYR A N   1 
ATOM   575  C  CA  . TYR A 1 70  ? 13.414  0.780   1.276   1.00 14.12  ? 93  TYR A CA  1 
ATOM   576  C  C   . TYR A 1 70  ? 14.840  1.238   1.618   1.00 14.42  ? 93  TYR A C   1 
ATOM   577  O  O   . TYR A 1 70  ? 15.827  0.636   1.187   1.00 16.32  ? 93  TYR A O   1 
ATOM   578  C  CB  . TYR A 1 70  ? 12.985  -0.385  2.190   1.00 15.68  ? 93  TYR A CB  1 
ATOM   579  C  CG  . TYR A 1 70  ? 11.614  -0.948  2.025   1.00 14.50  ? 93  TYR A CG  1 
ATOM   580  C  CD1 . TYR A 1 70  ? 10.541  -0.272  2.497   1.00 15.20  ? 93  TYR A CD1 1 
ATOM   581  C  CD2 . TYR A 1 70  ? 11.420  -2.220  1.425   1.00 17.93  ? 93  TYR A CD2 1 
ATOM   582  C  CE1 . TYR A 1 70  ? 9.217   -0.825  2.383   1.00 15.53  ? 93  TYR A CE1 1 
ATOM   583  C  CE2 . TYR A 1 70  ? 10.154  -2.791  1.331   1.00 16.71  ? 93  TYR A CE2 1 
ATOM   584  C  CZ  . TYR A 1 70  ? 9.060   -2.053  1.793   1.00 16.04  ? 93  TYR A CZ  1 
ATOM   585  O  OH  . TYR A 1 70  ? 7.747   -2.525  1.729   1.00 19.40  ? 93  TYR A OH  1 
ATOM   586  N  N   . LEU A 1 71  ? 14.920  2.318   2.404   1.00 14.30  ? 94  LEU A N   1 
ATOM   587  C  CA  . LEU A 1 71  ? 16.262  2.907   2.693   1.00 14.94  ? 94  LEU A CA  1 
ATOM   588  C  C   . LEU A 1 71  ? 17.113  1.952   3.473   1.00 14.96  ? 94  LEU A C   1 
ATOM   589  O  O   . LEU A 1 71  ? 18.366  2.028   3.415   1.00 15.73  ? 94  LEU A O   1 
ATOM   590  C  CB  . LEU A 1 71  ? 16.129  4.189   3.444   1.00 16.46  ? 94  LEU A CB  1 
ATOM   591  C  CG  . LEU A 1 71  ? 15.428  5.284   2.586   1.00 18.58  ? 94  LEU A CG  1 
ATOM   592  C  CD1 . LEU A 1 71  ? 15.429  6.542   3.420   1.00 19.30  ? 94  LEU A CD1 1 
ATOM   593  C  CD2 . LEU A 1 71  ? 16.154  5.515   1.235   1.00 19.74  ? 94  LEU A CD2 1 
ATOM   594  N  N   . GLU A 1 72  ? 16.479  1.016   4.173   1.00 14.92  ? 95  GLU A N   1 
ATOM   595  C  CA  . GLU A 1 72  ? 17.229  0.086   5.052   1.00 17.80  ? 95  GLU A CA  1 
ATOM   596  C  C   . GLU A 1 72  ? 17.818  -1.107  4.306   1.00 19.49  ? 95  GLU A C   1 
ATOM   597  O  O   . GLU A 1 72  ? 18.471  -1.893  4.928   1.00 19.05  ? 95  GLU A O   1 
ATOM   598  C  CB  . GLU A 1 72  ? 16.351  -0.398  6.191   1.00 19.80  ? 95  GLU A CB  1 
ATOM   599  C  CG  . GLU A 1 72  ? 15.908  0.707   7.092   1.00 20.06  ? 95  GLU A CG  1 
ATOM   600  C  CD  . GLU A 1 72  ? 14.779  1.647   6.609   1.00 21.01  ? 95  GLU A CD  1 
ATOM   601  O  OE1 . GLU A 1 72  ? 14.210  1.478   5.502   1.00 18.68  ? 95  GLU A OE1 1 
ATOM   602  O  OE2 . GLU A 1 72  ? 14.471  2.603   7.360   1.00 23.38  ? 95  GLU A OE2 1 
ATOM   603  N  N   . HIS A 1 73  ? 17.648  -1.212  2.982   1.00 16.49  ? 96  HIS A N   1 
ATOM   604  C  CA  . HIS A 1 73  ? 18.211  -2.243  2.163   1.00 18.21  ? 96  HIS A CA  1 
ATOM   605  C  C   . HIS A 1 73  ? 19.079  -1.624  1.064   1.00 20.52  ? 96  HIS A C   1 
ATOM   606  O  O   . HIS A 1 73  ? 19.049  -0.441  0.812   1.00 23.04  ? 96  HIS A O   1 
ATOM   607  C  CB  . HIS A 1 73  ? 17.136  -3.198  1.569   1.00 19.63  ? 96  HIS A CB  1 
ATOM   608  C  CG  . HIS A 1 73  ? 16.191  -3.712  2.589   1.00 21.08  ? 96  HIS A CG  1 
ATOM   609  N  ND1 . HIS A 1 73  ? 16.637  -4.368  3.719   1.00 22.32  ? 96  HIS A ND1 1 
ATOM   610  C  CD2 . HIS A 1 73  ? 14.825  -3.771  2.627   1.00 23.97  ? 96  HIS A CD2 1 
ATOM   611  C  CE1 . HIS A 1 73  ? 15.595  -4.677  4.490   1.00 25.86  ? 96  HIS A CE1 1 
ATOM   612  N  NE2 . HIS A 1 73  ? 14.482  -4.405  3.816   1.00 25.70  ? 96  HIS A NE2 1 
ATOM   613  N  N   . ASP A 1 74  ? 19.859  -2.441  0.393   1.00 17.69  ? 97  ASP A N   1 
ATOM   614  C  CA  . ASP A 1 74  ? 20.781  -1.892  -0.573  1.00 21.91  ? 97  ASP A CA  1 
ATOM   615  C  C   . ASP A 1 74  ? 20.320  -1.863  -2.015  1.00 23.65  ? 97  ASP A C   1 
ATOM   616  O  O   . ASP A 1 74  ? 21.063  -1.455  -2.878  1.00 29.06  ? 97  ASP A O   1 
ATOM   617  C  CB  . ASP A 1 74  ? 22.148  -2.579  -0.436  1.00 26.61  ? 97  ASP A CB  1 
ATOM   618  C  CG  . ASP A 1 74  ? 22.113  -4.074  -0.738  1.00 40.52  ? 97  ASP A CG  1 
ATOM   619  O  OD1 . ASP A 1 74  ? 21.048  -4.640  -1.097  1.00 42.14  ? 97  ASP A OD1 1 
ATOM   620  O  OD2 . ASP A 1 74  ? 23.202  -4.682  -0.632  1.00 55.72  ? 97  ASP A OD2 1 
ATOM   621  N  N   . TRP A 1 75  ? 19.109  -2.252  -2.301  1.00 19.25  ? 98  TRP A N   1 
ATOM   622  C  CA  . TRP A 1 75  ? 18.665  -2.392  -3.694  1.00 19.27  ? 98  TRP A CA  1 
ATOM   623  C  C   . TRP A 1 75  ? 17.638  -1.320  -4.003  1.00 18.14  ? 98  TRP A C   1 
ATOM   624  O  O   . TRP A 1 75  ? 17.043  -0.725  -3.104  1.00 17.90  ? 98  TRP A O   1 
ATOM   625  C  CB  . TRP A 1 75  ? 18.050  -3.834  -3.889  1.00 20.87  ? 98  TRP A CB  1 
ATOM   626  C  CG  . TRP A 1 75  ? 17.097  -4.305  -2.826  1.00 18.51  ? 98  TRP A CG  1 
ATOM   627  C  CD1 . TRP A 1 75  ? 17.407  -5.140  -1.763  1.00 19.79  ? 98  TRP A CD1 1 
ATOM   628  C  CD2 . TRP A 1 75  ? 15.728  -3.974  -2.670  1.00 19.30  ? 98  TRP A CD2 1 
ATOM   629  N  NE1 . TRP A 1 75  ? 16.334  -5.289  -0.958  1.00 20.35  ? 98  TRP A NE1 1 
ATOM   630  C  CE2 . TRP A 1 75  ? 15.279  -4.586  -1.482  1.00 20.78  ? 98  TRP A CE2 1 
ATOM   631  C  CE3 . TRP A 1 75  ? 14.832  -3.154  -3.372  1.00 20.00  ? 98  TRP A CE3 1 
ATOM   632  C  CZ2 . TRP A 1 75  ? 13.980  -4.436  -1.004  1.00 20.61  ? 98  TRP A CZ2 1 
ATOM   633  C  CZ3 . TRP A 1 75  ? 13.524  -3.060  -2.927  1.00 20.45  ? 98  TRP A CZ3 1 
ATOM   634  C  CH2 . TRP A 1 75  ? 13.112  -3.657  -1.729  1.00 20.05  ? 98  TRP A CH2 1 
ATOM   635  N  N   . THR A 1 76  ? 17.378  -1.112  -5.263  1.00 18.76  ? 99  THR A N   1 
ATOM   636  C  CA  . THR A 1 76  ? 16.137  -0.460  -5.702  1.00 20.17  ? 99  THR A CA  1 
ATOM   637  C  C   . THR A 1 76  ? 15.436  -1.324  -6.768  1.00 19.57  ? 99  THR A C   1 
ATOM   638  O  O   . THR A 1 76  ? 16.053  -2.033  -7.531  1.00 19.65  ? 99  THR A O   1 
ATOM   639  C  CB  . THR A 1 76  ? 16.327  0.920   -6.283  1.00 26.67  ? 99  THR A CB  1 
ATOM   640  O  OG1 . THR A 1 76  ? 17.315  0.821   -7.247  1.00 25.78  ? 99  THR A OG1 1 
ATOM   641  C  CG2 . THR A 1 76  ? 16.862  1.915   -5.206  1.00 30.23  ? 99  THR A CG2 1 
ATOM   642  N  N   . ALA A 1 77  ? 14.131  -1.351  -6.663  1.00 15.35  ? 100 ALA A N   1 
ATOM   643  C  CA  . ALA A 1 77  ? 13.284  -2.227  -7.446  1.00 14.51  ? 100 ALA A CA  1 
ATOM   644  C  C   . ALA A 1 77  ? 12.694  -1.436  -8.602  1.00 16.54  ? 100 ALA A C   1 
ATOM   645  O  O   . ALA A 1 77  ? 12.226  -0.292  -8.424  1.00 15.46  ? 100 ALA A O   1 
ATOM   646  C  CB  . ALA A 1 77  ? 12.197  -2.751  -6.560  1.00 13.26  ? 100 ALA A CB  1 
ATOM   647  N  N   . THR A 1 78  ? 12.737  -2.075  -9.785  1.00 14.91  ? 101 THR A N   1 
ATOM   648  C  CA  . THR A 1 78  ? 12.100  -1.582  -10.975 1.00 15.48  ? 101 THR A CA  1 
ATOM   649  C  C   . THR A 1 78  ? 11.200  -2.683  -11.568 1.00 15.43  ? 101 THR A C   1 
ATOM   650  O  O   . THR A 1 78  ? 10.997  -3.745  -10.972 1.00 14.22  ? 101 THR A O   1 
ATOM   651  C  CB  . THR A 1 78  ? 13.149  -1.134  -11.997 1.00 20.31  ? 101 THR A CB  1 
ATOM   652  O  OG1 . THR A 1 78  ? 14.060  -2.172  -12.252 1.00 21.82  ? 101 THR A OG1 1 
ATOM   653  C  CG2 . THR A 1 78  ? 13.957  0.059   -11.490 1.00 23.97  ? 101 THR A CG2 1 
ATOM   654  N  N   . ARG A 1 79  ? 10.557  -2.370  -12.689 1.00 14.84  ? 102 ARG A N   1 
ATOM   655  C  CA  . ARG A 1 79  ? 9.503   -3.202  -13.261 1.00 16.20  ? 102 ARG A CA  1 
ATOM   656  C  C   . ARG A 1 79  ? 9.988   -4.649  -13.346 1.00 16.37  ? 102 ARG A C   1 
ATOM   657  O  O   . ARG A 1 79  ? 11.076  -4.966  -13.831 1.00 14.96  ? 102 ARG A O   1 
ATOM   658  C  CB  . ARG A 1 79  ? 9.065   -2.665  -14.652 1.00 19.88  ? 102 ARG A CB  1 
ATOM   659  C  CG  . ARG A 1 79  ? 8.126   -3.646  -15.400 1.00 24.97  ? 102 ARG A CG  1 
ATOM   660  C  CD  . ARG A 1 79  ? 7.641   -3.092  -16.762 1.00 32.53  ? 102 ARG A CD  1 
ATOM   661  N  NE  . ARG A 1 79  ? 8.801   -2.700  -17.520 1.00 50.66  ? 102 ARG A NE  1 
ATOM   662  C  CZ  . ARG A 1 79  ? 9.501   -3.493  -18.362 1.00 75.07  ? 102 ARG A CZ  1 
ATOM   663  N  NH1 . ARG A 1 79  ? 9.150   -4.772  -18.602 1.00 78.37  ? 102 ARG A NH1 1 
ATOM   664  N  NH2 . ARG A 1 79  ? 10.583  -2.998  -18.981 1.00 80.69  ? 102 ARG A NH2 1 
ATOM   665  N  N   . GLY A 1 80  ? 9.183   -5.532  -12.792 1.00 15.89  ? 103 GLY A N   1 
ATOM   666  C  CA  . GLY A 1 80  ? 9.408   -6.930  -12.782 1.00 17.22  ? 103 GLY A CA  1 
ATOM   667  C  C   . GLY A 1 80  ? 10.116  -7.523  -11.566 1.00 16.02  ? 103 GLY A C   1 
ATOM   668  O  O   . GLY A 1 80  ? 10.290  -8.743  -11.506 1.00 16.48  ? 103 GLY A O   1 
ATOM   669  N  N   . ASP A 1 81  ? 10.519  -6.700  -10.588 1.00 13.77  ? 104 ASP A N   1 
ATOM   670  C  CA  . ASP A 1 81  ? 11.264  -7.116  -9.475  1.00 14.39  ? 104 ASP A CA  1 
ATOM   671  C  C   . ASP A 1 81  ? 10.345  -7.580  -8.349  1.00 13.87  ? 104 ASP A C   1 
ATOM   672  O  O   . ASP A 1 81  ? 9.343   -6.924  -8.079  1.00 14.99  ? 104 ASP A O   1 
ATOM   673  C  CB  . ASP A 1 81  ? 12.186  -6.021  -8.945  1.00 14.44  ? 104 ASP A CB  1 
ATOM   674  C  CG  . ASP A 1 81  ? 13.311  -5.614  -9.963  1.00 18.48  ? 104 ASP A CG  1 
ATOM   675  O  OD1 . ASP A 1 81  ? 13.507  -6.274  -11.027 1.00 17.97  ? 104 ASP A OD1 1 
ATOM   676  O  OD2 . ASP A 1 81  ? 14.079  -4.667  -9.667  1.00 18.58  ? 104 ASP A OD2 1 
ATOM   677  N  N   . PHE A 1 82  ? 10.678  -8.694  -7.681  1.00 12.07  ? 105 PHE A N   1 
ATOM   678  C  CA  . PHE A 1 82  ? 9.953   -9.227  -6.515  1.00 12.36  ? 105 PHE A CA  1 
ATOM   679  C  C   . PHE A 1 82  ? 10.677  -8.878  -5.200  1.00 13.85  ? 105 PHE A C   1 
ATOM   680  O  O   . PHE A 1 82  ? 11.947  -8.936  -5.135  1.00 14.54  ? 105 PHE A O   1 
ATOM   681  C  CB  . PHE A 1 82  ? 9.863   -10.778 -6.667  1.00 12.97  ? 105 PHE A CB  1 
ATOM   682  C  CG  . PHE A 1 82  ? 9.484   -11.528 -5.384  1.00 13.48  ? 105 PHE A CG  1 
ATOM   683  C  CD1 . PHE A 1 82  ? 8.151   -11.584 -4.940  1.00 13.24  ? 105 PHE A CD1 1 
ATOM   684  C  CD2 . PHE A 1 82  ? 10.445  -12.157 -4.606  1.00 13.37  ? 105 PHE A CD2 1 
ATOM   685  C  CE1 . PHE A 1 82  ? 7.826   -12.265 -3.774  1.00 14.89  ? 105 PHE A CE1 1 
ATOM   686  C  CE2 . PHE A 1 82  ? 10.135  -12.757 -3.417  1.00 15.24  ? 105 PHE A CE2 1 
ATOM   687  C  CZ  . PHE A 1 82  ? 8.817   -12.816 -2.991  1.00 14.64  ? 105 PHE A CZ  1 
ATOM   688  N  N   . VAL A 1 83  ? 9.891   -8.541  -4.198  1.00 12.79  ? 106 VAL A N   1 
ATOM   689  C  CA  . VAL A 1 83  ? 10.365  -8.224  -2.834  1.00 13.52  ? 106 VAL A CA  1 
ATOM   690  C  C   . VAL A 1 83  ? 9.612   -8.954  -1.784  1.00 14.90  ? 106 VAL A C   1 
ATOM   691  O  O   . VAL A 1 83  ? 8.363   -9.102  -1.809  1.00 14.50  ? 106 VAL A O   1 
ATOM   692  C  CB  . VAL A 1 83  ? 10.269  -6.691  -2.591  1.00 14.50  ? 106 VAL A CB  1 
ATOM   693  C  CG1 . VAL A 1 83  ? 10.643  -6.271  -1.174  1.00 17.49  ? 106 VAL A CG1 1 
ATOM   694  C  CG2 . VAL A 1 83  ? 11.216  -6.009  -3.541  1.00 16.71  ? 106 VAL A CG2 1 
ATOM   695  N  N   . TYR A 1 84  ? 10.340  -9.437  -0.768  1.00 15.36  ? 107 TYR A N   1 
ATOM   696  C  CA  . TYR A 1 84  ? 9.754   -9.942  0.462   1.00 14.80  ? 107 TYR A CA  1 
ATOM   697  C  C   . TYR A 1 84  ? 10.416  -9.264  1.613   1.00 16.24  ? 107 TYR A C   1 
ATOM   698  O  O   . TYR A 1 84  ? 11.657  -9.213  1.670   1.00 16.97  ? 107 TYR A O   1 
ATOM   699  C  CB  . TYR A 1 84  ? 9.959   -11.416 0.564   1.00 18.38  ? 107 TYR A CB  1 
ATOM   700  C  CG  . TYR A 1 84  ? 9.759   -11.999 1.945   1.00 18.21  ? 107 TYR A CG  1 
ATOM   701  C  CD1 . TYR A 1 84  ? 8.454   -12.306 2.417   1.00 20.86  ? 107 TYR A CD1 1 
ATOM   702  C  CD2 . TYR A 1 84  ? 10.834  -12.247 2.769   1.00 22.06  ? 107 TYR A CD2 1 
ATOM   703  C  CE1 . TYR A 1 84  ? 8.294   -12.867 3.699   1.00 25.44  ? 107 TYR A CE1 1 
ATOM   704  C  CE2 . TYR A 1 84  ? 10.655  -12.817 4.001   1.00 24.77  ? 107 TYR A CE2 1 
ATOM   705  C  CZ  . TYR A 1 84  ? 9.416   -13.146 4.413   1.00 24.44  ? 107 TYR A CZ  1 
ATOM   706  O  OH  . TYR A 1 84  ? 9.273   -13.695 5.670   1.00 32.99  ? 107 TYR A OH  1 
ATOM   707  N  N   . GLU A 1 85  ? 9.611   -8.693  2.496   1.00 15.85  ? 108 GLU A N   1 
ATOM   708  C  CA  . GLU A 1 85  ? 10.088  -8.179  3.757   1.00 19.32  ? 108 GLU A CA  1 
ATOM   709  C  C   . GLU A 1 85  ? 9.805   -9.064  4.954   1.00 19.87  ? 108 GLU A C   1 
ATOM   710  O  O   . GLU A 1 85  ? 8.660   -9.441  5.233   1.00 18.03  ? 108 GLU A O   1 
ATOM   711  C  CB  . GLU A 1 85  ? 9.590   -6.742  3.943   1.00 24.85  ? 108 GLU A CB  1 
ATOM   712  C  CG  . GLU A 1 85  ? 10.706  -5.857  3.456   1.00 40.74  ? 108 GLU A CG  1 
ATOM   713  C  CD  . GLU A 1 85  ? 11.773  -5.648  4.590   1.00 42.83  ? 108 GLU A CD  1 
ATOM   714  O  OE1 . GLU A 1 85  ? 12.487  -6.533  5.275   1.00 35.12  ? 108 GLU A OE1 1 
ATOM   715  O  OE2 . GLU A 1 85  ? 11.810  -4.468  4.807   1.00 34.66  ? 108 GLU A OE2 1 
ATOM   716  N  N   . THR A 1 86  ? 10.871  -9.296  5.743   1.00 19.78  ? 109 THR A N   1 
ATOM   717  C  CA  . THR A 1 86  ? 10.779  -10.174 6.923   1.00 23.30  ? 109 THR A CA  1 
ATOM   718  C  C   . THR A 1 86  ? 9.917   -9.456  8.031   1.00 20.70  ? 109 THR A C   1 
ATOM   719  O  O   . THR A 1 86  ? 10.044  -8.268  8.189   1.00 22.02  ? 109 THR A O   1 
ATOM   720  C  CB  . THR A 1 86  ? 12.242  -10.428 7.477   1.00 34.01  ? 109 THR A CB  1 
ATOM   721  O  OG1 . THR A 1 86  ? 12.986  -11.149 6.495   1.00 44.49  ? 109 THR A OG1 1 
ATOM   722  C  CG2 . THR A 1 86  ? 12.220  -11.308 8.653   1.00 41.42  ? 109 THR A CG2 1 
ATOM   723  N  N   . PRO A 1 87  ? 9.171   -10.214 8.840   1.00 24.54  ? 110 PRO A N   1 
ATOM   724  C  CA  . PRO A 1 87  ? 8.379   -9.662  9.927   1.00 24.78  ? 110 PRO A CA  1 
ATOM   725  C  C   . PRO A 1 87  ? 9.272   -8.918  10.878  1.00 28.32  ? 110 PRO A C   1 
ATOM   726  O  O   . PRO A 1 87  ? 10.445  -9.311  11.126  1.00 22.38  ? 110 PRO A O   1 
ATOM   727  C  CB  . PRO A 1 87  ? 7.781   -10.891 10.613  1.00 27.55  ? 110 PRO A CB  1 
ATOM   728  C  CG  . PRO A 1 87  ? 7.836   -11.978 9.617   1.00 33.19  ? 110 PRO A CG  1 
ATOM   729  C  CD  . PRO A 1 87  ? 9.020   -11.672 8.739   1.00 30.91  ? 110 PRO A CD  1 
ATOM   730  N  N   . GLY A 1 88  ? 8.725   -7.857  11.415  1.00 28.41  ? 111 GLY A N   1 
ATOM   731  C  CA  . GLY A 1 88  ? 9.392   -7.078  12.435  1.00 32.18  ? 111 GLY A CA  1 
ATOM   732  C  C   . GLY A 1 88  ? 10.505  -6.146  12.003  1.00 34.07  ? 111 GLY A C   1 
ATOM   733  O  O   . GLY A 1 88  ? 11.049  -5.414  12.843  1.00 34.39  ? 111 GLY A O   1 
ATOM   734  N  N   . GLU A 1 89  ? 10.780  -6.074  10.703  1.00 32.17  ? 112 GLU A N   1 
ATOM   735  C  CA  . GLU A 1 89  ? 11.837  -5.158  10.230  1.00 39.26  ? 112 GLU A CA  1 
ATOM   736  C  C   . GLU A 1 89  ? 11.297  -3.699  9.960   1.00 30.99  ? 112 GLU A C   1 
ATOM   737  O  O   . GLU A 1 89  ? 10.336  -3.515  9.183   1.00 33.00  ? 112 GLU A O   1 
ATOM   738  C  CB  . GLU A 1 89  ? 12.537  -5.718  8.973   1.00 48.80  ? 112 GLU A CB  1 
ATOM   739  C  CG  . GLU A 1 89  ? 13.467  -6.890  9.288   1.00 60.01  ? 112 GLU A CG  1 
ATOM   740  C  CD  . GLU A 1 89  ? 14.504  -6.511  10.338  1.00 69.38  ? 112 GLU A CD  1 
ATOM   741  O  OE1 . GLU A 1 89  ? 15.262  -5.525  10.123  1.00 75.88  ? 112 GLU A OE1 1 
ATOM   742  O  OE2 . GLU A 1 89  ? 14.524  -7.171  11.403  1.00 70.37  ? 112 GLU A OE2 1 
ATOM   743  N  N   . GLY A 1 90  ? 11.881  -2.716  10.628  1.00 22.90  ? 113 GLY A N   1 
ATOM   744  C  CA  . GLY A 1 90  ? 11.492  -1.263  10.463  1.00 27.23  ? 113 GLY A CA  1 
ATOM   745  C  C   . GLY A 1 90  ? 11.986  -0.791  9.079   1.00 27.07  ? 113 GLY A C   1 
ATOM   746  O  O   . GLY A 1 90  ? 13.109  -1.070  8.700   1.00 26.46  ? 113 GLY A O   1 
ATOM   747  N  N   . HIS A 1 91  ? 11.140  -0.130  8.283   1.00 19.34  ? 114 HIS A N   1 
ATOM   748  C  CA  . HIS A 1 91  ? 11.601  0.282   6.938   1.00 18.52  ? 114 HIS A CA  1 
ATOM   749  C  C   . HIS A 1 91  ? 10.906  1.583   6.488   1.00 17.04  ? 114 HIS A C   1 
ATOM   750  O  O   . HIS A 1 91  ? 9.813   1.936   7.019   1.00 15.07  ? 114 HIS A O   1 
ATOM   751  C  CB  . HIS A 1 91  ? 11.441  -0.818  5.943   1.00 18.61  ? 114 HIS A CB  1 
ATOM   752  C  CG  . HIS A 1 91  ? 10.046  -1.345  5.737   1.00 17.85  ? 114 HIS A CG  1 
ATOM   753  N  ND1 . HIS A 1 91  ? 9.817   -2.606  5.257   1.00 22.22  ? 114 HIS A ND1 1 
ATOM   754  C  CD2 . HIS A 1 91  ? 8.835   -0.801  5.943   1.00 18.42  ? 114 HIS A CD2 1 
ATOM   755  C  CE1 . HIS A 1 91  ? 8.502   -2.795  5.129   1.00 22.21  ? 114 HIS A CE1 1 
ATOM   756  N  NE2 . HIS A 1 91  ? 7.863   -1.698  5.491   1.00 19.23  ? 114 HIS A NE2 1 
ATOM   757  N  N   . THR A 1 92  ? 11.602  2.314   5.601   1.00 16.50  ? 115 THR A N   1 
ATOM   758  C  CA  . THR A 1 92  ? 11.176  3.601   5.108   1.00 16.30  ? 115 THR A CA  1 
ATOM   759  C  C   . THR A 1 92  ? 11.082  3.455   3.582   1.00 15.19  ? 115 THR A C   1 
ATOM   760  O  O   . THR A 1 92  ? 12.093  3.192   2.924   1.00 14.17  ? 115 THR A O   1 
ATOM   761  C  CB  . THR A 1 92  ? 12.244  4.645   5.404   1.00 18.77  ? 115 THR A CB  1 
ATOM   762  O  OG1 . THR A 1 92  ? 12.588  4.613   6.829   1.00 19.31  ? 115 THR A OG1 1 
ATOM   763  C  CG2 . THR A 1 92  ? 11.755  6.027   5.043   1.00 17.88  ? 115 THR A CG2 1 
ATOM   764  N  N   . LEU A 1 93  ? 9.875   3.483   3.050   1.00 14.06  ? 116 LEU A N   1 
ATOM   765  C  CA  . LEU A 1 93  ? 9.661   3.308   1.611   1.00 13.15  ? 116 LEU A CA  1 
ATOM   766  C  C   . LEU A 1 93  ? 9.850   4.639   0.855   1.00 14.26  ? 116 LEU A C   1 
ATOM   767  O  O   . LEU A 1 93  ? 9.278   5.659   1.280   1.00 15.30  ? 116 LEU A O   1 
ATOM   768  C  CB  . LEU A 1 93  ? 8.224   2.764   1.379   1.00 14.84  ? 116 LEU A CB  1 
ATOM   769  C  CG  . LEU A 1 93  ? 7.971   2.368   -0.078  1.00 17.09  ? 116 LEU A CG  1 
ATOM   770  C  CD1 . LEU A 1 93  ? 6.873   1.294   -0.120  1.00 21.25  ? 116 LEU A CD1 1 
ATOM   771  C  CD2 . LEU A 1 93  ? 7.512   3.532   -1.011  1.00 17.68  ? 116 LEU A CD2 1 
ATOM   772  N  N   . VAL A 1 94  ? 10.617  4.612   -0.238  1.00 14.17  ? 117 VAL A N   1 
ATOM   773  C  CA  . VAL A 1 94  ? 10.830  5.764   -1.080  1.00 13.89  ? 117 VAL A CA  1 
ATOM   774  C  C   . VAL A 1 94  ? 10.471  5.400   -2.514  1.00 15.09  ? 117 VAL A C   1 
ATOM   775  O  O   . VAL A 1 94  ? 10.716  4.285   -2.935  1.00 14.22  ? 117 VAL A O   1 
ATOM   776  C  CB  . VAL A 1 94  ? 12.270  6.335   -0.951  1.00 14.91  ? 117 VAL A CB  1 
ATOM   777  C  CG1 . VAL A 1 94  ? 12.468  6.808   0.480   1.00 17.20  ? 117 VAL A CG1 1 
ATOM   778  C  CG2 . VAL A 1 94  ? 13.294  5.313   -1.368  1.00 15.75  ? 117 VAL A CG2 1 
ATOM   779  N  N   . ALA A 1 95  ? 9.958   6.396   -3.250  1.00 14.05  ? 118 ALA A N   1 
ATOM   780  C  CA  . ALA A 1 95  ? 9.743   6.302   -4.677  1.00 15.35  ? 118 ALA A CA  1 
ATOM   781  C  C   . ALA A 1 95  ? 10.544  7.433   -5.385  1.00 14.98  ? 118 ALA A C   1 
ATOM   782  O  O   . ALA A 1 95  ? 10.527  8.572   -4.930  1.00 15.84  ? 118 ALA A O   1 
ATOM   783  C  CB  . ALA A 1 95  ? 8.260   6.453   -4.987  1.00 14.97  ? 118 ALA A CB  1 
ATOM   784  N  N   . PHE A 1 96  ? 11.228  7.064   -6.430  1.00 14.13  ? 119 PHE A N   1 
ATOM   785  C  CA  . PHE A 1 96  ? 12.037  7.980   -7.256  1.00 15.78  ? 119 PHE A CA  1 
ATOM   786  C  C   . PHE A 1 96  ? 11.207  8.485   -8.418  1.00 18.26  ? 119 PHE A C   1 
ATOM   787  O  O   . PHE A 1 96  ? 10.247  7.807   -8.869  1.00 19.79  ? 119 PHE A O   1 
ATOM   788  C  CB  . PHE A 1 96  ? 13.249  7.310   -7.813  1.00 15.64  ? 119 PHE A CB  1 
ATOM   789  C  CG  . PHE A 1 96  ? 14.305  7.025   -6.768  1.00 15.80  ? 119 PHE A CG  1 
ATOM   790  C  CD1 . PHE A 1 96  ? 14.183  5.893   -5.959  1.00 17.97  ? 119 PHE A CD1 1 
ATOM   791  C  CD2 . PHE A 1 96  ? 15.332  7.909   -6.567  1.00 18.93  ? 119 PHE A CD2 1 
ATOM   792  C  CE1 . PHE A 1 96  ? 15.113  5.651   -4.992  1.00 21.25  ? 119 PHE A CE1 1 
ATOM   793  C  CE2 . PHE A 1 96  ? 16.266  7.707   -5.550  1.00 23.48  ? 119 PHE A CE2 1 
ATOM   794  C  CZ  . PHE A 1 96  ? 16.135  6.547   -4.754  1.00 21.17  ? 119 PHE A CZ  1 
ATOM   795  N  N   . GLU A 1 97  ? 11.489  9.679   -8.870  1.00 17.30  ? 120 GLU A N   1 
ATOM   796  C  CA  . GLU A 1 97  ? 10.793  10.211  -10.089 1.00 22.73  ? 120 GLU A CA  1 
ATOM   797  C  C   . GLU A 1 97  ? 11.369  9.469   -11.279 1.00 23.85  ? 120 GLU A C   1 
ATOM   798  O  O   . GLU A 1 97  ? 12.548  9.375   -11.541 1.00 31.39  ? 120 GLU A O   1 
ATOM   799  C  CB  . GLU A 1 97  ? 10.947  11.765  -10.276 1.00 29.02  ? 120 GLU A CB  1 
ATOM   800  C  CG  . GLU A 1 97  ? 9.668   12.583  -9.999  1.00 43.49  ? 120 GLU A CG  1 
ATOM   801  C  CD  . GLU A 1 97  ? 9.925   14.025  -9.469  1.00 50.61  ? 120 GLU A CD  1 
ATOM   802  O  OE1 . GLU A 1 97  ? 9.555   14.420  -8.238  1.00 34.24  ? 120 GLU A OE1 1 
ATOM   803  O  OE2 . GLU A 1 97  ? 10.537  14.735  -10.301 1.00 43.90  ? 120 GLU A OE2 1 
ATOM   804  N  N   . HIS A 1 98  ? 10.511  8.849   -12.026 1.00 23.03  ? 121 HIS A N   1 
ATOM   805  C  CA  . HIS A 1 98  ? 10.935  8.000   -13.143 1.00 23.26  ? 121 HIS A CA  1 
ATOM   806  C  C   . HIS A 1 98  ? 10.013  8.406   -14.310 1.00 23.29  ? 121 HIS A C   1 
ATOM   807  O  O   . HIS A 1 98  ? 9.002   9.065   -14.101 1.00 22.01  ? 121 HIS A O   1 
ATOM   808  C  CB  . HIS A 1 98  ? 10.758  6.554   -12.645 1.00 25.01  ? 121 HIS A CB  1 
ATOM   809  C  CG  . HIS A 1 98  ? 11.338  5.509   -13.492 1.00 28.80  ? 121 HIS A CG  1 
ATOM   810  N  ND1 . HIS A 1 98  ? 10.581  4.839   -14.450 1.00 36.83  ? 121 HIS A ND1 1 
ATOM   811  C  CD2 . HIS A 1 98  ? 12.570  4.955   -13.504 1.00 31.25  ? 121 HIS A CD2 1 
ATOM   812  C  CE1 . HIS A 1 98  ? 11.333  3.925   -15.016 1.00 33.27  ? 121 HIS A CE1 1 
ATOM   813  N  NE2 . HIS A 1 98  ? 12.531  3.963   -14.452 1.00 36.39  ? 121 HIS A NE2 1 
ATOM   814  N  N   . GLU A 1 99  ? 10.325  7.917   -15.494 1.00 27.54  ? 122 GLU A N   1 
ATOM   815  C  CA  . GLU A 1 99  ? 9.421   8.030   -16.653 1.00 31.34  ? 122 GLU A CA  1 
ATOM   816  C  C   . GLU A 1 99  ? 8.020   7.538   -16.357 1.00 27.09  ? 122 GLU A C   1 
ATOM   817  O  O   . GLU A 1 99  ? 7.037   8.226   -16.631 1.00 28.19  ? 122 GLU A O   1 
ATOM   818  C  CB  . GLU A 1 99  ? 10.002  7.250   -17.843 1.00 36.98  ? 122 GLU A CB  1 
ATOM   819  C  CG  . GLU A 1 99  ? 9.104   7.249   -19.085 1.00 52.70  ? 122 GLU A CG  1 
ATOM   820  C  CD  . GLU A 1 99  ? 9.397   8.368   -20.104 1.00 73.35  ? 122 GLU A CD  1 
ATOM   821  O  OE1 . GLU A 1 99  ? 9.862   9.487   -19.713 1.00 83.91  ? 122 GLU A OE1 1 
ATOM   822  O  OE2 . GLU A 1 99  ? 9.143   8.120   -21.317 1.00 77.69  ? 122 GLU A OE2 1 
ATOM   823  N  N   . GLU A 1 100 ? 7.923   6.390   -15.709 1.00 23.58  ? 123 GLU A N   1 
ATOM   824  C  CA  . GLU A 1 100 ? 6.595   5.884   -15.244 1.00 22.60  ? 123 GLU A CA  1 
ATOM   825  C  C   . GLU A 1 100 ? 6.414   6.150   -13.757 1.00 20.75  ? 123 GLU A C   1 
ATOM   826  O  O   . GLU A 1 100 ? 7.394   6.178   -13.008 1.00 17.41  ? 123 GLU A O   1 
ATOM   827  C  CB  . GLU A 1 100 ? 6.567   4.372   -15.483 1.00 28.43  ? 123 GLU A CB  1 
ATOM   828  C  CG  . GLU A 1 100 ? 6.566   3.992   -16.976 1.00 33.16  ? 123 GLU A CG  1 
ATOM   829  C  CD  . GLU A 1 100 ? 5.277   4.437   -17.708 1.00 42.77  ? 123 GLU A CD  1 
ATOM   830  O  OE1 . GLU A 1 100 ? 4.115   4.223   -17.214 1.00 41.49  ? 123 GLU A OE1 1 
ATOM   831  O  OE2 . GLU A 1 100 ? 5.443   5.039   -18.794 1.00 53.85  ? 123 GLU A OE2 1 
ATOM   832  N  N   . PRO A 1 101 ? 5.192   6.289   -13.316 1.00 20.22  ? 124 PRO A N   1 
ATOM   833  C  CA  . PRO A 1 101 ? 4.945   6.295   -11.894 1.00 21.26  ? 124 PRO A CA  1 
ATOM   834  C  C   . PRO A 1 101 ? 5.343   4.976   -11.223 1.00 16.42  ? 124 PRO A C   1 
ATOM   835  O  O   . PRO A 1 101 ? 5.426   3.970   -11.871 1.00 14.49  ? 124 PRO A O   1 
ATOM   836  C  CB  . PRO A 1 101 ? 3.453   6.433   -11.795 1.00 26.06  ? 124 PRO A CB  1 
ATOM   837  C  CG  . PRO A 1 101 ? 2.928   6.033   -13.079 1.00 29.42  ? 124 PRO A CG  1 
ATOM   838  C  CD  . PRO A 1 101 ? 3.938   6.398   -14.089 1.00 27.51  ? 124 PRO A CD  1 
ATOM   839  N  N   . MET A 1 102 ? 5.676   5.056   -9.950  1.00 14.95  ? 125 MET A N   1 
ATOM   840  C  CA  . MET A 1 102 ? 5.846   3.868   -9.112  1.00 13.26  ? 125 MET A CA  1 
ATOM   841  C  C   . MET A 1 102 ? 4.437   3.205   -9.040  1.00 13.41  ? 125 MET A C   1 
ATOM   842  O  O   . MET A 1 102 ? 3.455   3.849   -8.702  1.00 16.12  ? 125 MET A O   1 
ATOM   843  C  CB  . MET A 1 102 ? 6.336   4.221   -7.713  1.00 15.27  ? 125 MET A CB  1 
ATOM   844  C  CG  . MET A 1 102 ? 6.375   2.933   -6.871  1.00 16.22  ? 125 MET A CG  1 
ATOM   845  S  SD  . MET A 1 102 ? 6.467   3.131   -5.049  1.00 17.67  ? 125 MET A SD  1 
ATOM   846  C  CE  . MET A 1 102 ? 4.762   3.623   -4.610  1.00 18.43  ? 125 MET A CE  1 
ATOM   847  N  N   . ARG A 1 103 ? 4.330   1.956   -9.405  1.00 14.16  ? 126 ARG A N   1 
ATOM   848  C  CA  . ARG A 1 103 ? 3.146   1.101   -9.180  1.00 14.28  ? 126 ARG A CA  1 
ATOM   849  C  C   . ARG A 1 103 ? 3.658   -0.246  -8.697  1.00 12.46  ? 126 ARG A C   1 
ATOM   850  O  O   . ARG A 1 103 ? 4.487   -0.910  -9.362  1.00 12.35  ? 126 ARG A O   1 
ATOM   851  C  CB  . ARG A 1 103 ? 2.386   0.843   -10.468 1.00 15.49  ? 126 ARG A CB  1 
ATOM   852  C  CG  . ARG A 1 103 ? 1.800   2.113   -11.102 1.00 19.99  ? 126 ARG A CG  1 
ATOM   853  C  CD  . ARG A 1 103 ? 1.170   1.683   -12.434 1.00 24.56  ? 126 ARG A CD  1 
ATOM   854  N  NE  . ARG A 1 103 ? 0.689   2.818   -13.243 1.00 27.07  ? 126 ARG A NE  1 
ATOM   855  C  CZ  . ARG A 1 103 ? 1.281   3.261   -14.362 1.00 36.01  ? 126 ARG A CZ  1 
ATOM   856  N  NH1 . ARG A 1 103 ? 2.525   2.832   -14.763 1.00 32.89  ? 126 ARG A NH1 1 
ATOM   857  N  NH2 . ARG A 1 103 ? 0.685   4.249   -15.041 1.00 35.22  ? 126 ARG A NH2 1 
ATOM   858  N  N   . VAL A 1 104 ? 3.179   -0.653  -7.532  1.00 12.98  ? 127 VAL A N   1 
ATOM   859  C  CA  . VAL A 1 104 ? 3.625   -1.899  -6.895  1.00 11.98  ? 127 VAL A CA  1 
ATOM   860  C  C   . VAL A 1 104 ? 2.379   -2.660  -6.363  1.00 12.64  ? 127 VAL A C   1 
ATOM   861  O  O   . VAL A 1 104 ? 1.521   -2.057  -5.728  1.00 13.42  ? 127 VAL A O   1 
ATOM   862  C  CB  . VAL A 1 104 ? 4.584   -1.616  -5.722  1.00 12.16  ? 127 VAL A CB  1 
ATOM   863  C  CG1 . VAL A 1 104 ? 5.124   -2.909  -5.180  1.00 13.22  ? 127 VAL A CG1 1 
ATOM   864  C  CG2 . VAL A 1 104 ? 5.757   -0.720  -6.125  1.00 12.75  ? 127 VAL A CG2 1 
ATOM   865  N  N   . PHE A 1 105 ? 2.283   -3.944  -6.705  1.00 11.38  ? 128 PHE A N   1 
ATOM   866  C  CA  . PHE A 1 105 ? 1.289   -4.848  -6.127  1.00 12.48  ? 128 PHE A CA  1 
ATOM   867  C  C   . PHE A 1 105 ? 1.836   -5.330  -4.799  1.00 13.66  ? 128 PHE A C   1 
ATOM   868  O  O   . PHE A 1 105 ? 2.897   -5.996  -4.769  1.00 13.38  ? 128 PHE A O   1 
ATOM   869  C  CB  . PHE A 1 105 ? 1.114   -6.003  -7.095  1.00 13.00  ? 128 PHE A CB  1 
ATOM   870  C  CG  . PHE A 1 105 ? 0.285   -7.109  -6.554  1.00 15.19  ? 128 PHE A CG  1 
ATOM   871  C  CD1 . PHE A 1 105 ? -1.011  -6.884  -6.254  1.00 18.40  ? 128 PHE A CD1 1 
ATOM   872  C  CD2 . PHE A 1 105 ? 0.803   -8.373  -6.337  1.00 16.85  ? 128 PHE A CD2 1 
ATOM   873  C  CE1 . PHE A 1 105 ? -1.807  -7.914  -5.726  1.00 18.45  ? 128 PHE A CE1 1 
ATOM   874  C  CE2 . PHE A 1 105 ? 0.047   -9.409  -5.806  1.00 16.66  ? 128 PHE A CE2 1 
ATOM   875  C  CZ  . PHE A 1 105 ? -1.290  -9.172  -5.514  1.00 19.15  ? 128 PHE A CZ  1 
ATOM   876  N  N   . PHE A 1 106 ? 1.134   -5.036  -3.707  1.00 13.08  ? 129 PHE A N   1 
ATOM   877  C  CA  . PHE A 1 106 ? 1.543   -5.412  -2.364  1.00 14.19  ? 129 PHE A CA  1 
ATOM   878  C  C   . PHE A 1 106 ? 0.505   -6.320  -1.686  1.00 15.75  ? 129 PHE A C   1 
ATOM   879  O  O   . PHE A 1 106 ? -0.719  -6.124  -1.887  1.00 14.49  ? 129 PHE A O   1 
ATOM   880  C  CB  . PHE A 1 106 ? 1.643   -4.160  -1.491  1.00 15.46  ? 129 PHE A CB  1 
ATOM   881  C  CG  . PHE A 1 106 ? 2.982   -3.473  -1.546  1.00 15.60  ? 129 PHE A CG  1 
ATOM   882  C  CD1 . PHE A 1 106 ? 4.034   -3.956  -0.791  1.00 18.75  ? 129 PHE A CD1 1 
ATOM   883  C  CD2 . PHE A 1 106 ? 3.131   -2.274  -2.191  1.00 16.93  ? 129 PHE A CD2 1 
ATOM   884  C  CE1 . PHE A 1 106 ? 5.281   -3.316  -0.809  1.00 18.67  ? 129 PHE A CE1 1 
ATOM   885  C  CE2 . PHE A 1 106 ? 4.379   -1.607  -2.196  1.00 17.24  ? 129 PHE A CE2 1 
ATOM   886  C  CZ  . PHE A 1 106 ? 5.451   -2.149  -1.513  1.00 17.20  ? 129 PHE A CZ  1 
ATOM   887  N  N   . ILE A 1 107 ? 0.991   -7.322  -0.969  1.00 14.58  ? 130 ILE A N   1 
ATOM   888  C  CA  . ILE A 1 107 ? 0.177   -8.086  -0.053  1.00 16.57  ? 130 ILE A CA  1 
ATOM   889  C  C   . ILE A 1 107 ? 0.711   -7.824  1.349   1.00 15.91  ? 130 ILE A C   1 
ATOM   890  O  O   . ILE A 1 107 ? 1.873   -8.092  1.690   1.00 15.03  ? 130 ILE A O   1 
ATOM   891  C  CB  . ILE A 1 107 ? 0.131   -9.596  -0.356  1.00 20.70  ? 130 ILE A CB  1 
ATOM   892  C  CG1 . ILE A 1 107 ? -0.261  -9.763  -1.797  1.00 24.29  ? 130 ILE A CG1 1 
ATOM   893  C  CG2 . ILE A 1 107 ? -0.796  -10.303 0.702   1.00 22.59  ? 130 ILE A CG2 1 
ATOM   894  C  CD1 . ILE A 1 107 ? -0.355  -11.199 -2.275  1.00 35.45  ? 130 ILE A CD1 1 
ATOM   895  N  N   . VAL A 1 108 ? -0.108  -7.125  2.131   1.00 18.23  ? 131 VAL A N   1 
ATOM   896  C  CA  . VAL A 1 108 ? 0.350   -6.548  3.421   1.00 20.05  ? 131 VAL A CA  1 
ATOM   897  C  C   . VAL A 1 108 ? -0.360  -7.232  4.573   1.00 21.31  ? 131 VAL A C   1 
ATOM   898  O  O   . VAL A 1 108 ? -1.563  -7.356  4.593   1.00 19.08  ? 131 VAL A O   1 
ATOM   899  C  CB  . VAL A 1 108 ? 0.016   -5.046  3.481   1.00 23.85  ? 131 VAL A CB  1 
ATOM   900  C  CG1 . VAL A 1 108 ? 0.300   -4.410  4.841   1.00 26.21  ? 131 VAL A CG1 1 
ATOM   901  C  CG2 . VAL A 1 108 ? 0.798   -4.344  2.384   1.00 29.42  ? 131 VAL A CG2 1 
ATOM   902  N  N   . GLN A 1 109 ? 0.407   -7.662  5.565   1.00 25.87  ? 132 GLN A N   1 
ATOM   903  C  CA  . GLN A 1 109 ? -0.170  -8.087  6.842   1.00 30.51  ? 132 GLN A CA  1 
ATOM   904  C  C   . GLN A 1 109 ? 0.023   -6.972  7.897   1.00 29.68  ? 132 GLN A C   1 
ATOM   905  O  O   . GLN A 1 109 ? 1.107   -6.372  8.064   1.00 35.27  ? 132 GLN A O   1 
ATOM   906  C  CB  . GLN A 1 109 ? 0.442   -9.442  7.141   1.00 41.22  ? 132 GLN A CB  1 
ATOM   907  C  CG  . GLN A 1 109 ? 0.115   -9.966  8.482   1.00 50.22  ? 132 GLN A CG  1 
ATOM   908  C  CD  . GLN A 1 109 ? -1.300  -10.289 8.651   1.00 51.00  ? 132 GLN A CD  1 
ATOM   909  O  OE1 . GLN A 1 109 ? -1.789  -11.196 7.981   1.00 65.90  ? 132 GLN A OE1 1 
ATOM   910  N  NE2 . GLN A 1 109 ? -1.986  -9.604  9.641   1.00 45.87  ? 132 GLN A NE2 1 
ATOM   911  N  N   . GLY A 1 110 ? -1.103  -6.453  8.395   1.00 24.28  ? 133 GLY A N   1 
ATOM   912  C  CA  . GLY A 1 110 ? -1.038  -5.303  9.255   1.00 23.92  ? 133 GLY A CA  1 
ATOM   913  C  C   . GLY A 1 110 ? -0.988  -5.786  10.691  1.00 23.05  ? 133 GLY A C   1 
ATOM   914  O  O   . GLY A 1 110 ? -1.029  -7.035  10.957  1.00 23.54  ? 133 GLY A O   1 
ATOM   915  N  N   . PRO A 1 111 ? -0.892  -4.868  11.620  1.00 24.43  ? 134 PRO A N   1 
ATOM   916  C  CA  . PRO A 1 111 ? -0.808  -3.420  11.420  1.00 23.96  ? 134 PRO A CA  1 
ATOM   917  C  C   . PRO A 1 111 ? 0.586   -2.868  10.912  1.00 25.15  ? 134 PRO A C   1 
ATOM   918  O  O   . PRO A 1 111 ? 1.594   -3.543  10.954  1.00 25.22  ? 134 PRO A O   1 
ATOM   919  C  CB  . PRO A 1 111 ? -1.055  -2.887  12.856  1.00 28.12  ? 134 PRO A CB  1 
ATOM   920  C  CG  . PRO A 1 111 ? -0.426  -3.961  13.707  1.00 29.78  ? 134 PRO A CG  1 
ATOM   921  C  CD  . PRO A 1 111 ? -0.850  -5.242  13.041  1.00 27.74  ? 134 PRO A CD  1 
ATOM   922  N  N   . LEU A 1 112 ? 0.624   -1.645  10.405  1.00 20.53  ? 135 LEU A N   1 
ATOM   923  C  CA  . LEU A 1 112 ? 1.859   -0.893  10.383  1.00 19.22  ? 135 LEU A CA  1 
ATOM   924  C  C   . LEU A 1 112 ? 1.983   -0.160  11.757  1.00 17.78  ? 135 LEU A C   1 
ATOM   925  O  O   . LEU A 1 112 ? 1.011   0.463   12.238  1.00 18.92  ? 135 LEU A O   1 
ATOM   926  C  CB  . LEU A 1 112 ? 1.863   0.177   9.300   1.00 22.65  ? 135 LEU A CB  1 
ATOM   927  C  CG  . LEU A 1 112 ? 2.033   -0.270  7.817   1.00 27.51  ? 135 LEU A CG  1 
ATOM   928  C  CD1 . LEU A 1 112 ? 0.883   -1.208  7.379   1.00 31.12  ? 135 LEU A CD1 1 
ATOM   929  C  CD2 . LEU A 1 112 ? 2.091   0.978   6.923   1.00 26.83  ? 135 LEU A CD2 1 
ATOM   930  N  N   . ILE A 1 113 ? 3.171   -0.183  12.348  1.00 18.48  ? 136 ILE A N   1 
ATOM   931  C  CA  . ILE A 1 113 ? 3.466   0.629   13.516  1.00 17.98  ? 136 ILE A CA  1 
ATOM   932  C  C   . ILE A 1 113 ? 4.508   1.646   13.147  1.00 17.17  ? 136 ILE A C   1 
ATOM   933  O  O   . ILE A 1 113 ? 5.604   1.274   12.705  1.00 19.00  ? 136 ILE A O   1 
ATOM   934  C  CB  . ILE A 1 113 ? 4.000   -0.259  14.696  1.00 20.69  ? 136 ILE A CB  1 
ATOM   935  C  CG1 . ILE A 1 113 ? 3.085   -1.484  14.909  1.00 24.99  ? 136 ILE A CG1 1 
ATOM   936  C  CG2 . ILE A 1 113 ? 4.262   0.631   15.906  1.00 19.55  ? 136 ILE A CG2 1 
ATOM   937  C  CD1 . ILE A 1 113 ? 1.718   -1.185  15.432  1.00 28.63  ? 136 ILE A CD1 1 
ATOM   938  N  N   . TRP A 1 114 ? 4.165   2.918   13.290  1.00 18.66  ? 137 TRP A N   1 
ATOM   939  C  CA  . TRP A 1 114 ? 4.978   4.069   12.887  1.00 19.16  ? 137 TRP A CA  1 
ATOM   940  C  C   . TRP A 1 114 ? 6.056   4.223   13.951  1.00 22.11  ? 137 TRP A C   1 
ATOM   941  O  O   . TRP A 1 114 ? 5.757   4.025   15.194  1.00 21.86  ? 137 TRP A O   1 
ATOM   942  C  CB  . TRP A 1 114 ? 4.155   5.333   12.795  1.00 19.32  ? 137 TRP A CB  1 
ATOM   943  C  CG  . TRP A 1 114 ? 2.993   5.302   11.852  1.00 20.38  ? 137 TRP A CG  1 
ATOM   944  C  CD1 . TRP A 1 114 ? 1.677   5.378   12.149  1.00 20.37  ? 137 TRP A CD1 1 
ATOM   945  C  CD2 . TRP A 1 114 ? 3.080   5.250   10.415  1.00 16.99  ? 137 TRP A CD2 1 
ATOM   946  N  NE1 . TRP A 1 114 ? 0.904   5.294   10.981  1.00 20.34  ? 137 TRP A NE1 1 
ATOM   947  C  CE2 . TRP A 1 114 ? 1.766   5.201   9.910   1.00 19.82  ? 137 TRP A CE2 1 
ATOM   948  C  CE3 . TRP A 1 114 ? 4.151   5.183   9.521   1.00 20.11  ? 137 TRP A CE3 1 
ATOM   949  C  CZ2 . TRP A 1 114 ? 1.510   5.176   8.527   1.00 22.24  ? 137 TRP A CZ2 1 
ATOM   950  C  CZ3 . TRP A 1 114 ? 3.890   5.141   8.151   1.00 21.13  ? 137 TRP A CZ3 1 
ATOM   951  C  CH2 . TRP A 1 114 ? 2.587   5.141   7.682   1.00 22.19  ? 137 TRP A CH2 1 
ATOM   952  N  N   . LEU A 1 115 ? 7.258   4.545   13.488  1.00 23.23  ? 138 LEU A N   1 
ATOM   953  C  CA  . LEU A 1 115 ? 8.475   4.693   14.343  1.00 25.77  ? 138 LEU A CA  1 
ATOM   954  C  C   . LEU A 1 115 ? 9.009   6.107   14.235  1.00 29.43  ? 138 LEU A C   1 
ATOM   955  O  O   . LEU A 1 115 ? 8.966   6.736   13.181  1.00 30.26  ? 138 LEU A O   1 
ATOM   956  C  CB  . LEU A 1 115 ? 9.513   3.698   13.920  1.00 25.12  ? 138 LEU A CB  1 
ATOM   957  C  CG  . LEU A 1 115 ? 9.167   2.265   14.101  1.00 27.54  ? 138 LEU A CG  1 
ATOM   958  C  CD1 . LEU A 1 115 ? 10.125  1.371   13.377  1.00 28.30  ? 138 LEU A CD1 1 
ATOM   959  C  CD2 . LEU A 1 115 ? 8.994   1.809   15.536  1.00 30.34  ? 138 LEU A CD2 1 
ATOM   960  N  N   . ASP A 1 116 ? 9.481   6.692   15.353  1.00 35.60  ? 139 ASP A N   1 
ATOM   961  C  CA  . ASP A 1 116 ? 10.224  7.984   15.286  1.00 42.13  ? 139 ASP A CA  1 
ATOM   962  C  C   . ASP A 1 116 ? 11.718  7.619   15.066  1.00 39.85  ? 139 ASP A C   1 
ATOM   963  O  O   . ASP A 1 116 ? 12.050  6.436   15.018  1.00 33.56  ? 139 ASP A O   1 
ATOM   964  C  CB  . ASP A 1 116 ? 10.039  8.799   16.610  1.00 46.88  ? 139 ASP A CB  1 
ATOM   965  C  CG  . ASP A 1 116 ? 10.550  8.033   17.903  1.00 52.10  ? 139 ASP A CG  1 
ATOM   966  O  OD1 . ASP A 1 116 ? 11.389  7.089   17.851  1.00 62.05  ? 139 ASP A OD1 1 
ATOM   967  O  OD2 . ASP A 1 116 ? 10.075  8.355   19.023  1.00 64.78  ? 139 ASP A OD2 1 
ATOM   968  N  N   . GLU A 1 117 ? 12.663  8.584   15.066  1.00 51.09  ? 140 GLU A N   1 
ATOM   969  C  CA  . GLU A 1 117 ? 14.129  8.222   14.869  1.00 54.67  ? 140 GLU A CA  1 
ATOM   970  C  C   . GLU A 1 117 ? 14.750  7.369   15.958  1.00 54.99  ? 140 GLU A C   1 
ATOM   971  O  O   . GLU A 1 117 ? 15.568  6.484   15.669  1.00 52.68  ? 140 GLU A O   1 
ATOM   972  C  CB  . GLU A 1 117 ? 15.025  9.429   14.650  1.00 67.60  ? 140 GLU A CB  1 
ATOM   973  C  CG  . GLU A 1 117 ? 14.771  10.139  13.329  1.00 79.79  ? 140 GLU A CG  1 
ATOM   974  C  CD  . GLU A 1 117 ? 13.668  11.173  13.451  1.00 89.66  ? 140 GLU A CD  1 
ATOM   975  O  OE1 . GLU A 1 117 ? 12.582  10.817  13.987  1.00 101.98 ? 140 GLU A OE1 1 
ATOM   976  O  OE2 . GLU A 1 117 ? 13.885  12.338  13.028  1.00 94.63  ? 140 GLU A OE2 1 
ATOM   977  N  N   . ALA A 1 118 ? 14.343  7.589   17.204  1.00 53.77  ? 141 ALA A N   1 
ATOM   978  C  CA  . ALA A 1 118 ? 14.785  6.717   18.312  1.00 55.53  ? 141 ALA A CA  1 
ATOM   979  C  C   . ALA A 1 118 ? 14.344  5.244   18.186  1.00 58.23  ? 141 ALA A C   1 
ATOM   980  O  O   . ALA A 1 118 ? 14.858  4.376   18.896  1.00 57.15  ? 141 ALA A O   1 
ATOM   981  C  CB  . ALA A 1 118 ? 14.306  7.292   19.651  1.00 56.09  ? 141 ALA A CB  1 
ATOM   982  N  N   . GLY A 1 119 ? 13.363  4.939   17.327  1.00 51.66  ? 142 GLY A N   1 
ATOM   983  C  CA  . GLY A 1 119 ? 12.913  3.561   17.178  1.00 45.60  ? 142 GLY A CA  1 
ATOM   984  C  C   . GLY A 1 119 ? 11.782  3.212   18.142  1.00 37.53  ? 142 GLY A C   1 
ATOM   985  O  O   . GLY A 1 119 ? 11.492  2.051   18.396  1.00 43.41  ? 142 GLY A O   1 
ATOM   986  N  N   . ASN A 1 120 ? 11.168  4.238   18.659  1.00 33.91  ? 143 ASN A N   1 
ATOM   987  C  CA  . ASN A 1 120 ? 10.023  4.052   19.486  1.00 39.79  ? 143 ASN A CA  1 
ATOM   988  C  C   . ASN A 1 120 ? 8.784   4.145   18.586  1.00 35.63  ? 143 ASN A C   1 
ATOM   989  O  O   . ASN A 1 120 ? 8.698   5.024   17.667  1.00 30.55  ? 143 ASN A O   1 
ATOM   990  C  CB  . ASN A 1 120 ? 9.883   5.176   20.498  1.00 42.53  ? 143 ASN A CB  1 
ATOM   991  C  CG  . ASN A 1 120 ? 10.958  5.112   21.566  1.00 48.64  ? 143 ASN A CG  1 
ATOM   992  O  OD1 . ASN A 1 120 ? 11.035  4.158   22.389  1.00 46.69  ? 143 ASN A OD1 1 
ATOM   993  N  ND2 . ASN A 1 120 ? 11.829  6.077   21.505  1.00 41.10  ? 143 ASN A ND2 1 
ATOM   994  N  N   . SER A 1 121 ? 7.840   3.304   18.978  1.00 35.16  ? 144 SER A N   1 
ATOM   995  C  CA  . SER A 1 121 ? 6.526   3.217   18.356  1.00 34.97  ? 144 SER A CA  1 
ATOM   996  C  C   . SER A 1 121 ? 5.649   4.424   18.710  1.00 37.04  ? 144 SER A C   1 
ATOM   997  O  O   . SER A 1 121 ? 5.385   4.648   19.876  1.00 42.04  ? 144 SER A O   1 
ATOM   998  C  CB  . SER A 1 121 ? 5.930   1.914   18.809  1.00 30.93  ? 144 SER A CB  1 
ATOM   999  O  OG  . SER A 1 121 ? 6.659   0.780   18.352  1.00 31.97  ? 144 SER A OG  1 
ATOM   1000 N  N   . ILE A 1 122 ? 5.229   5.222   17.721  1.00 26.12  ? 145 ILE A N   1 
ATOM   1001 C  CA  . ILE A 1 122 ? 4.444   6.424   17.869  1.00 26.32  ? 145 ILE A CA  1 
ATOM   1002 C  C   . ILE A 1 122 ? 3.011   6.465   17.301  1.00 26.40  ? 145 ILE A C   1 
ATOM   1003 O  O   . ILE A 1 122 ? 2.346   7.485   17.429  1.00 28.22  ? 145 ILE A O   1 
ATOM   1004 C  CB  . ILE A 1 122 ? 5.158   7.637   17.255  1.00 36.43  ? 145 ILE A CB  1 
ATOM   1005 C  CG1 . ILE A 1 122 ? 5.544   7.452   15.749  1.00 38.19  ? 145 ILE A CG1 1 
ATOM   1006 C  CG2 . ILE A 1 122 ? 6.452   7.851   18.006  1.00 38.52  ? 145 ILE A CG2 1 
ATOM   1007 C  CD1 . ILE A 1 122 ? 5.829   8.765   15.035  1.00 37.06  ? 145 ILE A CD1 1 
ATOM   1008 N  N   . GLY A 1 123 ? 2.550   5.390   16.635  1.00 21.31  ? 146 GLY A N   1 
ATOM   1009 C  CA  . GLY A 1 123 ? 1.192   5.450   16.061  1.00 20.32  ? 146 GLY A CA  1 
ATOM   1010 C  C   . GLY A 1 123 ? 1.025   4.142   15.369  1.00 16.68  ? 146 GLY A C   1 
ATOM   1011 O  O   . GLY A 1 123 ? 1.983   3.346   15.332  1.00 17.75  ? 146 GLY A O   1 
ATOM   1012 N  N   . HIS A 1 124 ? -0.176  3.872   14.824  1.00 18.47  ? 147 HIS A N   1 
ATOM   1013 C  CA  . HIS A 1 124 ? -0.371  2.640   14.107  1.00 17.44  ? 147 HIS A CA  1 
ATOM   1014 C  C   . HIS A 1 124 ? -1.337  2.864   12.917  1.00 19.17  ? 147 HIS A C   1 
ATOM   1015 O  O   . HIS A 1 124 ? -2.055  3.844   12.878  1.00 20.07  ? 147 HIS A O   1 
ATOM   1016 C  CB  . HIS A 1 124 ? -0.981  1.591   14.986  1.00 18.82  ? 147 HIS A CB  1 
ATOM   1017 C  CG  . HIS A 1 124 ? -2.357  1.920   15.430  1.00 20.76  ? 147 HIS A CG  1 
ATOM   1018 N  ND1 . HIS A 1 124 ? -2.638  2.907   16.358  1.00 23.63  ? 147 HIS A ND1 1 
ATOM   1019 C  CD2 . HIS A 1 124 ? -3.559  1.423   15.020  1.00 22.58  ? 147 HIS A CD2 1 
ATOM   1020 C  CE1 . HIS A 1 124 ? -3.951  3.034   16.472  1.00 25.22  ? 147 HIS A CE1 1 
ATOM   1021 N  NE2 . HIS A 1 124 ? -4.526  2.160   15.644  1.00 23.23  ? 147 HIS A NE2 1 
ATOM   1022 N  N   . PHE A 1 125 ? -1.406  1.882   12.034  1.00 16.06  ? 148 PHE A N   1 
ATOM   1023 C  CA  . PHE A 1 125 ? -2.375  1.973   10.861  1.00 16.77  ? 148 PHE A CA  1 
ATOM   1024 C  C   . PHE A 1 125 ? -2.784  0.552   10.628  1.00 18.21  ? 148 PHE A C   1 
ATOM   1025 O  O   . PHE A 1 125 ? -1.936  -0.304  10.294  1.00 18.71  ? 148 PHE A O   1 
ATOM   1026 C  CB  . PHE A 1 125 ? -1.666  2.604   9.690   1.00 19.34  ? 148 PHE A CB  1 
ATOM   1027 C  CG  . PHE A 1 125 ? -2.587  2.773   8.484   1.00 19.09  ? 148 PHE A CG  1 
ATOM   1028 C  CD1 . PHE A 1 125 ? -3.403  3.870   8.381   1.00 22.59  ? 148 PHE A CD1 1 
ATOM   1029 C  CD2 . PHE A 1 125 ? -2.611  1.805   7.505   1.00 22.92  ? 148 PHE A CD2 1 
ATOM   1030 C  CE1 . PHE A 1 125 ? -4.290  3.996   7.283   1.00 22.38  ? 148 PHE A CE1 1 
ATOM   1031 C  CE2 . PHE A 1 125 ? -3.447  1.972   6.401   1.00 22.64  ? 148 PHE A CE2 1 
ATOM   1032 C  CZ  . PHE A 1 125 ? -4.285  3.025   6.336   1.00 21.99  ? 148 PHE A CZ  1 
ATOM   1033 N  N   . ASP A 1 126 ? -4.030  0.213   10.941  1.00 17.87  ? 149 ASP A N   1 
ATOM   1034 C  CA  . ASP A 1 126 ? -4.452  -1.174  10.827  1.00 20.12  ? 149 ASP A CA  1 
ATOM   1035 C  C   . ASP A 1 126 ? -5.548  -1.344  9.806   1.00 17.05  ? 149 ASP A C   1 
ATOM   1036 O  O   . ASP A 1 126 ? -5.896  -0.340  9.145   1.00 16.30  ? 149 ASP A O   1 
ATOM   1037 C  CB  . ASP A 1 126 ? -4.886  -1.782  12.169  1.00 22.92  ? 149 ASP A CB  1 
ATOM   1038 C  CG  . ASP A 1 126 ? -6.033  -1.041  12.822  1.00 31.69  ? 149 ASP A CG  1 
ATOM   1039 O  OD1 . ASP A 1 126 ? -6.926  -0.512  12.131  1.00 24.84  ? 149 ASP A OD1 1 
ATOM   1040 O  OD2 . ASP A 1 126 ? -6.021  -1.046  14.071  1.00 33.22  ? 149 ASP A OD2 1 
ATOM   1041 N  N   . VAL A 1 127 ? -6.072  -2.554  9.656   1.00 18.07  ? 150 VAL A N   1 
ATOM   1042 C  CA  . VAL A 1 127 ? -7.059  -2.807  8.614   1.00 18.36  ? 150 VAL A CA  1 
ATOM   1043 C  C   . VAL A 1 127 ? -8.324  -1.974  8.742   1.00 20.61  ? 150 VAL A C   1 
ATOM   1044 O  O   . VAL A 1 127 ? -8.944  -1.591  7.721   1.00 17.15  ? 150 VAL A O   1 
ATOM   1045 C  CB  . VAL A 1 127 ? -7.370  -4.290  8.456   1.00 20.17  ? 150 VAL A CB  1 
ATOM   1046 C  CG1 . VAL A 1 127 ? -8.253  -4.820  9.575   1.00 21.61  ? 150 VAL A CG1 1 
ATOM   1047 C  CG2 . VAL A 1 127 ? -8.007  -4.569  7.151   1.00 20.36  ? 150 VAL A CG2 1 
ATOM   1048 N  N   . HIS A 1 128 ? -8.766  -1.707  9.975   1.00 19.07  ? 151 HIS A N   1 
ATOM   1049 C  CA  . HIS A 1 128 ? -9.927  -0.818  10.163  1.00 19.79  ? 151 HIS A CA  1 
ATOM   1050 C  C   . HIS A 1 128 ? -9.648  0.646   9.737   1.00 17.54  ? 151 HIS A C   1 
ATOM   1051 O  O   . HIS A 1 128 ? -10.538 1.297   9.167   1.00 18.85  ? 151 HIS A O   1 
ATOM   1052 C  CB  . HIS A 1 128 ? -10.381 -0.910  11.635  1.00 24.53  ? 151 HIS A CB  1 
ATOM   1053 C  CG  . HIS A 1 128 ? -10.556 -2.319  12.080  1.00 27.44  ? 151 HIS A CG  1 
ATOM   1054 N  ND1 . HIS A 1 128 ? -11.511 -3.128  11.515  1.00 31.71  ? 151 HIS A ND1 1 
ATOM   1055 C  CD2 . HIS A 1 128 ? -9.808  -3.107  12.900  1.00 31.64  ? 151 HIS A CD2 1 
ATOM   1056 C  CE1 . HIS A 1 128 ? -11.355 -4.361  11.976  1.00 32.94  ? 151 HIS A CE1 1 
ATOM   1057 N  NE2 . HIS A 1 128 ? -10.335 -4.367  12.816  1.00 34.21  ? 151 HIS A NE2 1 
ATOM   1058 N  N   . ASP A 1 129 ? -8.447  1.147   10.006  1.00 18.43  ? 152 ASP A N   1 
ATOM   1059 C  CA  . ASP A 1 129 ? -8.018  2.441   9.527   1.00 19.00  ? 152 ASP A CA  1 
ATOM   1060 C  C   . ASP A 1 129 ? -8.034  2.473   8.013   1.00 17.95  ? 152 ASP A C   1 
ATOM   1061 O  O   . ASP A 1 129 ? -8.506  3.433   7.402   1.00 16.55  ? 152 ASP A O   1 
ATOM   1062 C  CB  . ASP A 1 129 ? -6.613  2.842   9.986   1.00 20.30  ? 152 ASP A CB  1 
ATOM   1063 C  CG  . ASP A 1 129 ? -6.485  2.873   11.563  1.00 26.52  ? 152 ASP A CG  1 
ATOM   1064 O  OD1 . ASP A 1 129 ? -7.453  3.310   12.164  1.00 22.59  ? 152 ASP A OD1 1 
ATOM   1065 O  OD2 . ASP A 1 129 ? -5.483  2.453   12.160  1.00 24.11  ? 152 ASP A OD2 1 
ATOM   1066 N  N   . TYR A 1 130 ? -7.551  1.413   7.417   1.00 16.90  ? 153 TYR A N   1 
ATOM   1067 C  CA  . TYR A 1 130 ? -7.505  1.306   5.933   1.00 14.87  ? 153 TYR A CA  1 
ATOM   1068 C  C   . TYR A 1 130 ? -8.916  1.300   5.324   1.00 16.76  ? 153 TYR A C   1 
ATOM   1069 O  O   . TYR A 1 130 ? -9.200  2.050   4.358   1.00 16.02  ? 153 TYR A O   1 
ATOM   1070 C  CB  . TYR A 1 130 ? -6.752  0.062   5.496   1.00 16.88  ? 153 TYR A CB  1 
ATOM   1071 C  CG  . TYR A 1 130 ? -6.466  -0.037  3.981   1.00 15.44  ? 153 TYR A CG  1 
ATOM   1072 C  CD1 . TYR A 1 130 ? -5.841  1.007   3.305   1.00 19.72  ? 153 TYR A CD1 1 
ATOM   1073 C  CD2 . TYR A 1 130 ? -6.829  -1.139  3.255   1.00 17.99  ? 153 TYR A CD2 1 
ATOM   1074 C  CE1 . TYR A 1 130 ? -5.551  0.919   1.921   1.00 19.68  ? 153 TYR A CE1 1 
ATOM   1075 C  CE2 . TYR A 1 130 ? -6.572  -1.242  1.898   1.00 16.13  ? 153 TYR A CE2 1 
ATOM   1076 C  CZ  . TYR A 1 130 ? -5.898  -0.213  1.220   1.00 17.15  ? 153 TYR A CZ  1 
ATOM   1077 O  OH  . TYR A 1 130 ? -5.610  -0.212  -0.175  1.00 19.05  ? 153 TYR A OH  1 
ATOM   1078 N  N   . ILE A 1 131 ? -9.816  0.518   5.882   1.00 16.93  ? 154 ILE A N   1 
ATOM   1079 C  CA  . ILE A 1 131 ? -11.207 0.457   5.431   1.00 17.42  ? 154 ILE A CA  1 
ATOM   1080 C  C   . ILE A 1 131 ? -11.848 1.814   5.526   1.00 16.33  ? 154 ILE A C   1 
ATOM   1081 O  O   . ILE A 1 131 ? -12.546 2.264   4.598   1.00 17.45  ? 154 ILE A O   1 
ATOM   1082 C  CB  . ILE A 1 131 ? -12.013 -0.606  6.213   1.00 18.16  ? 154 ILE A CB  1 
ATOM   1083 C  CG1 . ILE A 1 131 ? -11.537 -2.022  5.871   1.00 20.81  ? 154 ILE A CG1 1 
ATOM   1084 C  CG2 . ILE A 1 131 ? -13.503 -0.391  6.001   1.00 20.19  ? 154 ILE A CG2 1 
ATOM   1085 C  CD1 . ILE A 1 131 ? -11.914 -3.116  6.859   1.00 20.30  ? 154 ILE A CD1 1 
ATOM   1086 N  N   . ALA A 1 132 ? -11.662 2.482   6.648   1.00 18.44  ? 155 ALA A N   1 
ATOM   1087 C  CA  . ALA A 1 132 ? -12.283 3.782   6.905   1.00 20.15  ? 155 ALA A CA  1 
ATOM   1088 C  C   . ALA A 1 132 ? -11.801 4.860   5.898   1.00 20.51  ? 155 ALA A C   1 
ATOM   1089 O  O   . ALA A 1 132 ? -12.585 5.646   5.341   1.00 19.31  ? 155 ALA A O   1 
ATOM   1090 C  CB  . ALA A 1 132 ? -12.017 4.226   8.324   1.00 24.07  ? 155 ALA A CB  1 
ATOM   1091 N  N   . MET A 1 133 ? -10.490 4.901   5.663   1.00 16.85  ? 156 MET A N   1 
ATOM   1092 C  CA  . MET A 1 133 ? -9.896  5.807   4.700   1.00 17.01  ? 156 MET A CA  1 
ATOM   1093 C  C   . MET A 1 133 ? -10.420 5.526   3.267   1.00 17.20  ? 156 MET A C   1 
ATOM   1094 O  O   . MET A 1 133 ? -10.693 6.471   2.499   1.00 17.05  ? 156 MET A O   1 
ATOM   1095 C  CB  . MET A 1 133 ? -8.363  5.576   4.840   1.00 19.78  ? 156 MET A CB  1 
ATOM   1096 C  CG  . MET A 1 133 ? -7.505  6.242   3.861   1.00 28.27  ? 156 MET A CG  1 
ATOM   1097 S  SD  . MET A 1 133 ? -5.680  5.916   4.080   1.00 33.55  ? 156 MET A SD  1 
ATOM   1098 C  CE  . MET A 1 133 ? -5.468  4.698   2.894   1.00 31.88  ? 156 MET A CE  1 
ATOM   1099 N  N   . CYS A 1 134 ? -10.508 4.232   2.894   1.00 15.41  ? 157 CYS A N   1 
ATOM   1100 C  CA  . CYS A 1 134 ? -10.920 3.869   1.562   1.00 15.58  ? 157 CYS A CA  1 
ATOM   1101 C  C   . CYS A 1 134 ? -12.424 4.233   1.387   1.00 17.94  ? 157 CYS A C   1 
ATOM   1102 O  O   . CYS A 1 134 ? -12.790 4.768   0.346   1.00 16.23  ? 157 CYS A O   1 
ATOM   1103 C  CB  . CYS A 1 134 ? -10.711 2.411   1.245   1.00 16.68  ? 157 CYS A CB  1 
ATOM   1104 S  SG  . CYS A 1 134 ? -8.927  1.983   1.069   1.00 18.08  ? 157 CYS A SG  1 
ATOM   1105 N  N   . ARG A 1 135 ? -13.256 3.879   2.333   1.00 17.68  ? 158 ARG A N   1 
ATOM   1106 C  CA  . ARG A 1 135 ? -14.704 4.219   2.270   1.00 20.82  ? 158 ARG A CA  1 
ATOM   1107 C  C   . ARG A 1 135 ? -14.928 5.758   2.174   1.00 20.52  ? 158 ARG A C   1 
ATOM   1108 O  O   . ARG A 1 135 ? -15.686 6.198   1.320   1.00 20.26  ? 158 ARG A O   1 
ATOM   1109 C  CB  . ARG A 1 135 ? -15.455 3.648   3.482   1.00 20.94  ? 158 ARG A CB  1 
ATOM   1110 C  CG  . ARG A 1 135 ? -15.664 2.123   3.506   1.00 21.33  ? 158 ARG A CG  1 
ATOM   1111 C  CD  . ARG A 1 135 ? -16.222 1.668   4.868   1.00 26.11  ? 158 ARG A CD  1 
ATOM   1112 N  NE  . ARG A 1 135 ? -17.455 2.425   5.079   1.00 32.61  ? 158 ARG A NE  1 
ATOM   1113 C  CZ  . ARG A 1 135 ? -18.647 2.056   4.697   1.00 38.29  ? 158 ARG A CZ  1 
ATOM   1114 N  NH1 . ARG A 1 135 ? -18.835 0.817   4.265   1.00 44.98  ? 158 ARG A NH1 1 
ATOM   1115 N  NH2 . ARG A 1 135 ? -19.673 2.925   4.818   1.00 38.02  ? 158 ARG A NH2 1 
ATOM   1116 N  N   . GLU A 1 136 ? -14.210 6.522   2.976   1.00 18.52  ? 159 GLU A N   1 
ATOM   1117 C  CA  . GLU A 1 136 ? -14.342 7.953   2.931   1.00 23.02  ? 159 GLU A CA  1 
ATOM   1118 C  C   . GLU A 1 136 ? -13.970 8.548   1.574   1.00 18.38  ? 159 GLU A C   1 
ATOM   1119 O  O   . GLU A 1 136 ? -14.723 9.351   1.014   1.00 17.62  ? 159 GLU A O   1 
ATOM   1120 C  CB  . GLU A 1 136 ? -13.541 8.595   4.065   1.00 28.68  ? 159 GLU A CB  1 
ATOM   1121 C  CG  . GLU A 1 136 ? -13.892 10.051  4.314   1.00 43.51  ? 159 GLU A CG  1 
ATOM   1122 C  CD  . GLU A 1 136 ? -12.711 10.978  4.599   1.00 62.60  ? 159 GLU A CD  1 
ATOM   1123 O  OE1 . GLU A 1 136 ? -12.140 11.487  3.595   1.00 79.60  ? 159 GLU A OE1 1 
ATOM   1124 O  OE2 . GLU A 1 136 ? -12.359 11.222  5.790   1.00 62.17  ? 159 GLU A OE2 1 
ATOM   1125 N  N   . HIS A 1 137 ? -12.834 8.113   0.996   1.00 15.14  ? 160 HIS A N   1 
ATOM   1126 C  CA  . HIS A 1 137 ? -12.443 8.547   -0.301  1.00 16.34  ? 160 HIS A CA  1 
ATOM   1127 C  C   . HIS A 1 137 ? -13.417 8.146   -1.431  1.00 14.18  ? 160 HIS A C   1 
ATOM   1128 O  O   . HIS A 1 137 ? -13.763 8.962   -2.297  1.00 15.54  ? 160 HIS A O   1 
ATOM   1129 C  CB  . HIS A 1 137 ? -11.026 8.049   -0.626  1.00 16.23  ? 160 HIS A CB  1 
ATOM   1130 C  CG  . HIS A 1 137 ? -10.489 8.604   -1.876  1.00 17.06  ? 160 HIS A CG  1 
ATOM   1131 N  ND1 . HIS A 1 137 ? -10.109 9.916   -1.987  1.00 20.30  ? 160 HIS A ND1 1 
ATOM   1132 C  CD2 . HIS A 1 137 ? -10.334 8.068   -3.089  1.00 17.79  ? 160 HIS A CD2 1 
ATOM   1133 C  CE1 . HIS A 1 137 ? -9.640  10.129  -3.190  1.00 19.85  ? 160 HIS A CE1 1 
ATOM   1134 N  NE2 . HIS A 1 137 ? -9.815  9.044   -3.886  1.00 20.75  ? 160 HIS A NE2 1 
ATOM   1135 N  N   . TYR A 1 138 ? -13.817 6.875   -1.460  1.00 14.90  ? 161 TYR A N   1 
ATOM   1136 C  CA  . TYR A 1 138 ? -14.620 6.345   -2.502  1.00 16.24  ? 161 TYR A CA  1 
ATOM   1137 C  C   . TYR A 1 138 ? -15.997 7.069   -2.493  1.00 17.11  ? 161 TYR A C   1 
ATOM   1138 O  O   . TYR A 1 138 ? -16.539 7.313   -3.581  1.00 17.93  ? 161 TYR A O   1 
ATOM   1139 C  CB  . TYR A 1 138 ? -14.776 4.858   -2.367  1.00 15.85  ? 161 TYR A CB  1 
ATOM   1140 C  CG  . TYR A 1 138 ? -13.620 4.083   -3.078  1.00 17.02  ? 161 TYR A CG  1 
ATOM   1141 C  CD1 . TYR A 1 138 ? -12.345 4.600   -3.195  1.00 18.50  ? 161 TYR A CD1 1 
ATOM   1142 C  CD2 . TYR A 1 138 ? -13.817 2.855   -3.643  1.00 21.05  ? 161 TYR A CD2 1 
ATOM   1143 C  CE1 . TYR A 1 138 ? -11.292 3.886   -3.845  1.00 18.30  ? 161 TYR A CE1 1 
ATOM   1144 C  CE2 . TYR A 1 138 ? -12.778 2.120   -4.279  1.00 21.05  ? 161 TYR A CE2 1 
ATOM   1145 C  CZ  . TYR A 1 138 ? -11.493 2.661   -4.373  1.00 19.53  ? 161 TYR A CZ  1 
ATOM   1146 O  OH  . TYR A 1 138 ? -10.512 2.000   -5.080  1.00 17.15  ? 161 TYR A OH  1 
ATOM   1147 N  N   . GLU A 1 139 ? -16.512 7.317   -1.298  1.00 19.05  ? 162 GLU A N   1 
ATOM   1148 C  CA  . GLU A 1 139 ? -17.779 8.103   -1.182  1.00 22.64  ? 162 GLU A CA  1 
ATOM   1149 C  C   . GLU A 1 139 ? -17.635 9.479   -1.776  1.00 21.56  ? 162 GLU A C   1 
ATOM   1150 O  O   . GLU A 1 139 ? -18.443 9.902   -2.660  1.00 24.44  ? 162 GLU A O   1 
ATOM   1151 C  CB  . GLU A 1 139 ? -18.242 8.119   0.247   1.00 26.06  ? 162 GLU A CB  1 
ATOM   1152 C  CG  . GLU A 1 139 ? -19.717 8.522   0.382   1.00 36.26  ? 162 GLU A CG  1 
ATOM   1153 C  CD  . GLU A 1 139 ? -20.730 7.561   -0.323  1.00 43.42  ? 162 GLU A CD  1 
ATOM   1154 O  OE1 . GLU A 1 139 ? -20.625 6.286   -0.435  1.00 32.02  ? 162 GLU A OE1 1 
ATOM   1155 O  OE2 . GLU A 1 139 ? -21.716 8.117   -0.841  1.00 54.82  ? 162 GLU A OE2 1 
ATOM   1156 N  N   . LYS A 1 140 ? -16.547 10.176  -1.456  1.00 20.16  ? 163 LYS A N   1 
ATOM   1157 C  CA  . LYS A 1 140 ? -16.237 11.522  -1.986  1.00 23.93  ? 163 LYS A CA  1 
ATOM   1158 C  C   . LYS A 1 140 ? -16.072 11.584  -3.443  1.00 23.95  ? 163 LYS A C   1 
ATOM   1159 O  O   . LYS A 1 140 ? -16.529 12.562  -4.067  1.00 25.49  ? 163 LYS A O   1 
ATOM   1160 C  CB  . LYS A 1 140 ? -14.894 12.094  -1.453  1.00 26.42  ? 163 LYS A CB  1 
ATOM   1161 C  CG  . LYS A 1 140 ? -15.078 12.548  -0.070  1.00 36.11  ? 163 LYS A CG  1 
ATOM   1162 C  CD  . LYS A 1 140 ? -13.762 13.101  0.417   1.00 39.93  ? 163 LYS A CD  1 
ATOM   1163 C  CE  . LYS A 1 140 ? -14.069 13.552  1.818   1.00 52.48  ? 163 LYS A CE  1 
ATOM   1164 N  NZ  . LYS A 1 140 ? -12.777 13.775  2.497   1.00 61.87  ? 163 LYS A NZ  1 
ATOM   1165 N  N   . VAL A 1 141 ? -15.409 10.600  -4.051  1.00 20.10  ? 164 VAL A N   1 
ATOM   1166 C  CA  . VAL A 1 141 ? -15.094 10.726  -5.501  1.00 19.19  ? 164 VAL A CA  1 
ATOM   1167 C  C   . VAL A 1 141 ? -16.180 10.122  -6.359  1.00 19.09  ? 164 VAL A C   1 
ATOM   1168 O  O   . VAL A 1 141 ? -16.044 10.117  -7.593  1.00 20.32  ? 164 VAL A O   1 
ATOM   1169 C  CB  . VAL A 1 141 ? -13.715 10.144  -5.938  1.00 21.43  ? 164 VAL A CB  1 
ATOM   1170 C  CG1 . VAL A 1 141 ? -12.568 10.887  -5.246  1.00 23.31  ? 164 VAL A CG1 1 
ATOM   1171 C  CG2 . VAL A 1 141 ? -13.651 8.664   -5.686  1.00 19.51  ? 164 VAL A CG2 1 
ATOM   1172 N  N   . GLY A 1 142 ? -17.180 9.536   -5.721  1.00 19.78  ? 165 GLY A N   1 
ATOM   1173 C  CA  . GLY A 1 142 ? -18.314 9.081   -6.457  1.00 22.05  ? 165 GLY A CA  1 
ATOM   1174 C  C   . GLY A 1 142 ? -18.346 7.631   -6.819  1.00 24.19  ? 165 GLY A C   1 
ATOM   1175 O  O   . GLY A 1 142 ? -19.208 7.215   -7.549  1.00 22.38  ? 165 GLY A O   1 
ATOM   1176 N  N   . LEU A 1 143 ? -17.372 6.850   -6.365  1.00 19.63  ? 166 LEU A N   1 
ATOM   1177 C  CA  . LEU A 1 143 ? -17.390 5.404   -6.541  1.00 20.57  ? 166 LEU A CA  1 
ATOM   1178 C  C   . LEU A 1 143 ? -18.287 4.681   -5.602  1.00 22.46  ? 166 LEU A C   1 
ATOM   1179 O  O   . LEU A 1 143 ? -18.777 3.575   -5.943  1.00 24.39  ? 166 LEU A O   1 
ATOM   1180 C  CB  . LEU A 1 143 ? -15.939 4.858   -6.396  1.00 21.49  ? 166 LEU A CB  1 
ATOM   1181 C  CG  . LEU A 1 143 ? -15.013 5.357   -7.493  1.00 21.91  ? 166 LEU A CG  1 
ATOM   1182 C  CD1 . LEU A 1 143 ? -13.546 4.883   -7.236  1.00 21.02  ? 166 LEU A CD1 1 
ATOM   1183 C  CD2 . LEU A 1 143 ? -15.446 4.888   -8.844  1.00 24.97  ? 166 LEU A CD2 1 
ATOM   1184 N  N   . GLY A 1 144 ? -18.485 5.277   -4.440  1.00 21.97  ? 167 GLY A N   1 
ATOM   1185 C  CA  . GLY A 1 144 ? -19.369 4.803   -3.367  1.00 25.37  ? 167 GLY A CA  1 
ATOM   1186 C  C   . GLY A 1 144 ? -18.588 3.985   -2.323  1.00 22.85  ? 167 GLY A C   1 
ATOM   1187 O  O   . GLY A 1 144 ? -17.755 3.136   -2.715  1.00 23.55  ? 167 GLY A O   1 
ATOM   1188 N  N   . ALA A 1 145 ? -18.846 4.219   -1.041  1.00 23.78  ? 168 ALA A N   1 
ATOM   1189 C  CA  . ALA A 1 145 ? -18.239 3.452   0.053   1.00 25.20  ? 168 ALA A CA  1 
ATOM   1190 C  C   . ALA A 1 145 ? -18.561 2.001   -0.023  1.00 27.35  ? 168 ALA A C   1 
ATOM   1191 O  O   . ALA A 1 145 ? -17.729 1.129   0.317   1.00 25.03  ? 168 ALA A O   1 
ATOM   1192 C  CB  . ALA A 1 145 ? -18.638 3.993   1.401   1.00 25.97  ? 168 ALA A CB  1 
ATOM   1193 N  N   . ASP A 1 146 ? -19.740 1.688   -0.561  1.00 25.47  ? 169 ASP A N   1 
ATOM   1194 C  CA  . ASP A 1 146 ? -20.131 0.294   -0.725  1.00 31.39  ? 169 ASP A CA  1 
ATOM   1195 C  C   . ASP A 1 146 ? -19.242 -0.534  -1.651  1.00 27.88  ? 169 ASP A C   1 
ATOM   1196 O  O   . ASP A 1 146 ? -19.148 -1.748  -1.494  1.00 24.35  ? 169 ASP A O   1 
ATOM   1197 C  CB  . ASP A 1 146 ? -21.561 0.225   -1.236  1.00 39.43  ? 169 ASP A CB  1 
ATOM   1198 C  CG  . ASP A 1 146 ? -22.600 0.544   -0.128  1.00 48.49  ? 169 ASP A CG  1 
ATOM   1199 O  OD1 . ASP A 1 146 ? -22.223 0.653   1.078   1.00 56.40  ? 169 ASP A OD1 1 
ATOM   1200 O  OD2 . ASP A 1 146 ? -23.805 0.627   -0.488  1.00 61.27  ? 169 ASP A OD2 1 
ATOM   1201 N  N   . LEU A 1 147 ? -18.599 0.089   -2.620  1.00 25.00  ? 170 LEU A N   1 
ATOM   1202 C  CA  . LEU A 1 147 ? -17.633 -0.593  -3.448  1.00 23.39  ? 170 LEU A CA  1 
ATOM   1203 C  C   . LEU A 1 147 ? -16.499 -1.188  -2.620  1.00 23.61  ? 170 LEU A C   1 
ATOM   1204 O  O   . LEU A 1 147 ? -16.103 -2.357  -2.846  1.00 22.63  ? 170 LEU A O   1 
ATOM   1205 C  CB  . LEU A 1 147 ? -17.129 0.321   -4.574  1.00 24.14  ? 170 LEU A CB  1 
ATOM   1206 C  CG  . LEU A 1 147 ? -16.119 -0.350  -5.540  1.00 26.92  ? 170 LEU A CG  1 
ATOM   1207 C  CD1 . LEU A 1 147 ? -16.876 -1.369  -6.400  1.00 32.09  ? 170 LEU A CD1 1 
ATOM   1208 C  CD2 . LEU A 1 147 ? -15.512 0.710   -6.462  1.00 27.98  ? 170 LEU A CD2 1 
ATOM   1209 N  N   . VAL A 1 148 ? -16.057 -0.461  -1.592  1.00 21.27  ? 171 VAL A N   1 
ATOM   1210 C  CA  . VAL A 1 148 ? -14.969 -0.968  -0.733  1.00 20.05  ? 171 VAL A CA  1 
ATOM   1211 C  C   . VAL A 1 148 ? -15.431 -2.270  -0.055  1.00 21.05  ? 171 VAL A C   1 
ATOM   1212 O  O   . VAL A 1 148 ? -14.658 -3.264  0.086   1.00 17.77  ? 171 VAL A O   1 
ATOM   1213 C  CB  . VAL A 1 148 ? -14.484 0.061   0.271   1.00 20.71  ? 171 VAL A CB  1 
ATOM   1214 C  CG1 . VAL A 1 148 ? -13.451 -0.531  1.227   1.00 21.25  ? 171 VAL A CG1 1 
ATOM   1215 C  CG2 . VAL A 1 148 ? -13.974 1.318   -0.476  1.00 22.62  ? 171 VAL A CG2 1 
ATOM   1216 N  N   . VAL A 1 149 ? -16.684 -2.279  0.420   1.00 20.17  ? 172 VAL A N   1 
ATOM   1217 C  CA  . VAL A 1 149 ? -17.205 -3.467  1.079   1.00 22.50  ? 172 VAL A CA  1 
ATOM   1218 C  C   . VAL A 1 149 ? -17.244 -4.743  0.214   1.00 19.88  ? 172 VAL A C   1 
ATOM   1219 O  O   . VAL A 1 149 ? -17.029 -5.883  0.661   1.00 19.57  ? 172 VAL A O   1 
ATOM   1220 C  CB  . VAL A 1 149 ? -18.626 -3.145  1.619   1.00 26.67  ? 172 VAL A CB  1 
ATOM   1221 C  CG1 . VAL A 1 149 ? -19.260 -4.387  2.217   1.00 30.25  ? 172 VAL A CG1 1 
ATOM   1222 C  CG2 . VAL A 1 149 ? -18.488 -2.010  2.628   1.00 28.41  ? 172 VAL A CG2 1 
ATOM   1223 N  N   . THR A 1 150 ? -17.415 -4.547  -1.066  1.00 20.18  ? 173 THR A N   1 
ATOM   1224 C  CA  . THR A 1 150 ? -17.371 -5.627  -2.058  1.00 23.28  ? 173 THR A CA  1 
ATOM   1225 C  C   . THR A 1 150 ? -16.023 -6.329  -2.176  1.00 22.81  ? 173 THR A C   1 
ATOM   1226 O  O   . THR A 1 150 ? -15.953 -7.422  -2.722  1.00 20.44  ? 173 THR A O   1 
ATOM   1227 C  CB  . THR A 1 150 ? -17.742 -4.952  -3.327  1.00 26.84  ? 173 THR A CB  1 
ATOM   1228 O  OG1 . THR A 1 150 ? -19.048 -5.278  -3.742  1.00 45.09  ? 173 THR A OG1 1 
ATOM   1229 C  CG2 . THR A 1 150 ? -16.775 -4.654  -4.262  1.00 18.69  ? 173 THR A CG2 1 
ATOM   1230 N  N   . LEU A 1 151 ? -14.979 -5.656  -1.712  1.00 17.31  ? 174 LEU A N   1 
ATOM   1231 C  CA  . LEU A 1 151 ? -13.598 -6.206  -1.694  1.00 17.18  ? 174 LEU A CA  1 
ATOM   1232 C  C   . LEU A 1 151 ? -13.320 -7.104  -0.545  1.00 19.78  ? 174 LEU A C   1 
ATOM   1233 O  O   . LEU A 1 151 ? -12.274 -7.787  -0.529  1.00 18.93  ? 174 LEU A O   1 
ATOM   1234 C  CB  . LEU A 1 151 ? -12.626 -5.054  -1.699  1.00 16.95  ? 174 LEU A CB  1 
ATOM   1235 C  CG  . LEU A 1 151 ? -12.820 -4.025  -2.836  1.00 16.87  ? 174 LEU A CG  1 
ATOM   1236 C  CD1 . LEU A 1 151 ? -11.734 -2.938  -2.677  1.00 21.33  ? 174 LEU A CD1 1 
ATOM   1237 C  CD2 . LEU A 1 151 ? -12.625 -4.603  -4.183  1.00 20.60  ? 174 LEU A CD2 1 
ATOM   1238 N  N   . PHE A 1 152 ? -14.223 -7.144  0.459   1.00 17.75  ? 175 PHE A N   1 
ATOM   1239 C  CA  . PHE A 1 152 ? -13.920 -7.857  1.673   1.00 18.80  ? 175 PHE A CA  1 
ATOM   1240 C  C   . PHE A 1 152 ? -14.035 -9.382  1.448   1.00 21.07  ? 175 PHE A C   1 
ATOM   1241 O  O   . PHE A 1 152 ? -14.928 -9.847  0.709   1.00 23.12  ? 175 PHE A O   1 
ATOM   1242 C  CB  . PHE A 1 152 ? -14.915 -7.579  2.846   1.00 22.39  ? 175 PHE A CB  1 
ATOM   1243 C  CG  . PHE A 1 152 ? -14.937 -6.189  3.381   1.00 24.26  ? 175 PHE A CG  1 
ATOM   1244 C  CD1 . PHE A 1 152 ? -14.017 -5.231  3.026   1.00 22.03  ? 175 PHE A CD1 1 
ATOM   1245 C  CD2 . PHE A 1 152 ? -15.950 -5.832  4.321   1.00 27.68  ? 175 PHE A CD2 1 
ATOM   1246 C  CE1 . PHE A 1 152 ? -14.041 -3.930  3.575   1.00 23.83  ? 175 PHE A CE1 1 
ATOM   1247 C  CE2 . PHE A 1 152 ? -15.984 -4.537  4.872   1.00 27.75  ? 175 PHE A CE2 1 
ATOM   1248 C  CZ  . PHE A 1 152 ? -15.047 -3.561  4.458   1.00 29.78  ? 175 PHE A CZ  1 
ATOM   1249 N  N   . ARG A 1 153 ? -13.110 -10.098 2.006   1.00 22.22  ? 176 ARG A N   1 
ATOM   1250 C  CA  . ARG A 1 153 ? -13.157 -11.564 2.058   1.00 25.69  ? 176 ARG A CA  1 
ATOM   1251 C  C   . ARG A 1 153 ? -12.761 -12.027 3.453   1.00 27.70  ? 176 ARG A C   1 
ATOM   1252 O  O   A ARG A 1 153 ? -12.329 -11.196 4.285   0.50 21.74  ? 176 ARG A O   1 
ATOM   1253 O  O   B ARG A 1 153 ? -12.488 -13.228 3.656   0.50 27.83  ? 176 ARG A O   1 
ATOM   1254 C  CB  . ARG A 1 153 ? -12.266 -12.203 0.980   1.00 26.37  ? 176 ARG A CB  1 
ATOM   1255 C  CG  . ARG A 1 153 ? -12.684 -11.932 -0.469  1.00 25.78  ? 176 ARG A CG  1 
ATOM   1256 C  CD  . ARG A 1 153 ? -14.048 -12.501 -0.840  1.00 23.88  ? 176 ARG A CD  1 
ATOM   1257 N  NE  . ARG A 1 153 ? -14.372 -12.361 -2.259  1.00 23.15  ? 176 ARG A NE  1 
ATOM   1258 C  CZ  . ARG A 1 153 ? -14.773 -11.233 -2.832  1.00 25.92  ? 176 ARG A CZ  1 
ATOM   1259 N  NH1 . ARG A 1 153 ? -14.751 -10.099 -2.138  1.00 24.75  ? 176 ARG A NH1 1 
ATOM   1260 N  NH2 . ARG A 1 153 ? -15.053 -11.193 -4.114  1.00 26.13  ? 176 ARG A NH2 1 
HETATM 1261 FE FE  . FE  B 2 .   ? 5.921   -1.422  5.291   1.00 15.49  ? 201 FE  A FE  1 
HETATM 1262 C  C   . ACT C 3 .   ? 4.580   -1.143  3.069   1.00 26.18  ? 202 ACT A C   1 
HETATM 1263 O  O   . ACT C 3 .   ? 5.781   -1.371  3.282   1.00 23.57  ? 202 ACT A O   1 
HETATM 1264 O  OXT . ACT C 3 .   ? 3.708   -1.066  3.934   1.00 24.18  ? 202 ACT A OXT 1 
HETATM 1265 C  CH3 . ACT C 3 .   ? 4.070   -1.060  1.635   1.00 25.25  ? 202 ACT A CH3 1 
HETATM 1266 C  C1  . GOL D 4 .   ? -1.506  1.020   3.211   1.00 52.95  ? 203 GOL A C1  1 
HETATM 1267 O  O1  . GOL D 4 .   ? -2.332  1.879   2.448   1.00 72.91  ? 203 GOL A O1  1 
HETATM 1268 C  C2  . GOL D 4 .   ? -0.422  0.684   2.254   1.00 48.39  ? 203 GOL A C2  1 
HETATM 1269 O  O2  . GOL D 4 .   ? -0.722  -0.620  1.962   1.00 40.75  ? 203 GOL A O2  1 
HETATM 1270 C  C3  . GOL D 4 .   ? 0.966   0.798   2.907   1.00 44.30  ? 203 GOL A C3  1 
HETATM 1271 O  O3  . GOL D 4 .   ? 1.197   -0.458  3.469   1.00 43.89  ? 203 GOL A O3  1 
HETATM 1272 O  O   . HOH E 5 .   ? -17.048 9.402   -9.859  1.00 30.47  ? 301 HOH A O   1 
HETATM 1273 O  O   . HOH E 5 .   ? -2.285  10.721  -9.162  1.00 58.69  ? 302 HOH A O   1 
HETATM 1274 O  O   . HOH E 5 .   ? 8.384   15.695  -6.720  1.00 48.44  ? 303 HOH A O   1 
HETATM 1275 O  O   . HOH E 5 .   ? 4.824   12.026  1.471   1.00 44.22  ? 304 HOH A O   1 
HETATM 1276 O  O   . HOH E 5 .   ? 17.779  -3.171  -8.829  1.00 30.94  ? 305 HOH A O   1 
HETATM 1277 O  O   . HOH E 5 .   ? 1.982   5.424   -17.464 1.00 48.75  ? 306 HOH A O   1 
HETATM 1278 O  O   . HOH E 5 .   ? -4.148  -4.432  14.286  1.00 35.33  ? 307 HOH A O   1 
HETATM 1279 O  O   . HOH E 5 .   ? 8.310   -4.936  8.846   1.00 29.75  ? 308 HOH A O   1 
HETATM 1280 O  O   . HOH E 5 .   ? 15.498  -5.400  -12.334 1.00 44.30  ? 309 HOH A O   1 
HETATM 1281 O  O   . HOH E 5 .   ? -17.408 -10.247 1.155   1.00 36.85  ? 310 HOH A O   1 
HETATM 1282 O  O   . HOH E 5 .   ? 15.257  -2.012  9.709   1.00 41.80  ? 311 HOH A O   1 
HETATM 1283 O  O   . HOH E 5 .   ? 5.693   -1.512  18.990  1.00 35.04  ? 312 HOH A O   1 
HETATM 1284 O  O   . HOH E 5 .   ? 12.938  7.074   11.507  1.00 43.12  ? 313 HOH A O   1 
HETATM 1285 O  O   . HOH E 5 .   ? -1.632  1.168   -15.799 1.00 56.31  ? 314 HOH A O   1 
HETATM 1286 O  O   . HOH E 5 .   ? -18.782 2.435   -8.273  1.00 37.27  ? 315 HOH A O   1 
HETATM 1287 O  O   . HOH E 5 .   ? -11.326 15.561  1.294   1.00 49.38  ? 316 HOH A O   1 
HETATM 1288 O  O   . HOH E 5 .   ? 12.309  3.786   24.625  1.00 40.06  ? 317 HOH A O   1 
HETATM 1289 O  O   . HOH E 5 .   ? 4.504   -13.262 11.031  1.00 47.85  ? 318 HOH A O   1 
HETATM 1290 O  O   . HOH E 5 .   ? -10.382 -13.666 5.135   1.00 42.22  ? 319 HOH A O   1 
HETATM 1291 O  O   . HOH E 5 .   ? 15.930  3.169   9.459   1.00 32.81  ? 320 HOH A O   1 
HETATM 1292 O  O   . HOH E 5 .   ? 7.832   3.293   5.140   1.00 38.46  ? 321 HOH A O   1 
HETATM 1293 O  O   . HOH E 5 .   ? -10.646 -2.476  -12.267 1.00 27.67  ? 322 HOH A O   1 
HETATM 1294 O  O   . HOH E 5 .   ? -18.161 -16.580 -8.454  1.00 30.00  ? 323 HOH A O   1 
HETATM 1295 O  O   . HOH E 5 .   ? 4.869   -4.196  -15.631 1.00 30.00  ? 324 HOH A O   1 
HETATM 1296 O  O   . HOH E 5 .   ? 5.896   -7.008  -15.215 1.00 34.48  ? 325 HOH A O   1 
HETATM 1297 O  O   . HOH E 5 .   ? -14.845 6.300   6.541   1.00 38.28  ? 326 HOH A O   1 
HETATM 1298 O  O   . HOH E 5 .   ? 13.130  -3.494  -14.603 1.00 35.30  ? 327 HOH A O   1 
HETATM 1299 O  O   . HOH E 5 .   ? 10.820  0.308   -13.902 1.00 17.26  ? 328 HOH A O   1 
HETATM 1300 O  O   . HOH E 5 .   ? -3.854  0.364   -16.882 1.00 43.83  ? 329 HOH A O   1 
HETATM 1301 O  O   . HOH E 5 .   ? -10.732 9.773   -13.183 1.00 39.41  ? 330 HOH A O   1 
HETATM 1302 O  O   . HOH E 5 .   ? -18.221 -16.484 -8.310  1.00 30.00  ? 331 HOH A O   1 
HETATM 1303 O  O   . HOH E 5 .   ? 2.299   -6.507  10.443  1.00 43.17  ? 332 HOH A O   1 
HETATM 1304 O  O   . HOH E 5 .   ? -10.636 11.299  1.388   1.00 45.47  ? 333 HOH A O   1 
HETATM 1305 O  O   . HOH E 5 .   ? 15.651  -1.165  -0.790  1.00 21.46  ? 334 HOH A O   1 
HETATM 1306 O  O   . HOH E 5 .   ? -1.929  3.929   -12.891 1.00 42.80  ? 335 HOH A O   1 
HETATM 1307 O  O   . HOH E 5 .   ? 10.820  -15.152 7.325   1.00 55.97  ? 336 HOH A O   1 
HETATM 1308 O  O   . HOH E 5 .   ? -9.665  8.927   2.916   1.00 22.72  ? 337 HOH A O   1 
HETATM 1309 O  O   . HOH E 5 .   ? 16.240  -2.679  -10.743 1.00 33.65  ? 338 HOH A O   1 
HETATM 1310 O  O   . HOH E 5 .   ? -12.435 -11.228 6.985   1.00 31.24  ? 339 HOH A O   1 
HETATM 1311 O  O   . HOH E 5 .   ? -8.538  5.814   8.684   1.00 28.99  ? 340 HOH A O   1 
HETATM 1312 O  O   . HOH E 5 .   ? 4.352   11.241  -5.639  1.00 24.12  ? 341 HOH A O   1 
HETATM 1313 O  O   . HOH E 5 .   ? 9.207   -9.935  -13.684 1.00 19.32  ? 342 HOH A O   1 
HETATM 1314 O  O   . HOH E 5 .   ? -13.151 0.807   9.681   1.00 24.99  ? 343 HOH A O   1 
HETATM 1315 O  O   . HOH E 5 .   ? 18.506  -3.736  6.918   1.00 54.40  ? 344 HOH A O   1 
HETATM 1316 O  O   . HOH E 5 .   ? 7.101   7.180   11.236  1.00 27.77  ? 345 HOH A O   1 
HETATM 1317 O  O   . HOH E 5 .   ? -21.195 -3.418  -0.867  1.00 30.48  ? 346 HOH A O   1 
HETATM 1318 O  O   . HOH E 5 .   ? -16.277 -11.995 -7.416  1.00 49.46  ? 347 HOH A O   1 
HETATM 1319 O  O   . HOH E 5 .   ? -20.140 8.174   -3.895  1.00 37.30  ? 348 HOH A O   1 
HETATM 1320 O  O   . HOH E 5 .   ? -12.447 3.580   -14.829 1.00 33.21  ? 349 HOH A O   1 
HETATM 1321 O  O   . HOH E 5 .   ? -3.972  -2.210  15.453  1.00 32.52  ? 350 HOH A O   1 
HETATM 1322 O  O   . HOH E 5 .   ? 14.643  0.591   11.234  1.00 46.29  ? 351 HOH A O   1 
HETATM 1323 O  O   . HOH E 5 .   ? -10.492 1.287   -14.291 1.00 38.31  ? 352 HOH A O   1 
HETATM 1324 O  O   . HOH E 5 .   ? 13.049  -6.771  -14.450 1.00 43.82  ? 353 HOH A O   1 
HETATM 1325 O  O   . HOH E 5 .   ? 7.066   10.204  -12.512 1.00 36.37  ? 354 HOH A O   1 
HETATM 1326 O  O   . HOH E 5 .   ? 9.304   0.188   18.839  1.00 40.49  ? 355 HOH A O   1 
HETATM 1327 O  O   . HOH E 5 .   ? 8.942   5.536   -9.739  1.00 17.94  ? 356 HOH A O   1 
HETATM 1328 O  O   . HOH E 5 .   ? -7.160  9.575   2.095   1.00 27.99  ? 357 HOH A O   1 
HETATM 1329 O  O   . HOH E 5 .   ? -13.609 -2.218  9.947   1.00 34.63  ? 358 HOH A O   1 
HETATM 1330 O  O   . HOH E 5 .   ? -17.025 -16.464 -11.595 1.00 34.18  ? 359 HOH A O   1 
HETATM 1331 O  O   . HOH E 5 .   ? -18.047 -9.217  -3.083  1.00 41.26  ? 360 HOH A O   1 
HETATM 1332 O  O   . HOH E 5 .   ? -15.649 -12.837 -9.864  1.00 49.22  ? 361 HOH A O   1 
HETATM 1333 O  O   . HOH E 5 .   ? 19.240  -5.024  4.475   1.00 35.02  ? 362 HOH A O   1 
HETATM 1334 O  O   . HOH E 5 .   ? -16.747 10.747  2.338   1.00 33.64  ? 363 HOH A O   1 
HETATM 1335 O  O   . HOH E 5 .   ? -11.579 -8.481  -3.431  1.00 18.08  ? 364 HOH A O   1 
HETATM 1336 O  O   . HOH E 5 .   ? 7.779   8.420   -11.377 1.00 25.77  ? 365 HOH A O   1 
HETATM 1337 O  O   . HOH E 5 .   ? -7.207  2.175   14.836  1.00 39.63  ? 366 HOH A O   1 
HETATM 1338 O  O   . HOH E 5 .   ? 7.326   -9.496  14.371  1.00 47.83  ? 367 HOH A O   1 
HETATM 1339 O  O   . HOH E 5 .   ? -3.172  -2.608  -15.750 1.00 39.69  ? 368 HOH A O   1 
HETATM 1340 O  O   . HOH E 5 .   ? 6.682   14.627  -4.717  1.00 31.66  ? 369 HOH A O   1 
HETATM 1341 O  O   . HOH E 5 .   ? -10.627 -0.711  -5.853  1.00 15.75  ? 370 HOH A O   1 
HETATM 1342 O  O   . HOH E 5 .   ? 13.931  -3.165  12.510  1.00 40.61  ? 371 HOH A O   1 
HETATM 1343 O  O   . HOH E 5 .   ? -4.680  4.745   13.596  1.00 32.42  ? 372 HOH A O   1 
HETATM 1344 O  O   . HOH E 5 .   ? -6.595  2.164   -17.095 1.00 30.41  ? 373 HOH A O   1 
HETATM 1345 O  O   . HOH E 5 .   ? 7.337   7.918   -8.836  1.00 23.00  ? 374 HOH A O   1 
HETATM 1346 O  O   . HOH E 5 .   ? 7.457   -7.125  7.133   1.00 25.57  ? 375 HOH A O   1 
HETATM 1347 O  O   . HOH E 5 .   ? 10.570  8.541   11.677  1.00 39.89  ? 376 HOH A O   1 
HETATM 1348 O  O   . HOH E 5 .   ? -8.448  9.958   -6.210  1.00 25.45  ? 377 HOH A O   1 
HETATM 1349 O  O   . HOH E 5 .   ? -1.791  6.213   10.819  1.00 30.95  ? 378 HOH A O   1 
HETATM 1350 O  O   . HOH E 5 .   ? 10.552  8.256   8.727   1.00 33.55  ? 379 HOH A O   1 
HETATM 1351 O  O   . HOH E 5 .   ? -20.546 1.686   -4.714  1.00 37.34  ? 380 HOH A O   1 
HETATM 1352 O  O   . HOH E 5 .   ? -1.431  10.830  -2.112  1.00 33.67  ? 381 HOH A O   1 
HETATM 1353 O  O   . HOH E 5 .   ? 1.628   -10.269 3.586   1.00 30.82  ? 382 HOH A O   1 
HETATM 1354 O  O   . HOH E 5 .   ? 2.727   12.779  4.025   1.00 41.65  ? 383 HOH A O   1 
HETATM 1355 O  O   . HOH E 5 .   ? -4.952  9.616   -5.110  1.00 35.11  ? 384 HOH A O   1 
HETATM 1356 O  O   . HOH E 5 .   ? 4.477   9.014   5.815   1.00 31.43  ? 385 HOH A O   1 
HETATM 1357 O  O   . HOH E 5 .   ? 13.020  6.917   -16.075 1.00 37.51  ? 386 HOH A O   1 
HETATM 1358 O  O   . HOH E 5 .   ? 13.726  7.042   8.022   1.00 37.44  ? 387 HOH A O   1 
HETATM 1359 O  O   . HOH E 5 .   ? -2.103  -8.567  13.222  1.00 50.73  ? 388 HOH A O   1 
HETATM 1360 O  O   . HOH E 5 .   ? -10.325 2.881   12.609  1.00 30.00  ? 389 HOH A O   1 
HETATM 1361 O  O   . HOH E 5 .   ? -5.736  15.136  -11.315 1.00 60.40  ? 390 HOH A O   1 
HETATM 1362 O  O   . HOH E 5 .   ? 14.174  -3.462  7.297   1.00 48.76  ? 391 HOH A O   1 
HETATM 1363 O  O   . HOH E 5 .   ? 2.810   13.479  -6.137  1.00 44.76  ? 392 HOH A O   1 
HETATM 1364 O  O   . HOH E 5 .   ? -12.593 -1.732  -7.432  1.00 26.05  ? 393 HOH A O   1 
HETATM 1365 O  O   . HOH E 5 .   ? 0.892   10.065  -6.089  1.00 41.57  ? 394 HOH A O   1 
HETATM 1366 O  O   . HOH E 5 .   ? -9.924  9.477   5.690   1.00 49.27  ? 395 HOH A O   1 
HETATM 1367 O  O   . HOH E 5 .   ? -14.211 -9.633  -7.717  1.00 25.80  ? 396 HOH A O   1 
HETATM 1368 O  O   . HOH E 5 .   ? -2.041  6.151   15.402  1.00 30.00  ? 397 HOH A O   1 
HETATM 1369 O  O   . HOH E 5 .   ? -21.997 3.575   -1.248  1.00 38.79  ? 398 HOH A O   1 
HETATM 1370 O  O   . HOH E 5 .   ? -17.512 -1.172  6.168   1.00 38.75  ? 399 HOH A O   1 
HETATM 1371 O  O   . HOH E 5 .   ? 5.563   9.555   -14.293 1.00 43.06  ? 400 HOH A O   1 
HETATM 1372 O  O   . HOH E 5 .   ? 19.220  -2.741  -7.099  1.00 26.25  ? 401 HOH A O   1 
HETATM 1373 O  O   . HOH E 5 .   ? -19.730 5.298   -9.910  1.00 52.65  ? 402 HOH A O   1 
HETATM 1374 O  O   . HOH E 5 .   ? 0.616   -12.473 3.845   1.00 37.16  ? 403 HOH A O   1 
HETATM 1375 O  O   . HOH E 5 .   ? -12.296 -8.682  -18.423 1.00 44.22  ? 404 HOH A O   1 
HETATM 1376 O  O   . HOH E 5 .   ? 5.422   11.061  4.008   1.00 40.22  ? 405 HOH A O   1 
HETATM 1377 O  O   . HOH E 5 .   ? 7.404   3.738   22.118  1.00 50.54  ? 406 HOH A O   1 
HETATM 1378 O  O   . HOH E 5 .   ? -6.449  -8.896  12.527  1.00 51.83  ? 407 HOH A O   1 
HETATM 1379 O  O   . HOH E 5 .   ? 8.549   1.350   -15.641 1.00 14.39  ? 408 HOH A O   1 
HETATM 1380 O  O   . HOH E 5 .   ? 13.307  12.119  -13.055 1.00 41.91  ? 409 HOH A O   1 
HETATM 1381 O  O   . HOH E 5 .   ? -20.462 -7.984  -2.615  1.00 48.70  ? 410 HOH A O   1 
HETATM 1382 O  O   . HOH E 5 .   ? -13.886 -8.333  -5.184  1.00 25.02  ? 411 HOH A O   1 
HETATM 1383 O  O   . HOH E 5 .   ? -2.898  13.936  0.737   1.00 51.84  ? 412 HOH A O   1 
HETATM 1384 O  O   . HOH E 5 .   ? -20.845 -1.041  -4.941  1.00 45.91  ? 413 HOH A O   1 
HETATM 1385 O  O   . HOH E 5 .   ? -0.241  11.221  -4.334  1.00 45.78  ? 414 HOH A O   1 
HETATM 1386 O  O   . HOH E 5 .   ? 13.160  0.709   -15.432 1.00 40.68  ? 415 HOH A O   1 
HETATM 1387 O  O   . HOH E 5 .   ? 8.101   1.381   21.864  1.00 37.58  ? 416 HOH A O   1 
HETATM 1388 O  O   . HOH E 5 .   ? -18.024 7.521   -13.966 1.00 38.86  ? 417 HOH A O   1 
HETATM 1389 O  O   . HOH E 5 .   ? -18.012 5.985   4.931   1.00 51.64  ? 418 HOH A O   1 
HETATM 1390 O  O   . HOH E 5 .   ? -5.304  -11.520 12.673  1.00 46.32  ? 419 HOH A O   1 
HETATM 1391 O  O   . HOH E 5 .   ? -15.366 -6.144  -5.942  1.00 31.22  ? 420 HOH A O   1 
HETATM 1392 O  O   . HOH E 5 .   ? 6.794   -6.783  -16.887 1.00 49.48  ? 421 HOH A O   1 
HETATM 1393 O  O   . HOH E 5 .   ? 1.705   9.891   -13.738 1.00 53.15  ? 422 HOH A O   1 
HETATM 1394 O  O   . HOH E 5 .   ? -20.935 -6.289  -0.840  1.00 47.24  ? 423 HOH A O   1 
HETATM 1395 O  O   . HOH E 5 .   ? -3.044  12.103  2.621   1.00 49.35  ? 424 HOH A O   1 
HETATM 1396 O  O   . HOH E 5 .   ? 10.323  12.749  6.626   0.50 30.00  ? 425 HOH A O   1 
HETATM 1397 O  O   . HOH E 5 .   ? 4.815   8.601   11.279  1.00 46.54  ? 426 HOH A O   1 
HETATM 1398 O  O   . HOH E 5 .   ? -16.263 7.972   -15.524 1.00 51.03  ? 427 HOH A O   1 
HETATM 1399 O  O   . HOH E 5 .   ? -18.134 -11.424 -1.305  1.00 30.00  ? 428 HOH A O   1 
HETATM 1400 O  O   . HOH E 5 .   ? 6.468   0.284   -17.154 1.00 51.78  ? 429 HOH A O   1 
HETATM 1401 O  O   . HOH E 5 .   ? -15.222 2.163   8.171   1.00 33.92  ? 430 HOH A O   1 
HETATM 1402 O  O   . HOH E 5 .   ? -0.870  7.670   13.552  1.00 48.81  ? 431 HOH A O   1 
HETATM 1403 O  O   . HOH E 5 .   ? -22.343 5.190   -6.263  1.00 60.15  ? 432 HOH A O   1 
HETATM 1404 O  O   . HOH E 5 .   ? 2.381   8.728   9.635   1.00 51.51  ? 433 HOH A O   1 
HETATM 1405 O  O   . HOH E 5 .   ? -10.724 7.806   -16.574 1.00 48.13  ? 434 HOH A O   1 
HETATM 1406 O  O   . HOH E 5 .   ? -10.640 8.212   8.128   1.00 51.90  ? 435 HOH A O   1 
HETATM 1407 O  O   . HOH E 5 .   ? -13.409 -4.588  -10.520 1.00 40.39  ? 436 HOH A O   1 
HETATM 1408 O  O   . HOH E 5 .   ? -1.573  7.519   8.017   1.00 61.58  ? 437 HOH A O   1 
HETATM 1409 O  O   . HOH E 5 .   ? -15.705 4.533   8.626   1.00 47.87  ? 438 HOH A O   1 
HETATM 1410 O  O   . HOH E 5 .   ? -6.960  12.124  2.365   1.00 44.53  ? 439 HOH A O   1 
HETATM 1411 O  O   . HOH E 5 .   ? 20.952  -4.878  -5.936  1.00 47.44  ? 440 HOH A O   1 
HETATM 1412 O  O   . HOH E 5 .   ? 9.475   2.129   -18.061 1.00 49.08  ? 441 HOH A O   1 
HETATM 1413 O  O   . HOH E 5 .   ? -14.115 -4.026  -7.908  1.00 44.01  ? 442 HOH A O   1 
HETATM 1414 O  O   . HOH E 5 .   ? -19.208 -3.417  6.646   1.00 47.90  ? 443 HOH A O   1 
# 
